data_5M8I
#
_entry.id   5M8I
#
loop_
_entity.id
_entity.type
_entity.pdbx_description
1 polymer 'CUGBP Elav-like family member 2'
2 polymer "RNA (5'-R(*UP*UP*UP*AP*A)-3')"
#
loop_
_entity_poly.entity_id
_entity_poly.type
_entity_poly.pdbx_seq_one_letter_code
_entity_poly.pdbx_strand_id
1 'polypeptide(L)'
;MGSSHHHHHHSSGLVPRGSHMQKEGPEGANLFIYHLPQEFGDQDILQMFMPFGNVISAKVFIDKQTNLSKCFGFVSYDNP
VSAQAAIQAMNGFQIGMKRLKVQLKRSKNDSKPW
;
A
2 'polyribonucleotide' UUUAA B
#
# COMPACT_ATOMS: atom_id res chain seq x y z
N MET A 1 -39.94 -6.98 -12.65
CA MET A 1 -40.07 -6.31 -13.97
C MET A 1 -39.61 -7.23 -15.10
N GLY A 2 -39.99 -6.90 -16.33
CA GLY A 2 -39.60 -7.69 -17.50
C GLY A 2 -38.14 -7.48 -17.86
N SER A 3 -37.65 -8.25 -18.83
CA SER A 3 -36.28 -8.16 -19.31
C SER A 3 -36.06 -6.87 -20.09
N SER A 4 -34.78 -6.50 -20.27
CA SER A 4 -34.41 -5.29 -20.99
C SER A 4 -33.01 -5.43 -21.59
N HIS A 5 -32.68 -4.60 -22.57
CA HIS A 5 -31.39 -4.63 -23.24
C HIS A 5 -30.26 -4.24 -22.27
N HIS A 6 -29.07 -4.82 -22.45
CA HIS A 6 -27.94 -4.58 -21.58
C HIS A 6 -27.17 -3.30 -21.96
N HIS A 7 -27.60 -2.63 -23.03
CA HIS A 7 -27.00 -1.38 -23.50
C HIS A 7 -25.51 -1.50 -23.83
N HIS A 8 -25.02 -2.74 -24.01
CA HIS A 8 -23.63 -3.06 -24.30
C HIS A 8 -22.66 -2.54 -23.24
N HIS A 9 -21.38 -2.91 -23.39
CA HIS A 9 -20.32 -2.50 -22.47
C HIS A 9 -20.09 -0.99 -22.55
N HIS A 10 -19.60 -0.40 -21.47
CA HIS A 10 -19.40 1.04 -21.36
C HIS A 10 -18.26 1.53 -22.24
N SER A 11 -17.29 0.68 -22.56
CA SER A 11 -16.12 1.07 -23.34
C SER A 11 -15.51 -0.10 -24.12
N SER A 12 -16.15 -1.27 -24.10
CA SER A 12 -15.64 -2.46 -24.76
C SER A 12 -14.23 -2.84 -24.30
N GLY A 13 -13.83 -2.38 -23.11
CA GLY A 13 -12.50 -2.63 -22.57
C GLY A 13 -12.42 -2.17 -21.12
N LEU A 14 -11.24 -1.71 -20.69
CA LEU A 14 -11.05 -1.20 -19.34
C LEU A 14 -11.90 0.05 -19.13
N VAL A 15 -12.47 0.20 -17.93
CA VAL A 15 -13.33 1.33 -17.61
C VAL A 15 -12.48 2.61 -17.60
N PRO A 16 -12.92 3.66 -18.29
CA PRO A 16 -12.23 4.95 -18.31
C PRO A 16 -12.40 5.65 -16.97
N ARG A 17 -11.34 6.32 -16.50
CA ARG A 17 -11.39 7.03 -15.23
C ARG A 17 -10.24 8.04 -15.16
N GLY A 18 -10.39 9.08 -14.32
CA GLY A 18 -9.38 10.12 -14.17
C GLY A 18 -8.17 9.65 -13.36
N SER A 19 -8.29 8.49 -12.71
CA SER A 19 -7.20 7.91 -11.92
C SER A 19 -7.42 6.42 -11.71
N HIS A 20 -6.35 5.70 -11.38
CA HIS A 20 -6.43 4.27 -11.09
C HIS A 20 -6.99 4.03 -9.69
N MET A 21 -6.85 5.04 -8.82
CA MET A 21 -7.31 5.09 -7.43
C MET A 21 -6.91 3.87 -6.59
N GLN A 22 -7.20 3.94 -5.29
CA GLN A 22 -6.87 2.88 -4.34
C GLN A 22 -8.05 1.92 -4.15
N LYS A 23 -7.72 0.67 -3.81
CA LYS A 23 -8.69 -0.39 -3.58
C LYS A 23 -8.05 -1.45 -2.68
N GLU A 24 -8.88 -2.26 -2.02
CA GLU A 24 -8.42 -3.24 -1.05
C GLU A 24 -8.92 -4.64 -1.35
N GLY A 25 -8.21 -5.64 -0.83
CA GLY A 25 -8.59 -7.03 -0.91
C GLY A 25 -9.42 -7.45 0.31
N PRO A 26 -9.41 -8.75 0.65
CA PRO A 26 -10.12 -9.29 1.80
C PRO A 26 -9.45 -8.86 3.10
N GLU A 27 -10.06 -9.19 4.23
CA GLU A 27 -9.51 -8.86 5.53
C GLU A 27 -8.16 -9.54 5.73
N GLY A 28 -7.20 -8.83 6.33
CA GLY A 28 -5.88 -9.36 6.62
C GLY A 28 -4.93 -9.27 5.43
N ALA A 29 -5.43 -8.81 4.27
CA ALA A 29 -4.62 -8.69 3.06
C ALA A 29 -4.01 -7.30 2.88
N ASN A 30 -4.30 -6.37 3.80
CA ASN A 30 -3.80 -5.00 3.71
C ASN A 30 -2.48 -4.85 4.47
N LEU A 31 -1.64 -3.92 4.04
CA LEU A 31 -0.32 -3.75 4.63
C LEU A 31 0.10 -2.28 4.73
N PHE A 32 0.96 -2.03 5.72
CA PHE A 32 1.60 -0.76 6.00
C PHE A 32 3.11 -0.80 5.98
N ILE A 33 3.73 0.29 5.54
CA ILE A 33 5.18 0.40 5.45
C ILE A 33 5.59 1.78 5.94
N TYR A 34 6.61 1.86 6.79
CA TYR A 34 7.06 3.12 7.36
C TYR A 34 8.59 3.13 7.33
N HIS A 35 9.18 4.25 7.77
CA HIS A 35 10.61 4.49 7.80
C HIS A 35 11.23 4.55 6.39
N LEU A 36 10.40 4.70 5.35
CA LEU A 36 10.87 4.76 3.98
C LEU A 36 11.64 6.08 3.73
N PRO A 37 12.72 6.04 2.95
CA PRO A 37 13.40 7.25 2.51
C PRO A 37 12.57 7.97 1.46
N GLN A 38 12.90 9.24 1.19
CA GLN A 38 12.09 10.08 0.31
C GLN A 38 12.21 9.67 -1.15
N GLU A 39 13.11 8.75 -1.49
CA GLU A 39 13.27 8.27 -2.86
C GLU A 39 12.17 7.28 -3.25
N PHE A 40 11.37 6.81 -2.28
CA PHE A 40 10.22 5.96 -2.57
C PHE A 40 9.03 6.68 -3.20
N GLY A 41 8.16 5.94 -3.86
CA GLY A 41 6.96 6.46 -4.50
C GLY A 41 5.95 5.35 -4.69
N ASP A 42 4.75 5.69 -5.19
CA ASP A 42 3.68 4.72 -5.36
C ASP A 42 4.05 3.51 -6.23
N GLN A 43 4.75 3.77 -7.34
CA GLN A 43 5.22 2.71 -8.23
C GLN A 43 6.46 2.02 -7.67
N ASP A 44 7.25 2.74 -6.86
CA ASP A 44 8.46 2.17 -6.30
C ASP A 44 8.22 1.20 -5.15
N ILE A 45 7.23 1.52 -4.30
CA ILE A 45 6.85 0.63 -3.21
C ILE A 45 6.03 -0.51 -3.79
N LEU A 46 5.38 -0.29 -4.95
CA LEU A 46 4.64 -1.32 -5.63
C LEU A 46 5.61 -2.40 -6.14
N GLN A 47 6.64 -1.99 -6.86
CA GLN A 47 7.63 -2.91 -7.40
C GLN A 47 8.41 -3.60 -6.30
N MET A 48 8.47 -2.99 -5.11
CA MET A 48 9.12 -3.60 -3.96
C MET A 48 8.26 -4.70 -3.36
N PHE A 49 6.93 -4.58 -3.50
CA PHE A 49 5.98 -5.52 -2.92
C PHE A 49 5.29 -6.53 -3.85
N MET A 50 5.42 -6.35 -5.17
CA MET A 50 4.81 -7.27 -6.13
C MET A 50 5.41 -8.69 -6.13
N PRO A 51 6.69 -8.92 -5.81
CA PRO A 51 7.22 -10.29 -5.81
C PRO A 51 6.70 -11.11 -4.64
N PHE A 52 6.02 -10.47 -3.68
CA PHE A 52 5.46 -11.15 -2.52
C PHE A 52 4.06 -11.70 -2.82
N GLY A 53 3.45 -11.26 -3.91
CA GLY A 53 2.12 -11.69 -4.30
C GLY A 53 1.42 -10.64 -5.16
N ASN A 54 0.15 -10.88 -5.48
CA ASN A 54 -0.59 -9.97 -6.35
C ASN A 54 -1.06 -8.75 -5.56
N VAL A 55 -0.35 -7.62 -5.74
CA VAL A 55 -0.71 -6.37 -5.12
C VAL A 55 -1.81 -5.71 -5.94
N ILE A 56 -2.95 -5.41 -5.30
CA ILE A 56 -4.07 -4.76 -5.98
C ILE A 56 -3.83 -3.26 -6.04
N SER A 57 -3.18 -2.70 -5.03
CA SER A 57 -2.94 -1.26 -4.93
C SER A 57 -1.72 -0.96 -4.09
N ALA A 58 -1.08 0.17 -4.37
CA ALA A 58 0.13 0.61 -3.69
C ALA A 58 0.22 2.13 -3.75
N LYS A 59 0.70 2.75 -2.68
CA LYS A 59 0.79 4.20 -2.57
C LYS A 59 1.82 4.62 -1.52
N VAL A 60 2.54 5.71 -1.77
CA VAL A 60 3.39 6.33 -0.76
C VAL A 60 2.73 7.65 -0.39
N PHE A 61 2.70 7.96 0.91
CA PHE A 61 2.05 9.16 1.41
C PHE A 61 2.75 10.48 1.11
N ILE A 62 1.98 11.53 0.86
CA ILE A 62 2.53 12.84 0.50
C ILE A 62 1.86 13.94 1.31
N ASP A 63 2.61 14.97 1.69
CA ASP A 63 2.07 16.11 2.41
C ASP A 63 1.57 17.17 1.42
N LYS A 64 0.34 17.66 1.61
CA LYS A 64 -0.21 18.66 0.70
C LYS A 64 0.37 20.05 0.96
N GLN A 65 1.10 20.22 2.07
CA GLN A 65 1.68 21.50 2.45
C GLN A 65 3.09 21.69 1.91
N THR A 66 3.78 20.60 1.59
CA THR A 66 5.17 20.63 1.14
C THR A 66 5.47 19.74 -0.04
N ASN A 67 4.53 18.84 -0.35
CA ASN A 67 4.63 17.85 -1.41
C ASN A 67 5.80 16.88 -1.23
N LEU A 68 6.44 16.91 -0.07
CA LEU A 68 7.50 15.97 0.27
C LEU A 68 6.88 14.65 0.73
N SER A 69 7.65 13.57 0.64
CA SER A 69 7.19 12.25 1.06
C SER A 69 7.06 12.20 2.58
N LYS A 70 5.99 11.56 3.06
CA LYS A 70 5.77 11.38 4.50
C LYS A 70 6.59 10.21 5.05
N CYS A 71 7.47 9.64 4.24
CA CYS A 71 8.35 8.55 4.64
C CYS A 71 7.62 7.26 5.03
N PHE A 72 6.39 7.05 4.54
CA PHE A 72 5.68 5.80 4.81
C PHE A 72 4.63 5.67 3.69
N GLY A 73 4.02 4.49 3.60
CA GLY A 73 3.10 4.16 2.52
C GLY A 73 2.10 3.07 2.88
N PHE A 74 1.28 2.70 1.89
CA PHE A 74 0.21 1.73 1.99
C PHE A 74 0.12 0.77 0.80
N VAL A 75 -0.15 -0.51 1.05
CA VAL A 75 -0.18 -1.55 0.04
C VAL A 75 -1.28 -2.56 0.37
N SER A 76 -1.81 -3.28 -0.63
CA SER A 76 -2.88 -4.25 -0.41
C SER A 76 -2.78 -5.44 -1.36
N TYR A 77 -3.13 -6.63 -0.87
CA TYR A 77 -3.10 -7.88 -1.62
C TYR A 77 -4.47 -8.49 -1.92
N ASP A 78 -4.53 -9.47 -2.83
CA ASP A 78 -5.77 -10.19 -3.10
C ASP A 78 -6.02 -11.32 -2.10
N ASN A 79 -5.02 -11.62 -1.26
CA ASN A 79 -5.13 -12.63 -0.22
C ASN A 79 -4.16 -12.35 0.93
N PRO A 80 -4.52 -12.76 2.16
CA PRO A 80 -3.73 -12.48 3.34
C PRO A 80 -2.42 -13.28 3.35
N VAL A 81 -2.35 -14.37 2.62
CA VAL A 81 -1.15 -15.20 2.62
C VAL A 81 0.06 -14.45 2.05
N SER A 82 -0.17 -13.65 1.01
CA SER A 82 0.89 -12.85 0.42
C SER A 82 1.19 -11.63 1.28
N ALA A 83 0.21 -11.19 2.08
CA ALA A 83 0.38 -10.02 2.92
C ALA A 83 1.29 -10.34 4.10
N GLN A 84 0.99 -11.43 4.82
CA GLN A 84 1.77 -11.79 6.00
C GLN A 84 3.18 -12.22 5.60
N ALA A 85 3.36 -12.76 4.39
CA ALA A 85 4.68 -13.08 3.88
C ALA A 85 5.46 -11.80 3.64
N ALA A 86 4.79 -10.78 3.08
CA ALA A 86 5.44 -9.51 2.79
C ALA A 86 5.84 -8.77 4.07
N ILE A 87 5.17 -9.02 5.20
CA ILE A 87 5.57 -8.42 6.46
C ILE A 87 6.92 -8.98 6.87
N GLN A 88 7.04 -10.31 6.89
CA GLN A 88 8.28 -10.97 7.29
C GLN A 88 9.38 -10.76 6.24
N ALA A 89 9.02 -10.25 5.06
CA ALA A 89 9.97 -10.03 3.98
C ALA A 89 10.56 -8.61 3.99
N MET A 90 9.82 -7.62 4.50
CA MET A 90 10.27 -6.23 4.48
C MET A 90 10.39 -5.60 5.87
N ASN A 91 9.79 -6.22 6.90
CA ASN A 91 9.93 -5.72 8.26
C ASN A 91 11.38 -5.93 8.69
N GLY A 92 11.96 -4.92 9.35
CA GLY A 92 13.34 -4.96 9.81
C GLY A 92 14.36 -4.76 8.68
N PHE A 93 13.90 -4.51 7.44
CA PHE A 93 14.80 -4.31 6.32
C PHE A 93 15.62 -3.05 6.51
N GLN A 94 16.96 -3.17 6.60
CA GLN A 94 17.78 -2.00 6.85
C GLN A 94 17.92 -1.14 5.60
N ILE A 95 17.66 0.16 5.75
CA ILE A 95 17.84 1.14 4.71
C ILE A 95 18.27 2.45 5.38
N GLY A 96 19.41 3.00 4.97
CA GLY A 96 19.95 4.18 5.63
C GLY A 96 20.25 3.88 7.10
N MET A 97 20.03 4.88 7.96
CA MET A 97 20.28 4.77 9.40
C MET A 97 19.10 4.15 10.15
N LYS A 98 18.15 3.53 9.44
CA LYS A 98 16.96 2.93 10.05
C LYS A 98 16.61 1.58 9.42
N ARG A 99 15.63 0.89 9.99
CA ARG A 99 15.07 -0.33 9.45
C ARG A 99 13.58 -0.12 9.17
N LEU A 100 13.10 -0.60 8.03
CA LEU A 100 11.70 -0.45 7.66
C LEU A 100 10.77 -1.18 8.62
N LYS A 101 9.69 -0.51 9.02
CA LYS A 101 8.64 -1.12 9.82
C LYS A 101 7.49 -1.51 8.90
N VAL A 102 6.90 -2.69 9.13
CA VAL A 102 5.77 -3.15 8.35
C VAL A 102 4.68 -3.70 9.28
N GLN A 103 3.41 -3.42 8.98
CA GLN A 103 2.32 -3.86 9.85
C GLN A 103 1.01 -3.98 9.07
N LEU A 104 0.02 -4.69 9.63
CA LEU A 104 -1.31 -4.78 9.06
C LEU A 104 -2.08 -3.48 9.25
N LYS A 105 -3.06 -3.21 8.37
CA LYS A 105 -3.94 -2.05 8.49
C LYS A 105 -4.86 -2.20 9.69
N ARG A 106 -5.36 -1.09 10.23
CA ARG A 106 -6.30 -1.12 11.36
C ARG A 106 -7.63 -1.72 10.90
N SER A 107 -8.41 -2.23 11.86
CA SER A 107 -9.72 -2.80 11.59
C SER A 107 -10.61 -2.73 12.82
N LYS A 108 -11.94 -2.71 12.61
CA LYS A 108 -12.88 -2.69 13.71
C LYS A 108 -12.94 -4.05 14.39
N ASN A 109 -12.42 -5.10 13.73
CA ASN A 109 -12.36 -6.42 14.31
C ASN A 109 -11.30 -6.47 15.40
N ASP A 110 -10.34 -5.54 15.36
CA ASP A 110 -9.27 -5.42 16.34
C ASP A 110 -9.44 -4.25 17.31
N SER A 111 -10.50 -3.44 17.10
CA SER A 111 -10.78 -2.27 17.91
C SER A 111 -11.37 -2.65 19.28
N LYS A 112 -11.63 -3.96 19.48
CA LYS A 112 -12.19 -4.48 20.71
C LYS A 112 -11.52 -5.78 21.13
N PRO A 113 -11.58 -6.13 22.42
CA PRO A 113 -10.99 -7.35 22.96
C PRO A 113 -11.86 -8.57 22.66
N TRP A 114 -13.12 -8.37 22.26
CA TRP A 114 -14.06 -9.44 22.01
C TRP A 114 -13.66 -10.31 20.81
N MET A 1 -20.55 -15.14 4.67
CA MET A 1 -20.07 -15.99 3.56
C MET A 1 -18.64 -15.64 3.18
N GLY A 2 -17.96 -16.53 2.47
CA GLY A 2 -16.59 -16.32 2.04
C GLY A 2 -16.10 -17.46 1.16
N SER A 3 -14.84 -17.38 0.73
CA SER A 3 -14.20 -18.40 -0.09
C SER A 3 -13.95 -19.67 0.71
N SER A 4 -13.63 -20.77 0.03
CA SER A 4 -13.38 -22.06 0.66
C SER A 4 -12.32 -22.83 -0.13
N HIS A 5 -11.73 -23.85 0.51
CA HIS A 5 -10.62 -24.63 -0.05
C HIS A 5 -9.45 -23.74 -0.46
N HIS A 6 -9.38 -22.53 0.09
CA HIS A 6 -8.35 -21.54 -0.21
C HIS A 6 -8.24 -20.58 0.96
N HIS A 7 -7.24 -19.69 0.93
CA HIS A 7 -7.04 -18.68 1.95
C HIS A 7 -8.25 -17.74 2.02
N HIS A 8 -8.39 -17.02 3.14
CA HIS A 8 -9.54 -16.18 3.40
C HIS A 8 -9.73 -15.16 2.28
N HIS A 9 -10.95 -15.08 1.75
CA HIS A 9 -11.30 -14.16 0.68
C HIS A 9 -12.83 -14.04 0.59
N HIS A 10 -13.31 -13.06 -0.17
CA HIS A 10 -14.74 -12.82 -0.37
C HIS A 10 -15.37 -14.01 -1.10
N SER A 11 -16.70 -14.13 -1.02
CA SER A 11 -17.45 -15.22 -1.64
C SER A 11 -17.54 -15.06 -3.16
N SER A 12 -16.88 -14.05 -3.73
CA SER A 12 -16.91 -13.77 -5.16
C SER A 12 -15.56 -13.20 -5.61
N GLY A 13 -15.38 -13.05 -6.93
CA GLY A 13 -14.14 -12.55 -7.50
C GLY A 13 -13.92 -11.08 -7.17
N LEU A 14 -12.74 -10.57 -7.49
CA LEU A 14 -12.37 -9.19 -7.20
C LEU A 14 -11.41 -8.66 -8.27
N VAL A 15 -11.52 -7.36 -8.58
CA VAL A 15 -10.68 -6.69 -9.56
C VAL A 15 -10.60 -5.19 -9.26
N PRO A 16 -9.43 -4.57 -9.37
CA PRO A 16 -9.28 -3.14 -9.16
C PRO A 16 -9.99 -2.36 -10.26
N ARG A 17 -10.60 -1.24 -9.89
CA ARG A 17 -11.29 -0.36 -10.82
C ARG A 17 -10.30 0.48 -11.62
N GLY A 18 -10.76 1.09 -12.71
CA GLY A 18 -9.96 1.93 -13.57
C GLY A 18 -9.72 3.32 -12.97
N SER A 19 -10.28 3.59 -11.79
CA SER A 19 -10.12 4.87 -11.11
C SER A 19 -8.68 5.05 -10.62
N HIS A 20 -8.31 6.30 -10.34
CA HIS A 20 -6.97 6.62 -9.84
C HIS A 20 -6.86 6.37 -8.33
N MET A 21 -7.97 6.05 -7.67
CA MET A 21 -7.99 5.82 -6.23
C MET A 21 -7.39 4.46 -5.88
N GLN A 22 -7.12 4.24 -4.59
CA GLN A 22 -6.56 3.00 -4.09
C GLN A 22 -7.65 1.94 -3.91
N LYS A 23 -7.26 0.66 -4.00
CA LYS A 23 -8.17 -0.47 -3.85
C LYS A 23 -7.69 -1.39 -2.73
N GLU A 24 -8.60 -2.20 -2.19
CA GLU A 24 -8.31 -3.08 -1.07
C GLU A 24 -8.79 -4.50 -1.34
N GLY A 25 -8.17 -5.47 -0.68
CA GLY A 25 -8.54 -6.88 -0.76
C GLY A 25 -9.43 -7.28 0.41
N PRO A 26 -9.48 -8.58 0.73
CA PRO A 26 -10.22 -9.09 1.88
C PRO A 26 -9.55 -8.68 3.19
N GLU A 27 -10.15 -9.05 4.32
CA GLU A 27 -9.60 -8.71 5.62
C GLU A 27 -8.23 -9.37 5.82
N GLY A 28 -7.31 -8.65 6.46
CA GLY A 28 -5.98 -9.16 6.75
C GLY A 28 -5.05 -9.13 5.53
N ALA A 29 -5.55 -8.64 4.38
CA ALA A 29 -4.80 -8.61 3.14
C ALA A 29 -4.30 -7.19 2.81
N ASN A 30 -4.00 -6.38 3.82
CA ASN A 30 -3.55 -5.02 3.62
C ASN A 30 -2.42 -4.65 4.58
N LEU A 31 -1.41 -3.92 4.07
CA LEU A 31 -0.18 -3.66 4.81
C LEU A 31 0.19 -2.19 4.92
N PHE A 32 0.95 -1.90 5.97
CA PHE A 32 1.59 -0.63 6.23
C PHE A 32 3.11 -0.69 6.20
N ILE A 33 3.74 0.37 5.70
CA ILE A 33 5.18 0.45 5.59
C ILE A 33 5.62 1.81 6.07
N TYR A 34 6.68 1.89 6.88
CA TYR A 34 7.15 3.15 7.44
C TYR A 34 8.67 3.13 7.38
N HIS A 35 9.27 4.25 7.80
CA HIS A 35 10.72 4.48 7.82
C HIS A 35 11.34 4.51 6.42
N LEU A 36 10.51 4.61 5.37
CA LEU A 36 11.02 4.67 4.01
C LEU A 36 11.83 5.95 3.82
N PRO A 37 12.88 5.93 2.99
CA PRO A 37 13.62 7.12 2.63
C PRO A 37 12.75 7.99 1.71
N GLN A 38 13.12 9.26 1.56
CA GLN A 38 12.29 10.23 0.85
C GLN A 38 12.25 9.93 -0.65
N GLU A 39 13.19 9.11 -1.15
CA GLU A 39 13.27 8.79 -2.57
C GLU A 39 12.18 7.80 -3.01
N PHE A 40 11.44 7.19 -2.08
CA PHE A 40 10.33 6.31 -2.41
C PHE A 40 9.11 6.99 -3.01
N GLY A 41 8.29 6.20 -3.72
CA GLY A 41 7.07 6.68 -4.34
C GLY A 41 6.11 5.51 -4.55
N ASP A 42 4.92 5.80 -5.09
CA ASP A 42 3.88 4.79 -5.27
C ASP A 42 4.30 3.59 -6.12
N GLN A 43 5.01 3.85 -7.22
CA GLN A 43 5.50 2.78 -8.08
C GLN A 43 6.73 2.09 -7.49
N ASP A 44 7.50 2.79 -6.66
CA ASP A 44 8.69 2.20 -6.07
C ASP A 44 8.38 1.18 -4.98
N ILE A 45 7.40 1.47 -4.13
CA ILE A 45 6.97 0.53 -3.10
C ILE A 45 6.16 -0.58 -3.76
N LEU A 46 5.54 -0.30 -4.90
CA LEU A 46 4.81 -1.31 -5.66
C LEU A 46 5.79 -2.36 -6.15
N GLN A 47 6.90 -1.93 -6.77
CA GLN A 47 7.89 -2.86 -7.30
C GLN A 47 8.58 -3.65 -6.19
N MET A 48 8.63 -3.09 -4.97
CA MET A 48 9.20 -3.79 -3.83
C MET A 48 8.25 -4.86 -3.28
N PHE A 49 6.95 -4.71 -3.52
CA PHE A 49 5.94 -5.63 -3.00
C PHE A 49 5.31 -6.62 -3.98
N MET A 50 5.57 -6.47 -5.29
CA MET A 50 5.00 -7.36 -6.30
C MET A 50 5.52 -8.81 -6.24
N PRO A 51 6.77 -9.10 -5.86
CA PRO A 51 7.25 -10.48 -5.85
C PRO A 51 6.67 -11.28 -4.69
N PHE A 52 5.97 -10.62 -3.76
CA PHE A 52 5.38 -11.28 -2.60
C PHE A 52 3.98 -11.81 -2.91
N GLY A 53 3.38 -11.36 -4.01
CA GLY A 53 2.05 -11.79 -4.42
C GLY A 53 1.37 -10.73 -5.27
N ASN A 54 0.08 -10.94 -5.58
CA ASN A 54 -0.66 -10.02 -6.44
C ASN A 54 -1.06 -8.77 -5.66
N VAL A 55 -0.31 -7.68 -5.87
CA VAL A 55 -0.61 -6.40 -5.25
C VAL A 55 -1.76 -5.75 -6.01
N ILE A 56 -2.88 -5.50 -5.34
CA ILE A 56 -4.03 -4.87 -5.99
C ILE A 56 -3.79 -3.37 -6.10
N SER A 57 -3.13 -2.78 -5.09
CA SER A 57 -2.86 -1.36 -5.06
C SER A 57 -1.69 -1.06 -4.14
N ALA A 58 -1.03 0.09 -4.36
CA ALA A 58 0.09 0.53 -3.55
C ALA A 58 0.23 2.04 -3.70
N LYS A 59 0.55 2.73 -2.59
CA LYS A 59 0.66 4.18 -2.59
C LYS A 59 1.52 4.67 -1.43
N VAL A 60 2.44 5.59 -1.71
CA VAL A 60 3.26 6.23 -0.69
C VAL A 60 2.55 7.52 -0.30
N PHE A 61 2.60 7.89 0.99
CA PHE A 61 1.95 9.08 1.49
C PHE A 61 2.60 10.40 1.12
N ILE A 62 1.79 11.46 0.95
CA ILE A 62 2.29 12.77 0.55
C ILE A 62 1.71 13.86 1.45
N ASP A 63 2.50 14.90 1.72
CA ASP A 63 2.07 16.05 2.51
C ASP A 63 1.53 17.11 1.57
N LYS A 64 0.35 17.67 1.86
CA LYS A 64 -0.24 18.70 1.00
C LYS A 64 0.45 20.04 1.19
N GLN A 65 1.27 20.17 2.24
CA GLN A 65 1.97 21.41 2.57
C GLN A 65 3.32 21.54 1.86
N THR A 66 3.91 20.42 1.48
CA THR A 66 5.23 20.38 0.85
C THR A 66 5.33 19.52 -0.39
N ASN A 67 4.31 18.69 -0.60
CA ASN A 67 4.22 17.74 -1.71
C ASN A 67 5.35 16.71 -1.69
N LEU A 68 6.14 16.67 -0.62
CA LEU A 68 7.19 15.67 -0.43
C LEU A 68 6.62 14.41 0.18
N SER A 69 7.37 13.31 0.10
CA SER A 69 6.95 12.04 0.67
C SER A 69 6.90 12.09 2.19
N LYS A 70 5.88 11.46 2.78
CA LYS A 70 5.75 11.35 4.23
C LYS A 70 6.60 10.21 4.79
N CYS A 71 7.46 9.61 3.94
CA CYS A 71 8.37 8.56 4.35
C CYS A 71 7.69 7.28 4.85
N PHE A 72 6.42 7.05 4.48
CA PHE A 72 5.74 5.81 4.84
C PHE A 72 4.63 5.66 3.79
N GLY A 73 4.02 4.47 3.72
CA GLY A 73 3.05 4.18 2.67
C GLY A 73 2.15 2.98 2.98
N PHE A 74 1.37 2.58 1.98
CA PHE A 74 0.35 1.54 2.02
C PHE A 74 0.35 0.60 0.82
N VAL A 75 0.03 -0.68 1.04
CA VAL A 75 -0.01 -1.71 0.00
C VAL A 75 -1.12 -2.71 0.31
N SER A 76 -1.69 -3.37 -0.70
CA SER A 76 -2.76 -4.34 -0.48
C SER A 76 -2.65 -5.54 -1.43
N TYR A 77 -3.12 -6.70 -0.96
CA TYR A 77 -3.12 -7.96 -1.69
C TYR A 77 -4.50 -8.55 -1.96
N ASP A 78 -4.60 -9.52 -2.87
CA ASP A 78 -5.85 -10.22 -3.11
C ASP A 78 -6.12 -11.33 -2.08
N ASN A 79 -5.11 -11.65 -1.26
CA ASN A 79 -5.23 -12.63 -0.19
C ASN A 79 -4.23 -12.34 0.92
N PRO A 80 -4.56 -12.69 2.17
CA PRO A 80 -3.74 -12.41 3.33
C PRO A 80 -2.44 -13.23 3.33
N VAL A 81 -2.39 -14.34 2.59
CA VAL A 81 -1.20 -15.18 2.55
C VAL A 81 -0.01 -14.44 1.95
N SER A 82 -0.27 -13.64 0.90
CA SER A 82 0.77 -12.84 0.26
C SER A 82 1.12 -11.63 1.13
N ALA A 83 0.16 -11.18 1.96
CA ALA A 83 0.38 -10.03 2.81
C ALA A 83 1.28 -10.40 3.99
N GLN A 84 0.98 -11.50 4.68
CA GLN A 84 1.77 -11.91 5.84
C GLN A 84 3.19 -12.28 5.44
N ALA A 85 3.37 -12.78 4.21
CA ALA A 85 4.71 -13.08 3.71
C ALA A 85 5.47 -11.79 3.46
N ALA A 86 4.79 -10.77 2.93
CA ALA A 86 5.42 -9.50 2.62
C ALA A 86 5.80 -8.73 3.90
N ILE A 87 5.10 -8.97 5.01
CA ILE A 87 5.50 -8.35 6.28
C ILE A 87 6.85 -8.91 6.69
N GLN A 88 6.96 -10.24 6.71
CA GLN A 88 8.20 -10.89 7.11
C GLN A 88 9.31 -10.66 6.07
N ALA A 89 8.96 -10.14 4.89
CA ALA A 89 9.91 -9.90 3.81
C ALA A 89 10.50 -8.49 3.84
N MET A 90 9.78 -7.49 4.37
CA MET A 90 10.25 -6.12 4.38
C MET A 90 10.36 -5.53 5.77
N ASN A 91 9.76 -6.16 6.78
CA ASN A 91 9.92 -5.71 8.15
C ASN A 91 11.37 -5.95 8.58
N GLY A 92 11.96 -4.96 9.24
CA GLY A 92 13.35 -5.05 9.71
C GLY A 92 14.36 -4.78 8.59
N PHE A 93 13.91 -4.47 7.36
CA PHE A 93 14.80 -4.23 6.24
C PHE A 93 15.61 -2.95 6.50
N GLN A 94 16.94 -3.05 6.57
CA GLN A 94 17.78 -1.91 6.88
C GLN A 94 17.97 -1.00 5.67
N ILE A 95 17.65 0.29 5.83
CA ILE A 95 17.79 1.29 4.78
C ILE A 95 17.89 2.69 5.39
N GLY A 96 18.81 3.52 4.91
CA GLY A 96 18.92 4.89 5.41
C GLY A 96 19.24 4.94 6.90
N MET A 97 20.01 3.96 7.39
CA MET A 97 20.39 3.86 8.80
C MET A 97 19.21 3.65 9.75
N LYS A 98 18.10 3.12 9.24
CA LYS A 98 16.94 2.72 10.05
C LYS A 98 16.31 1.49 9.40
N ARG A 99 15.60 0.68 10.18
CA ARG A 99 14.96 -0.52 9.63
C ARG A 99 13.50 -0.26 9.33
N LEU A 100 13.04 -0.65 8.14
CA LEU A 100 11.65 -0.46 7.75
C LEU A 100 10.71 -1.19 8.70
N LYS A 101 9.71 -0.48 9.23
CA LYS A 101 8.65 -1.08 10.01
C LYS A 101 7.51 -1.47 9.08
N VAL A 102 6.94 -2.66 9.26
CA VAL A 102 5.79 -3.10 8.46
C VAL A 102 4.72 -3.68 9.39
N GLN A 103 3.45 -3.34 9.15
CA GLN A 103 2.39 -3.75 10.05
C GLN A 103 1.04 -3.89 9.33
N LEU A 104 0.10 -4.62 9.93
CA LEU A 104 -1.27 -4.73 9.41
C LEU A 104 -2.01 -3.40 9.56
N LYS A 105 -3.03 -3.19 8.74
CA LYS A 105 -3.85 -1.98 8.77
C LYS A 105 -4.72 -1.92 10.02
N ARG A 106 -5.07 -0.69 10.40
CA ARG A 106 -6.00 -0.34 11.47
C ARG A 106 -6.96 0.72 10.94
N SER A 107 -8.10 0.88 11.59
CA SER A 107 -9.13 1.82 11.14
C SER A 107 -9.61 2.70 12.29
N LYS A 108 -10.25 3.83 11.95
CA LYS A 108 -10.73 4.77 12.96
C LYS A 108 -11.81 4.17 13.85
N ASN A 109 -12.47 3.11 13.37
CA ASN A 109 -13.50 2.41 14.14
C ASN A 109 -12.89 1.63 15.31
N ASP A 110 -11.56 1.51 15.34
CA ASP A 110 -10.86 0.82 16.40
C ASP A 110 -10.70 1.72 17.63
N SER A 111 -11.06 3.00 17.52
CA SER A 111 -10.96 3.96 18.62
C SER A 111 -12.30 4.64 18.88
N LYS A 112 -13.13 4.83 17.85
CA LYS A 112 -14.47 5.38 18.01
C LYS A 112 -15.39 4.36 18.65
N PRO A 113 -16.47 4.81 19.31
CA PRO A 113 -17.48 3.96 19.91
C PRO A 113 -18.43 3.43 18.85
N TRP A 114 -18.16 3.75 17.57
CA TRP A 114 -18.98 3.35 16.44
C TRP A 114 -18.09 3.09 15.23
N MET A 1 24.46 14.73 -36.20
CA MET A 1 25.56 13.78 -36.42
C MET A 1 25.01 12.40 -36.78
N GLY A 2 25.84 11.57 -37.42
CA GLY A 2 25.45 10.21 -37.81
C GLY A 2 25.51 9.22 -36.65
N SER A 3 26.05 9.65 -35.50
CA SER A 3 26.16 8.80 -34.31
C SER A 3 24.78 8.53 -33.71
N SER A 4 24.66 7.41 -33.02
CA SER A 4 23.41 7.02 -32.35
C SER A 4 23.19 7.84 -31.08
N HIS A 5 24.17 8.65 -30.69
CA HIS A 5 24.16 9.48 -29.49
C HIS A 5 24.01 8.64 -28.21
N HIS A 6 24.12 9.29 -27.05
CA HIS A 6 23.98 8.65 -25.75
C HIS A 6 22.55 8.16 -25.56
N HIS A 7 22.36 7.07 -24.80
CA HIS A 7 21.05 6.50 -24.55
C HIS A 7 20.27 7.35 -23.54
N HIS A 8 18.95 7.13 -23.47
CA HIS A 8 18.08 7.86 -22.57
C HIS A 8 18.37 7.51 -21.11
N HIS A 9 18.08 8.43 -20.20
CA HIS A 9 18.27 8.23 -18.78
C HIS A 9 17.30 7.19 -18.22
N HIS A 10 17.58 6.69 -17.02
CA HIS A 10 16.75 5.69 -16.37
C HIS A 10 15.37 6.25 -16.01
N SER A 11 15.21 7.57 -16.13
CA SER A 11 13.93 8.25 -15.87
C SER A 11 12.90 7.89 -16.92
N SER A 12 13.30 7.17 -17.97
CA SER A 12 12.38 6.73 -19.02
C SER A 12 11.38 5.71 -18.47
N GLY A 13 11.65 5.13 -17.29
CA GLY A 13 10.77 4.18 -16.65
C GLY A 13 9.60 4.87 -15.94
N LEU A 14 9.57 6.20 -15.96
CA LEU A 14 8.51 6.98 -15.34
C LEU A 14 7.16 6.73 -16.02
N VAL A 15 6.08 6.73 -15.23
CA VAL A 15 4.72 6.55 -15.74
C VAL A 15 3.76 7.59 -15.16
N PRO A 16 2.72 7.98 -15.92
CA PRO A 16 1.81 9.07 -15.59
C PRO A 16 0.77 8.70 -14.52
N ARG A 17 1.04 7.68 -13.69
CA ARG A 17 0.09 7.27 -12.64
C ARG A 17 -0.06 8.39 -11.60
N GLY A 18 -1.05 8.23 -10.71
CA GLY A 18 -1.30 9.19 -9.65
C GLY A 18 -2.79 9.35 -9.38
N SER A 19 -3.65 8.68 -10.14
CA SER A 19 -5.09 8.75 -9.97
C SER A 19 -5.53 7.98 -8.72
N HIS A 20 -4.69 7.07 -8.23
CA HIS A 20 -4.93 6.28 -7.03
C HIS A 20 -6.28 5.55 -7.05
N MET A 21 -6.79 5.20 -8.24
CA MET A 21 -8.06 4.51 -8.37
C MET A 21 -7.96 3.04 -7.96
N GLN A 22 -6.75 2.56 -7.67
CA GLN A 22 -6.52 1.17 -7.29
C GLN A 22 -7.09 0.92 -5.89
N LYS A 23 -7.55 -0.32 -5.66
CA LYS A 23 -8.29 -0.70 -4.45
C LYS A 23 -7.57 -1.77 -3.63
N GLU A 24 -7.95 -1.86 -2.35
CA GLU A 24 -7.46 -2.89 -1.46
C GLU A 24 -8.28 -4.18 -1.60
N GLY A 25 -7.72 -5.27 -1.06
CA GLY A 25 -8.29 -6.60 -1.11
C GLY A 25 -9.24 -6.88 0.06
N PRO A 26 -9.42 -8.17 0.38
CA PRO A 26 -10.29 -8.64 1.45
C PRO A 26 -9.71 -8.31 2.82
N GLU A 27 -10.41 -8.72 3.88
CA GLU A 27 -10.03 -8.46 5.25
C GLU A 27 -8.63 -9.01 5.55
N GLY A 28 -7.78 -8.18 6.14
CA GLY A 28 -6.44 -8.56 6.56
C GLY A 28 -5.43 -8.61 5.42
N ALA A 29 -5.90 -8.35 4.18
CA ALA A 29 -5.04 -8.39 3.00
C ALA A 29 -4.41 -7.03 2.70
N ASN A 30 -4.05 -6.27 3.74
CA ASN A 30 -3.52 -4.92 3.58
C ASN A 30 -2.40 -4.65 4.57
N LEU A 31 -1.35 -3.95 4.11
CA LEU A 31 -0.13 -3.76 4.88
C LEU A 31 0.27 -2.30 5.02
N PHE A 32 1.13 -2.07 6.01
CA PHE A 32 1.78 -0.80 6.30
C PHE A 32 3.30 -0.83 6.22
N ILE A 33 3.90 0.25 5.74
CA ILE A 33 5.33 0.36 5.60
C ILE A 33 5.75 1.75 6.05
N TYR A 34 6.68 1.84 7.01
CA TYR A 34 7.10 3.11 7.57
C TYR A 34 8.63 3.15 7.51
N HIS A 35 9.21 4.24 7.98
CA HIS A 35 10.65 4.51 7.96
C HIS A 35 11.22 4.61 6.53
N LEU A 36 10.36 4.76 5.53
CA LEU A 36 10.80 4.89 4.14
C LEU A 36 11.53 6.22 3.95
N PRO A 37 12.60 6.24 3.13
CA PRO A 37 13.29 7.46 2.76
C PRO A 37 12.45 8.26 1.78
N GLN A 38 12.79 9.53 1.60
CA GLN A 38 12.00 10.46 0.78
C GLN A 38 12.07 10.11 -0.71
N GLU A 39 13.07 9.31 -1.11
CA GLU A 39 13.25 8.93 -2.51
C GLU A 39 12.22 7.90 -2.97
N PHE A 40 11.43 7.32 -2.04
CA PHE A 40 10.35 6.42 -2.40
C PHE A 40 9.12 7.07 -3.02
N GLY A 41 8.34 6.26 -3.74
CA GLY A 41 7.11 6.71 -4.37
C GLY A 41 6.17 5.53 -4.59
N ASP A 42 4.96 5.81 -5.09
CA ASP A 42 3.95 4.79 -5.29
C ASP A 42 4.38 3.62 -6.18
N GLN A 43 5.14 3.91 -7.23
CA GLN A 43 5.65 2.90 -8.14
C GLN A 43 6.80 2.12 -7.49
N ASP A 44 7.59 2.80 -6.67
CA ASP A 44 8.74 2.18 -6.03
C ASP A 44 8.36 1.17 -4.96
N ILE A 45 7.38 1.51 -4.11
CA ILE A 45 6.92 0.60 -3.07
C ILE A 45 6.10 -0.53 -3.70
N LEU A 46 5.49 -0.26 -4.85
CA LEU A 46 4.71 -1.25 -5.57
C LEU A 46 5.64 -2.36 -6.04
N GLN A 47 6.75 -2.01 -6.69
CA GLN A 47 7.67 -3.02 -7.20
C GLN A 47 8.42 -3.73 -6.07
N MET A 48 8.51 -3.11 -4.90
CA MET A 48 9.12 -3.75 -3.74
C MET A 48 8.22 -4.84 -3.19
N PHE A 49 6.90 -4.72 -3.38
CA PHE A 49 5.93 -5.67 -2.86
C PHE A 49 5.31 -6.67 -3.83
N MET A 50 5.55 -6.53 -5.14
CA MET A 50 4.99 -7.44 -6.12
C MET A 50 5.54 -8.88 -6.07
N PRO A 51 6.81 -9.15 -5.71
CA PRO A 51 7.31 -10.51 -5.70
C PRO A 51 6.76 -11.33 -4.54
N PHE A 52 6.05 -10.69 -3.62
CA PHE A 52 5.46 -11.36 -2.46
C PHE A 52 4.04 -11.85 -2.78
N GLY A 53 3.44 -11.37 -3.88
CA GLY A 53 2.11 -11.77 -4.28
C GLY A 53 1.45 -10.70 -5.16
N ASN A 54 0.18 -10.91 -5.52
CA ASN A 54 -0.53 -10.00 -6.40
C ASN A 54 -1.00 -8.76 -5.64
N VAL A 55 -0.28 -7.65 -5.83
CA VAL A 55 -0.61 -6.38 -5.22
C VAL A 55 -1.70 -5.70 -6.04
N ILE A 56 -2.85 -5.41 -5.42
CA ILE A 56 -3.95 -4.76 -6.13
C ILE A 56 -3.74 -3.24 -6.13
N SER A 57 -3.15 -2.72 -5.04
CA SER A 57 -2.94 -1.28 -4.89
C SER A 57 -1.73 -0.99 -4.00
N ALA A 58 -1.08 0.15 -4.26
CA ALA A 58 0.06 0.60 -3.50
C ALA A 58 0.20 2.11 -3.66
N LYS A 59 0.60 2.80 -2.59
CA LYS A 59 0.71 4.25 -2.58
C LYS A 59 1.62 4.71 -1.45
N VAL A 60 2.53 5.65 -1.75
CA VAL A 60 3.36 6.28 -0.74
C VAL A 60 2.63 7.58 -0.37
N PHE A 61 2.56 7.89 0.92
CA PHE A 61 1.82 9.06 1.38
C PHE A 61 2.46 10.40 1.00
N ILE A 62 1.63 11.43 0.81
CA ILE A 62 2.10 12.75 0.40
C ILE A 62 1.51 13.81 1.33
N ASP A 63 2.31 14.86 1.63
CA ASP A 63 1.85 15.97 2.46
C ASP A 63 1.18 17.02 1.58
N LYS A 64 -0.03 17.47 1.94
CA LYS A 64 -0.75 18.45 1.14
C LYS A 64 -0.16 19.85 1.32
N GLN A 65 0.71 20.04 2.31
CA GLN A 65 1.29 21.33 2.61
C GLN A 65 2.59 21.60 1.86
N THR A 66 3.26 20.53 1.43
CA THR A 66 4.56 20.62 0.76
C THR A 66 4.70 19.76 -0.49
N ASN A 67 3.75 18.83 -0.66
CA ASN A 67 3.71 17.89 -1.77
C ASN A 67 4.95 16.97 -1.79
N LEU A 68 5.75 16.98 -0.73
CA LEU A 68 6.91 16.10 -0.60
C LEU A 68 6.46 14.72 -0.13
N SER A 69 7.30 13.71 -0.38
CA SER A 69 7.00 12.34 -0.02
C SER A 69 7.11 12.13 1.49
N LYS A 70 6.12 11.44 2.07
CA LYS A 70 6.15 11.12 3.50
C LYS A 70 7.03 9.91 3.79
N CYS A 71 7.35 9.70 5.06
CA CYS A 71 8.23 8.63 5.51
C CYS A 71 7.56 7.26 5.57
N PHE A 72 6.37 7.08 5.00
CA PHE A 72 5.70 5.79 5.10
C PHE A 72 4.70 5.71 3.94
N GLY A 73 4.12 4.52 3.76
CA GLY A 73 3.24 4.21 2.65
C GLY A 73 2.29 3.05 2.96
N PHE A 74 1.53 2.65 1.94
CA PHE A 74 0.50 1.62 2.00
C PHE A 74 0.46 0.66 0.81
N VAL A 75 0.12 -0.61 1.05
CA VAL A 75 0.07 -1.66 0.03
C VAL A 75 -1.03 -2.67 0.36
N SER A 76 -1.61 -3.35 -0.64
CA SER A 76 -2.64 -4.35 -0.40
C SER A 76 -2.60 -5.50 -1.41
N TYR A 77 -2.98 -6.69 -0.95
CA TYR A 77 -2.99 -7.93 -1.74
C TYR A 77 -4.38 -8.47 -2.05
N ASP A 78 -4.49 -9.42 -2.98
CA ASP A 78 -5.76 -10.10 -3.24
C ASP A 78 -6.07 -11.18 -2.21
N ASN A 79 -5.11 -11.49 -1.34
CA ASN A 79 -5.30 -12.44 -0.25
C ASN A 79 -4.36 -12.14 0.91
N PRO A 80 -4.77 -12.47 2.14
CA PRO A 80 -3.98 -12.22 3.34
C PRO A 80 -2.76 -13.14 3.42
N VAL A 81 -2.73 -14.22 2.64
CA VAL A 81 -1.61 -15.15 2.65
C VAL A 81 -0.33 -14.46 2.16
N SER A 82 -0.44 -13.74 1.04
CA SER A 82 0.69 -13.00 0.49
C SER A 82 1.04 -11.81 1.38
N ALA A 83 0.08 -11.31 2.15
CA ALA A 83 0.31 -10.15 3.00
C ALA A 83 1.20 -10.51 4.18
N GLN A 84 0.91 -11.62 4.88
CA GLN A 84 1.69 -12.02 6.04
C GLN A 84 3.11 -12.42 5.62
N ALA A 85 3.27 -12.94 4.40
CA ALA A 85 4.60 -13.26 3.89
C ALA A 85 5.39 -11.98 3.65
N ALA A 86 4.74 -10.96 3.09
CA ALA A 86 5.39 -9.71 2.79
C ALA A 86 5.79 -8.94 4.04
N ILE A 87 5.10 -9.15 5.17
CA ILE A 87 5.52 -8.52 6.42
C ILE A 87 6.86 -9.12 6.83
N GLN A 88 6.94 -10.45 6.90
CA GLN A 88 8.16 -11.13 7.30
C GLN A 88 9.26 -10.93 6.27
N ALA A 89 8.92 -10.41 5.08
CA ALA A 89 9.88 -10.20 4.01
C ALA A 89 10.55 -8.82 4.07
N MET A 90 9.85 -7.79 4.56
CA MET A 90 10.41 -6.44 4.60
C MET A 90 10.41 -5.78 5.97
N ASN A 91 9.76 -6.37 6.96
CA ASN A 91 9.86 -5.88 8.33
C ASN A 91 11.32 -6.04 8.78
N GLY A 92 11.93 -4.97 9.27
CA GLY A 92 13.32 -4.98 9.69
C GLY A 92 14.29 -4.79 8.53
N PHE A 93 13.78 -4.56 7.31
CA PHE A 93 14.64 -4.35 6.16
C PHE A 93 15.52 -3.12 6.33
N GLN A 94 16.84 -3.29 6.30
CA GLN A 94 17.73 -2.17 6.51
C GLN A 94 17.81 -1.27 5.29
N ILE A 95 17.63 0.03 5.50
CA ILE A 95 17.75 1.04 4.47
C ILE A 95 18.33 2.29 5.12
N GLY A 96 19.48 2.77 4.62
CA GLY A 96 20.17 3.87 5.27
C GLY A 96 20.57 3.47 6.69
N MET A 97 20.50 4.43 7.62
CA MET A 97 20.87 4.23 9.01
C MET A 97 19.71 3.71 9.87
N LYS A 98 18.65 3.18 9.25
CA LYS A 98 17.48 2.69 9.97
C LYS A 98 16.90 1.46 9.27
N ARG A 99 15.91 0.81 9.90
CA ARG A 99 15.24 -0.34 9.33
C ARG A 99 13.76 -0.05 9.11
N LEU A 100 13.17 -0.57 8.04
CA LEU A 100 11.76 -0.40 7.74
C LEU A 100 10.88 -1.13 8.75
N LYS A 101 9.86 -0.43 9.26
CA LYS A 101 8.83 -1.05 10.07
C LYS A 101 7.69 -1.47 9.14
N VAL A 102 7.14 -2.68 9.33
CA VAL A 102 6.01 -3.14 8.53
C VAL A 102 4.99 -3.78 9.45
N GLN A 103 3.69 -3.55 9.18
CA GLN A 103 2.64 -4.04 10.05
C GLN A 103 1.32 -4.21 9.29
N LEU A 104 0.37 -4.94 9.87
CA LEU A 104 -0.97 -5.12 9.33
C LEU A 104 -1.78 -3.83 9.49
N LYS A 105 -2.76 -3.61 8.62
CA LYS A 105 -3.69 -2.49 8.71
C LYS A 105 -4.51 -2.62 10.01
N ARG A 106 -4.96 -1.49 10.56
CA ARG A 106 -5.78 -1.49 11.77
C ARG A 106 -7.12 -2.19 11.50
N SER A 107 -7.78 -2.63 12.57
CA SER A 107 -9.09 -3.27 12.44
C SER A 107 -10.14 -2.27 11.98
N LYS A 108 -11.15 -2.76 11.26
CA LYS A 108 -12.28 -1.95 10.81
C LYS A 108 -13.19 -1.59 11.97
N ASN A 109 -12.96 -2.18 13.15
CA ASN A 109 -13.70 -1.83 14.34
C ASN A 109 -13.31 -0.43 14.83
N ASP A 110 -12.17 0.08 14.36
CA ASP A 110 -11.73 1.43 14.69
C ASP A 110 -12.36 2.49 13.79
N SER A 111 -12.97 2.07 12.68
CA SER A 111 -13.67 2.97 11.77
C SER A 111 -15.10 3.23 12.26
N LYS A 112 -15.56 2.45 13.24
CA LYS A 112 -16.90 2.60 13.81
C LYS A 112 -16.98 3.87 14.66
N PRO A 113 -18.18 4.45 14.78
CA PRO A 113 -18.41 5.65 15.57
C PRO A 113 -18.38 5.35 17.07
N TRP A 114 -18.43 4.07 17.43
CA TRP A 114 -18.41 3.61 18.82
C TRP A 114 -17.04 3.80 19.46
N MET A 1 -36.55 -2.06 -2.04
CA MET A 1 -37.33 -0.82 -2.21
C MET A 1 -36.48 0.40 -1.86
N GLY A 2 -36.95 1.59 -2.26
CA GLY A 2 -36.25 2.83 -1.99
C GLY A 2 -37.01 4.03 -2.54
N SER A 3 -36.45 5.23 -2.36
CA SER A 3 -37.07 6.47 -2.82
C SER A 3 -36.89 6.67 -4.33
N SER A 4 -36.20 5.74 -5.00
CA SER A 4 -35.96 5.81 -6.44
C SER A 4 -35.74 4.40 -7.00
N HIS A 5 -35.90 4.25 -8.32
CA HIS A 5 -35.74 2.97 -8.99
C HIS A 5 -35.33 3.11 -10.45
N HIS A 6 -35.24 4.35 -10.96
CA HIS A 6 -34.85 4.58 -12.35
C HIS A 6 -33.35 4.33 -12.54
N HIS A 7 -32.94 4.13 -13.81
CA HIS A 7 -31.56 3.78 -14.13
C HIS A 7 -30.60 4.96 -13.93
N HIS A 8 -31.12 6.18 -13.86
CA HIS A 8 -30.27 7.36 -13.67
C HIS A 8 -29.82 7.48 -12.22
N HIS A 9 -30.39 6.68 -11.32
CA HIS A 9 -30.02 6.68 -9.91
C HIS A 9 -28.67 5.99 -9.70
N HIS A 10 -28.24 5.19 -10.67
CA HIS A 10 -26.96 4.48 -10.63
C HIS A 10 -25.80 5.36 -11.07
N SER A 11 -26.10 6.58 -11.54
CA SER A 11 -25.07 7.50 -11.99
C SER A 11 -24.26 8.06 -10.82
N SER A 12 -23.05 8.55 -11.10
CA SER A 12 -22.17 9.11 -10.08
C SER A 12 -21.18 10.08 -10.73
N GLY A 13 -20.57 10.94 -9.92
CA GLY A 13 -19.59 11.92 -10.39
C GLY A 13 -18.25 11.28 -10.73
N LEU A 14 -17.37 12.04 -11.39
CA LEU A 14 -16.05 11.56 -11.76
C LEU A 14 -15.09 12.74 -11.89
N VAL A 15 -13.80 12.51 -11.61
CA VAL A 15 -12.77 13.54 -11.68
C VAL A 15 -12.58 14.01 -13.13
N PRO A 16 -12.52 15.34 -13.37
CA PRO A 16 -12.40 15.91 -14.71
C PRO A 16 -11.05 15.63 -15.37
N ARG A 17 -10.12 14.98 -14.66
CA ARG A 17 -8.81 14.64 -15.19
C ARG A 17 -8.31 13.28 -14.70
N GLY A 18 -9.23 12.44 -14.22
CA GLY A 18 -8.92 11.09 -13.75
C GLY A 18 -8.17 11.10 -12.43
N SER A 19 -7.87 9.91 -11.90
CA SER A 19 -7.14 9.76 -10.65
C SER A 19 -6.48 8.38 -10.58
N HIS A 20 -5.43 8.25 -9.75
CA HIS A 20 -4.74 6.99 -9.57
C HIS A 20 -5.64 5.98 -8.86
N MET A 21 -6.45 6.47 -7.91
CA MET A 21 -7.35 5.67 -7.09
C MET A 21 -6.65 4.57 -6.30
N GLN A 22 -7.26 4.15 -5.19
CA GLN A 22 -6.70 3.11 -4.32
C GLN A 22 -7.72 2.00 -4.11
N LYS A 23 -7.21 0.79 -3.86
CA LYS A 23 -8.02 -0.41 -3.77
C LYS A 23 -7.56 -1.27 -2.60
N GLU A 24 -8.44 -2.15 -2.12
CA GLU A 24 -8.16 -2.98 -0.97
C GLU A 24 -8.54 -4.44 -1.24
N GLY A 25 -7.88 -5.36 -0.53
CA GLY A 25 -8.18 -6.77 -0.60
C GLY A 25 -9.13 -7.18 0.53
N PRO A 26 -9.26 -8.49 0.78
CA PRO A 26 -10.06 -9.00 1.88
C PRO A 26 -9.40 -8.62 3.21
N GLU A 27 -10.12 -8.78 4.32
CA GLU A 27 -9.57 -8.45 5.62
C GLU A 27 -8.37 -9.33 5.94
N GLY A 28 -7.32 -8.74 6.51
CA GLY A 28 -6.09 -9.44 6.84
C GLY A 28 -5.11 -9.48 5.66
N ALA A 29 -5.50 -8.89 4.53
CA ALA A 29 -4.68 -8.89 3.31
C ALA A 29 -4.17 -7.49 2.96
N ASN A 30 -4.12 -6.58 3.94
CA ASN A 30 -3.72 -5.20 3.71
C ASN A 30 -2.58 -4.83 4.65
N LEU A 31 -1.56 -4.13 4.15
CA LEU A 31 -0.35 -3.90 4.92
C LEU A 31 -0.01 -2.42 5.10
N PHE A 32 0.85 -2.18 6.08
CA PHE A 32 1.45 -0.90 6.39
C PHE A 32 2.97 -0.87 6.29
N ILE A 33 3.53 0.25 5.83
CA ILE A 33 4.97 0.41 5.69
C ILE A 33 5.35 1.81 6.15
N TYR A 34 6.34 1.91 7.03
CA TYR A 34 6.77 3.20 7.58
C TYR A 34 8.30 3.23 7.54
N HIS A 35 8.88 4.34 8.00
CA HIS A 35 10.32 4.62 8.00
C HIS A 35 10.92 4.69 6.60
N LEU A 36 10.09 4.86 5.56
CA LEU A 36 10.56 4.94 4.19
C LEU A 36 11.36 6.23 3.96
N PRO A 37 12.42 6.17 3.16
CA PRO A 37 13.22 7.32 2.79
C PRO A 37 12.49 8.18 1.74
N GLN A 38 13.04 9.36 1.45
CA GLN A 38 12.47 10.32 0.52
C GLN A 38 12.51 9.82 -0.93
N GLU A 39 13.40 8.88 -1.24
CA GLU A 39 13.54 8.39 -2.61
C GLU A 39 12.41 7.45 -3.02
N PHE A 40 11.52 7.08 -2.08
CA PHE A 40 10.34 6.27 -2.38
C PHE A 40 9.16 6.99 -3.01
N GLY A 41 8.30 6.23 -3.68
CA GLY A 41 7.09 6.72 -4.30
C GLY A 41 6.11 5.57 -4.47
N ASP A 42 4.89 5.88 -4.94
CA ASP A 42 3.85 4.86 -5.07
C ASP A 42 4.19 3.72 -6.03
N GLN A 43 4.87 4.05 -7.12
CA GLN A 43 5.33 3.05 -8.08
C GLN A 43 6.53 2.29 -7.53
N ASP A 44 7.36 2.95 -6.72
CA ASP A 44 8.54 2.32 -6.15
C ASP A 44 8.25 1.32 -5.04
N ILE A 45 7.25 1.61 -4.19
CA ILE A 45 6.83 0.67 -3.16
C ILE A 45 6.01 -0.44 -3.79
N LEU A 46 5.39 -0.15 -4.95
CA LEU A 46 4.63 -1.15 -5.69
C LEU A 46 5.59 -2.21 -6.23
N GLN A 47 6.63 -1.78 -6.94
CA GLN A 47 7.60 -2.70 -7.53
C GLN A 47 8.38 -3.44 -6.47
N MET A 48 8.47 -2.88 -5.27
CA MET A 48 9.16 -3.51 -4.14
C MET A 48 8.31 -4.64 -3.55
N PHE A 49 6.99 -4.51 -3.65
CA PHE A 49 6.06 -5.47 -3.07
C PHE A 49 5.40 -6.49 -4.02
N MET A 50 5.56 -6.33 -5.33
CA MET A 50 4.99 -7.26 -6.30
C MET A 50 5.57 -8.68 -6.26
N PRO A 51 6.85 -8.91 -5.92
CA PRO A 51 7.39 -10.27 -5.92
C PRO A 51 6.83 -11.10 -4.76
N PHE A 52 6.13 -10.46 -3.82
CA PHE A 52 5.56 -11.15 -2.67
C PHE A 52 4.17 -11.70 -2.98
N GLY A 53 3.55 -11.25 -4.07
CA GLY A 53 2.24 -11.72 -4.51
C GLY A 53 1.51 -10.66 -5.32
N ASN A 54 0.23 -10.91 -5.61
CA ASN A 54 -0.57 -10.00 -6.42
C ASN A 54 -0.99 -8.79 -5.61
N VAL A 55 -0.32 -7.66 -5.85
CA VAL A 55 -0.64 -6.39 -5.21
C VAL A 55 -1.77 -5.72 -5.99
N ILE A 56 -2.90 -5.43 -5.32
CA ILE A 56 -4.03 -4.78 -5.98
C ILE A 56 -3.79 -3.27 -6.04
N SER A 57 -3.13 -2.72 -5.01
CA SER A 57 -2.89 -1.29 -4.92
C SER A 57 -1.68 -1.01 -4.04
N ALA A 58 -1.07 0.15 -4.25
CA ALA A 58 0.10 0.58 -3.50
C ALA A 58 0.18 2.11 -3.53
N LYS A 59 0.74 2.71 -2.47
CA LYS A 59 0.76 4.14 -2.32
C LYS A 59 1.83 4.59 -1.33
N VAL A 60 2.50 5.69 -1.64
CA VAL A 60 3.38 6.38 -0.71
C VAL A 60 2.70 7.73 -0.49
N PHE A 61 2.49 8.10 0.77
CA PHE A 61 1.74 9.31 1.06
C PHE A 61 2.47 10.61 0.75
N ILE A 62 1.72 11.70 0.56
CA ILE A 62 2.29 12.98 0.19
C ILE A 62 1.82 14.07 1.15
N ASP A 63 2.72 14.99 1.52
CA ASP A 63 2.40 16.10 2.38
C ASP A 63 1.89 17.26 1.52
N LYS A 64 0.76 17.85 1.90
CA LYS A 64 0.15 18.95 1.15
C LYS A 64 0.91 20.27 1.36
N GLN A 65 1.81 20.31 2.35
CA GLN A 65 2.56 21.51 2.69
C GLN A 65 3.88 21.62 1.93
N THR A 66 4.39 20.49 1.43
CA THR A 66 5.68 20.43 0.76
C THR A 66 5.69 19.60 -0.51
N ASN A 67 4.63 18.80 -0.69
CA ASN A 67 4.47 17.90 -1.83
C ASN A 67 5.56 16.83 -1.91
N LEU A 68 6.41 16.73 -0.87
CA LEU A 68 7.42 15.70 -0.79
C LEU A 68 6.81 14.39 -0.28
N SER A 69 7.52 13.28 -0.50
CA SER A 69 7.05 11.97 -0.06
C SER A 69 7.09 11.87 1.46
N LYS A 70 6.03 11.30 2.04
CA LYS A 70 5.98 11.04 3.48
C LYS A 70 6.83 9.82 3.81
N CYS A 71 7.15 9.66 5.10
CA CYS A 71 8.01 8.58 5.57
C CYS A 71 7.29 7.23 5.65
N PHE A 72 6.08 7.10 5.11
CA PHE A 72 5.36 5.84 5.22
C PHE A 72 4.36 5.79 4.07
N GLY A 73 3.71 4.64 3.91
CA GLY A 73 2.77 4.40 2.83
C GLY A 73 1.88 3.19 3.10
N PHE A 74 1.20 2.73 2.05
CA PHE A 74 0.19 1.67 2.08
C PHE A 74 0.23 0.71 0.90
N VAL A 75 -0.07 -0.58 1.14
CA VAL A 75 -0.07 -1.62 0.11
C VAL A 75 -1.15 -2.66 0.43
N SER A 76 -1.70 -3.32 -0.58
CA SER A 76 -2.76 -4.31 -0.39
C SER A 76 -2.61 -5.51 -1.32
N TYR A 77 -3.08 -6.68 -0.86
CA TYR A 77 -3.01 -7.93 -1.59
C TYR A 77 -4.34 -8.57 -1.96
N ASP A 78 -4.34 -9.45 -2.95
CA ASP A 78 -5.54 -10.19 -3.33
C ASP A 78 -5.84 -11.34 -2.37
N ASN A 79 -4.87 -11.68 -1.52
CA ASN A 79 -5.03 -12.70 -0.50
C ASN A 79 -4.07 -12.47 0.66
N PRO A 80 -4.45 -12.87 1.88
CA PRO A 80 -3.68 -12.64 3.09
C PRO A 80 -2.39 -13.45 3.09
N VAL A 81 -2.30 -14.53 2.32
CA VAL A 81 -1.11 -15.36 2.30
C VAL A 81 0.10 -14.60 1.76
N SER A 82 -0.13 -13.77 0.73
CA SER A 82 0.92 -12.94 0.16
C SER A 82 1.22 -11.75 1.07
N ALA A 83 0.24 -11.33 1.87
CA ALA A 83 0.40 -10.20 2.76
C ALA A 83 1.28 -10.59 3.95
N GLN A 84 0.98 -11.72 4.60
CA GLN A 84 1.75 -12.15 5.76
C GLN A 84 3.19 -12.49 5.36
N ALA A 85 3.39 -12.94 4.12
CA ALA A 85 4.73 -13.20 3.62
C ALA A 85 5.49 -11.90 3.46
N ALA A 86 4.82 -10.86 2.93
CA ALA A 86 5.45 -9.58 2.68
C ALA A 86 5.81 -8.87 3.99
N ILE A 87 5.09 -9.13 5.09
CA ILE A 87 5.45 -8.56 6.37
C ILE A 87 6.79 -9.14 6.81
N GLN A 88 6.89 -10.47 6.84
CA GLN A 88 8.10 -11.16 7.25
C GLN A 88 9.23 -10.93 6.26
N ALA A 89 8.92 -10.36 5.08
CA ALA A 89 9.91 -10.10 4.05
C ALA A 89 10.57 -8.73 4.21
N MET A 90 9.85 -7.72 4.73
CA MET A 90 10.40 -6.37 4.82
C MET A 90 10.30 -5.72 6.19
N ASN A 91 9.58 -6.33 7.14
CA ASN A 91 9.59 -5.82 8.50
C ASN A 91 11.03 -5.91 9.03
N GLY A 92 11.57 -4.78 9.50
CA GLY A 92 12.93 -4.71 10.00
C GLY A 92 13.96 -4.54 8.87
N PHE A 93 13.53 -4.35 7.63
CA PHE A 93 14.46 -4.19 6.51
C PHE A 93 15.30 -2.94 6.64
N GLN A 94 16.63 -3.08 6.69
CA GLN A 94 17.51 -1.93 6.87
C GLN A 94 17.65 -1.15 5.58
N ILE A 95 17.45 0.17 5.65
CA ILE A 95 17.60 1.06 4.50
C ILE A 95 18.16 2.40 4.98
N GLY A 96 19.13 2.96 4.26
CA GLY A 96 19.73 4.23 4.67
C GLY A 96 20.42 4.07 6.02
N MET A 97 19.76 4.52 7.09
CA MET A 97 20.26 4.47 8.45
C MET A 97 19.15 4.08 9.43
N LYS A 98 18.04 3.52 8.93
CA LYS A 98 16.91 3.13 9.77
C LYS A 98 16.21 1.91 9.17
N ARG A 99 15.56 1.09 10.01
CA ARG A 99 14.87 -0.10 9.55
C ARG A 99 13.40 0.18 9.26
N LEU A 100 12.87 -0.37 8.17
CA LEU A 100 11.47 -0.23 7.82
C LEU A 100 10.58 -0.96 8.82
N LYS A 101 9.54 -0.27 9.32
CA LYS A 101 8.51 -0.91 10.12
C LYS A 101 7.40 -1.38 9.17
N VAL A 102 6.91 -2.61 9.36
CA VAL A 102 5.81 -3.14 8.58
C VAL A 102 4.81 -3.81 9.51
N GLN A 103 3.51 -3.57 9.28
CA GLN A 103 2.48 -4.06 10.19
C GLN A 103 1.16 -4.29 9.46
N LEU A 104 0.28 -5.10 10.04
CA LEU A 104 -1.06 -5.35 9.51
C LEU A 104 -1.95 -4.14 9.81
N LYS A 105 -2.97 -3.92 8.97
CA LYS A 105 -3.99 -2.89 9.19
C LYS A 105 -4.77 -3.22 10.46
N ARG A 106 -5.41 -2.20 11.05
CA ARG A 106 -6.27 -2.37 12.21
C ARG A 106 -7.44 -3.29 11.88
N SER A 107 -8.05 -3.88 12.92
CA SER A 107 -9.13 -4.84 12.76
C SER A 107 -10.05 -4.82 13.96
N LYS A 108 -11.32 -5.22 13.76
CA LYS A 108 -12.30 -5.28 14.84
C LYS A 108 -12.03 -6.45 15.77
N ASN A 109 -11.12 -7.36 15.40
CA ASN A 109 -10.77 -8.51 16.22
C ASN A 109 -10.04 -8.08 17.49
N ASP A 110 -9.57 -6.83 17.56
CA ASP A 110 -8.91 -6.30 18.74
C ASP A 110 -9.96 -5.91 19.78
N SER A 111 -11.17 -5.55 19.34
CA SER A 111 -12.25 -5.15 20.23
C SER A 111 -13.03 -6.37 20.72
N LYS A 112 -13.11 -7.42 19.90
CA LYS A 112 -13.79 -8.65 20.26
C LYS A 112 -12.96 -9.48 21.22
N PRO A 113 -13.61 -10.33 22.03
CA PRO A 113 -12.93 -11.23 22.96
C PRO A 113 -12.30 -12.40 22.22
N TRP A 114 -12.65 -12.58 20.94
CA TRP A 114 -12.12 -13.63 20.09
C TRP A 114 -11.94 -13.14 18.66
N MET A 1 -36.52 -16.89 -28.03
CA MET A 1 -37.59 -17.05 -27.02
C MET A 1 -37.53 -15.90 -26.02
N GLY A 2 -38.63 -15.67 -25.30
CA GLY A 2 -38.72 -14.59 -24.33
C GLY A 2 -38.62 -13.23 -25.04
N SER A 3 -38.08 -12.22 -24.36
CA SER A 3 -37.91 -10.89 -24.93
C SER A 3 -36.88 -10.88 -26.06
N SER A 4 -36.15 -11.99 -26.23
CA SER A 4 -35.15 -12.16 -27.27
C SER A 4 -34.09 -11.05 -27.29
N HIS A 5 -33.92 -10.36 -26.16
CA HIS A 5 -32.96 -9.27 -26.02
C HIS A 5 -32.57 -9.13 -24.55
N HIS A 6 -31.35 -8.66 -24.30
CA HIS A 6 -30.80 -8.52 -22.95
C HIS A 6 -29.92 -7.29 -22.85
N HIS A 7 -29.63 -6.84 -21.63
CA HIS A 7 -28.81 -5.66 -21.39
C HIS A 7 -27.36 -5.86 -21.81
N HIS A 8 -26.98 -7.09 -22.21
CA HIS A 8 -25.65 -7.37 -22.73
C HIS A 8 -25.50 -6.88 -24.17
N HIS A 9 -26.63 -6.52 -24.82
CA HIS A 9 -26.64 -6.04 -26.19
C HIS A 9 -26.03 -4.64 -26.25
N HIS A 10 -25.40 -4.30 -27.37
CA HIS A 10 -24.70 -3.02 -27.52
C HIS A 10 -25.67 -1.84 -27.58
N SER A 11 -26.96 -2.11 -27.79
CA SER A 11 -27.98 -1.07 -27.82
C SER A 11 -28.38 -0.63 -26.40
N SER A 12 -27.94 -1.40 -25.39
CA SER A 12 -28.26 -1.10 -24.01
C SER A 12 -27.59 0.19 -23.53
N GLY A 13 -28.18 0.85 -22.53
CA GLY A 13 -27.63 2.05 -21.92
C GLY A 13 -26.48 1.73 -20.98
N LEU A 14 -26.23 0.44 -20.72
CA LEU A 14 -25.16 -0.01 -19.86
C LEU A 14 -23.80 0.31 -20.48
N VAL A 15 -22.84 0.72 -19.64
CA VAL A 15 -21.50 1.08 -20.08
C VAL A 15 -20.48 0.90 -18.95
N PRO A 16 -19.28 0.38 -19.23
CA PRO A 16 -18.21 0.31 -18.25
C PRO A 16 -17.70 1.70 -17.93
N ARG A 17 -17.30 1.93 -16.67
CA ARG A 17 -16.77 3.22 -16.24
C ARG A 17 -15.34 3.42 -16.73
N GLY A 18 -14.93 4.69 -16.83
CA GLY A 18 -13.60 5.07 -17.29
C GLY A 18 -12.55 5.01 -16.19
N SER A 19 -12.97 4.70 -14.95
CA SER A 19 -12.05 4.64 -13.82
C SER A 19 -11.05 3.50 -13.97
N HIS A 20 -9.88 3.66 -13.36
CA HIS A 20 -8.80 2.68 -13.39
C HIS A 20 -7.91 2.82 -12.17
N MET A 21 -8.41 3.49 -11.12
CA MET A 21 -7.64 3.74 -9.91
C MET A 21 -7.38 2.46 -9.12
N GLN A 22 -6.41 2.51 -8.22
CA GLN A 22 -6.05 1.38 -7.37
C GLN A 22 -7.21 1.02 -6.44
N LYS A 23 -7.29 -0.25 -6.02
CA LYS A 23 -8.38 -0.75 -5.20
C LYS A 23 -7.84 -1.70 -4.13
N GLU A 24 -8.55 -1.77 -3.00
CA GLU A 24 -8.10 -2.46 -1.81
C GLU A 24 -8.47 -3.94 -1.81
N GLY A 25 -7.70 -4.75 -1.09
CA GLY A 25 -7.94 -6.18 -0.97
C GLY A 25 -8.91 -6.51 0.15
N PRO A 26 -9.10 -7.80 0.45
CA PRO A 26 -9.96 -8.26 1.53
C PRO A 26 -9.35 -7.91 2.87
N GLU A 27 -10.14 -7.99 3.95
CA GLU A 27 -9.65 -7.68 5.28
C GLU A 27 -8.54 -8.64 5.68
N GLY A 28 -7.43 -8.08 6.17
CA GLY A 28 -6.29 -8.87 6.64
C GLY A 28 -5.23 -9.02 5.56
N ALA A 29 -5.54 -8.62 4.32
CA ALA A 29 -4.60 -8.62 3.21
C ALA A 29 -3.94 -7.25 3.04
N ASN A 30 -4.23 -6.33 3.96
CA ASN A 30 -3.77 -4.95 3.88
C ASN A 30 -2.49 -4.80 4.70
N LEU A 31 -1.53 -4.01 4.22
CA LEU A 31 -0.25 -3.83 4.90
C LEU A 31 0.12 -2.36 5.05
N PHE A 32 1.03 -2.12 6.00
CA PHE A 32 1.66 -0.85 6.27
C PHE A 32 3.17 -0.86 6.19
N ILE A 33 3.74 0.26 5.75
CA ILE A 33 5.19 0.39 5.62
C ILE A 33 5.58 1.77 6.12
N TYR A 34 6.67 1.86 6.89
CA TYR A 34 7.10 3.12 7.47
C TYR A 34 8.63 3.14 7.38
N HIS A 35 9.22 4.24 7.86
CA HIS A 35 10.66 4.48 7.84
C HIS A 35 11.23 4.56 6.42
N LEU A 36 10.37 4.77 5.41
CA LEU A 36 10.81 4.86 4.03
C LEU A 36 11.60 6.16 3.81
N PRO A 37 12.66 6.12 2.99
CA PRO A 37 13.41 7.30 2.61
C PRO A 37 12.60 8.15 1.64
N GLN A 38 13.07 9.38 1.40
CA GLN A 38 12.33 10.34 0.58
C GLN A 38 12.34 9.97 -0.91
N GLU A 39 13.24 9.08 -1.33
CA GLU A 39 13.36 8.68 -2.72
C GLU A 39 12.25 7.71 -3.15
N PHE A 40 11.46 7.19 -2.20
CA PHE A 40 10.33 6.32 -2.49
C PHE A 40 9.11 6.99 -3.11
N GLY A 41 8.29 6.19 -3.78
CA GLY A 41 7.04 6.65 -4.38
C GLY A 41 6.09 5.47 -4.52
N ASP A 42 4.84 5.74 -4.89
CA ASP A 42 3.82 4.69 -4.99
C ASP A 42 4.15 3.59 -5.99
N GLN A 43 4.81 3.95 -7.10
CA GLN A 43 5.24 3.01 -8.10
C GLN A 43 6.46 2.21 -7.63
N ASP A 44 7.27 2.82 -6.76
CA ASP A 44 8.46 2.17 -6.24
C ASP A 44 8.18 1.14 -5.15
N ILE A 45 7.28 1.45 -4.22
CA ILE A 45 6.91 0.52 -3.17
C ILE A 45 6.09 -0.63 -3.76
N LEU A 46 5.43 -0.38 -4.90
CA LEU A 46 4.70 -1.42 -5.60
C LEU A 46 5.67 -2.50 -6.05
N GLN A 47 6.76 -2.10 -6.70
CA GLN A 47 7.77 -3.02 -7.21
C GLN A 47 8.48 -3.75 -6.07
N MET A 48 8.50 -3.16 -4.88
CA MET A 48 9.08 -3.81 -3.71
C MET A 48 8.17 -4.89 -3.15
N PHE A 49 6.86 -4.78 -3.41
CA PHE A 49 5.88 -5.73 -2.89
C PHE A 49 5.25 -6.72 -3.88
N MET A 50 5.44 -6.51 -5.18
CA MET A 50 4.86 -7.40 -6.19
C MET A 50 5.44 -8.83 -6.20
N PRO A 51 6.72 -9.08 -5.86
CA PRO A 51 7.26 -10.43 -5.88
C PRO A 51 6.70 -11.28 -4.74
N PHE A 52 6.02 -10.66 -3.77
CA PHE A 52 5.47 -11.37 -2.63
C PHE A 52 4.06 -11.90 -2.92
N GLY A 53 3.44 -11.42 -4.00
CA GLY A 53 2.11 -11.85 -4.39
C GLY A 53 1.40 -10.79 -5.22
N ASN A 54 0.13 -11.02 -5.56
CA ASN A 54 -0.63 -10.10 -6.38
C ASN A 54 -1.06 -8.88 -5.57
N VAL A 55 -0.40 -7.75 -5.83
CA VAL A 55 -0.73 -6.48 -5.19
C VAL A 55 -1.76 -5.76 -6.03
N ILE A 56 -2.91 -5.42 -5.45
CA ILE A 56 -3.96 -4.70 -6.17
C ILE A 56 -3.72 -3.19 -6.04
N SER A 57 -3.07 -2.77 -4.96
CA SER A 57 -2.87 -1.36 -4.68
C SER A 57 -1.58 -1.13 -3.89
N ALA A 58 -0.94 0.01 -4.16
CA ALA A 58 0.31 0.41 -3.52
C ALA A 58 0.36 1.93 -3.49
N LYS A 59 0.92 2.49 -2.41
CA LYS A 59 0.93 3.93 -2.19
C LYS A 59 2.04 4.34 -1.22
N VAL A 60 2.67 5.49 -1.50
CA VAL A 60 3.57 6.14 -0.56
C VAL A 60 2.93 7.48 -0.27
N PHE A 61 2.82 7.84 1.02
CA PHE A 61 2.08 9.02 1.41
C PHE A 61 2.78 10.35 1.14
N ILE A 62 2.00 11.39 0.83
CA ILE A 62 2.52 12.70 0.47
C ILE A 62 1.76 13.79 1.21
N ASP A 63 2.46 14.88 1.58
CA ASP A 63 1.83 16.01 2.25
C ASP A 63 1.26 16.94 1.18
N LYS A 64 -0.02 17.32 1.30
CA LYS A 64 -0.65 18.20 0.33
C LYS A 64 -0.21 19.66 0.49
N GLN A 65 0.49 19.98 1.59
CA GLN A 65 0.94 21.32 1.88
C GLN A 65 2.34 21.61 1.34
N THR A 66 3.12 20.55 1.10
CA THR A 66 4.52 20.67 0.70
C THR A 66 4.96 19.72 -0.39
N ASN A 67 4.09 18.75 -0.69
CA ASN A 67 4.34 17.71 -1.68
C ASN A 67 5.55 16.83 -1.35
N LEU A 68 6.10 16.97 -0.14
CA LEU A 68 7.21 16.15 0.32
C LEU A 68 6.68 14.80 0.84
N SER A 69 7.58 13.81 0.89
CA SER A 69 7.21 12.46 1.31
C SER A 69 6.88 12.39 2.80
N LYS A 70 5.89 11.58 3.14
CA LYS A 70 5.51 11.31 4.52
C LYS A 70 6.37 10.20 5.14
N CYS A 71 7.30 9.65 4.34
CA CYS A 71 8.21 8.59 4.78
C CYS A 71 7.51 7.29 5.21
N PHE A 72 6.26 7.07 4.80
CA PHE A 72 5.58 5.83 5.10
C PHE A 72 4.50 5.69 4.02
N GLY A 73 3.86 4.52 3.95
CA GLY A 73 2.90 4.23 2.88
C GLY A 73 1.99 3.05 3.19
N PHE A 74 1.28 2.60 2.15
CA PHE A 74 0.26 1.56 2.19
C PHE A 74 0.26 0.61 0.99
N VAL A 75 -0.05 -0.68 1.22
CA VAL A 75 -0.05 -1.70 0.18
C VAL A 75 -1.15 -2.72 0.52
N SER A 76 -1.70 -3.42 -0.47
CA SER A 76 -2.72 -4.43 -0.22
C SER A 76 -2.67 -5.57 -1.23
N TYR A 77 -2.99 -6.78 -0.76
CA TYR A 77 -2.98 -7.99 -1.57
C TYR A 77 -4.35 -8.53 -1.98
N ASP A 78 -4.39 -9.40 -3.00
CA ASP A 78 -5.62 -10.06 -3.41
C ASP A 78 -5.93 -11.20 -2.44
N ASN A 79 -4.99 -11.55 -1.57
CA ASN A 79 -5.18 -12.54 -0.53
C ASN A 79 -4.24 -12.30 0.64
N PRO A 80 -4.68 -12.61 1.87
CA PRO A 80 -3.93 -12.34 3.08
C PRO A 80 -2.67 -13.19 3.19
N VAL A 81 -2.61 -14.32 2.49
CA VAL A 81 -1.46 -15.20 2.57
C VAL A 81 -0.20 -14.52 2.04
N SER A 82 -0.34 -13.75 0.95
CA SER A 82 0.77 -13.01 0.37
C SER A 82 1.13 -11.80 1.23
N ALA A 83 0.16 -11.30 2.00
CA ALA A 83 0.39 -10.14 2.84
C ALA A 83 1.26 -10.49 4.04
N GLN A 84 0.92 -11.58 4.74
CA GLN A 84 1.67 -11.96 5.93
C GLN A 84 3.09 -12.40 5.55
N ALA A 85 3.27 -12.93 4.35
CA ALA A 85 4.59 -13.28 3.86
C ALA A 85 5.40 -12.01 3.63
N ALA A 86 4.78 -10.99 3.03
CA ALA A 86 5.44 -9.73 2.74
C ALA A 86 5.83 -8.97 4.01
N ILE A 87 5.12 -9.15 5.12
CA ILE A 87 5.52 -8.54 6.38
C ILE A 87 6.87 -9.11 6.80
N GLN A 88 6.95 -10.45 6.87
CA GLN A 88 8.16 -11.12 7.27
C GLN A 88 9.28 -10.94 6.24
N ALA A 89 8.93 -10.43 5.05
CA ALA A 89 9.88 -10.24 3.97
C ALA A 89 10.57 -8.88 4.03
N MET A 90 9.88 -7.83 4.52
CA MET A 90 10.46 -6.49 4.54
C MET A 90 10.49 -5.84 5.93
N ASN A 91 9.80 -6.40 6.92
CA ASN A 91 9.92 -5.90 8.28
C ASN A 91 11.38 -6.08 8.73
N GLY A 92 12.00 -4.99 9.20
CA GLY A 92 13.39 -5.03 9.62
C GLY A 92 14.37 -4.84 8.46
N PHE A 93 13.88 -4.57 7.24
CA PHE A 93 14.75 -4.36 6.09
C PHE A 93 15.56 -3.08 6.29
N GLN A 94 16.90 -3.18 6.37
CA GLN A 94 17.72 -2.01 6.61
C GLN A 94 17.83 -1.13 5.36
N ILE A 95 17.59 0.17 5.52
CA ILE A 95 17.75 1.14 4.46
C ILE A 95 18.27 2.44 5.07
N GLY A 96 19.42 2.91 4.62
CA GLY A 96 20.03 4.08 5.24
C GLY A 96 20.34 3.79 6.72
N MET A 97 20.05 4.77 7.58
CA MET A 97 20.36 4.69 9.01
C MET A 97 19.27 4.01 9.84
N LYS A 98 18.21 3.46 9.23
CA LYS A 98 17.13 2.83 9.98
C LYS A 98 16.50 1.67 9.21
N ARG A 99 15.79 0.79 9.90
CA ARG A 99 15.14 -0.36 9.28
C ARG A 99 13.68 -0.08 8.99
N LEU A 100 13.16 -0.60 7.89
CA LEU A 100 11.76 -0.45 7.53
C LEU A 100 10.86 -1.18 8.51
N LYS A 101 9.89 -0.48 9.08
CA LYS A 101 8.87 -1.09 9.90
C LYS A 101 7.71 -1.50 8.99
N VAL A 102 7.13 -2.68 9.23
CA VAL A 102 5.98 -3.16 8.47
C VAL A 102 4.93 -3.70 9.44
N GLN A 103 3.66 -3.41 9.19
CA GLN A 103 2.59 -3.78 10.12
C GLN A 103 1.27 -4.01 9.38
N LEU A 104 0.31 -4.70 10.02
CA LEU A 104 -1.02 -4.89 9.47
C LEU A 104 -1.90 -3.67 9.72
N LYS A 105 -2.83 -3.38 8.80
CA LYS A 105 -3.80 -2.30 8.94
C LYS A 105 -4.69 -2.52 10.18
N ARG A 106 -5.08 -1.44 10.86
CA ARG A 106 -5.93 -1.54 12.06
C ARG A 106 -7.39 -1.59 11.68
N SER A 107 -8.23 -2.09 12.60
CA SER A 107 -9.68 -2.01 12.45
C SER A 107 -10.17 -0.63 12.87
N LYS A 108 -11.34 -0.23 12.37
CA LYS A 108 -11.96 1.03 12.73
C LYS A 108 -13.07 0.83 13.77
N ASN A 109 -13.36 -0.43 14.13
CA ASN A 109 -14.43 -0.75 15.06
C ASN A 109 -14.10 -0.31 16.50
N ASP A 110 -12.85 0.04 16.76
CA ASP A 110 -12.42 0.51 18.06
C ASP A 110 -12.03 1.99 18.07
N SER A 111 -11.81 2.56 16.89
CA SER A 111 -11.46 3.96 16.73
C SER A 111 -12.71 4.86 16.88
N LYS A 112 -13.90 4.28 16.65
CA LYS A 112 -15.15 5.03 16.79
C LYS A 112 -15.45 5.31 18.26
N PRO A 113 -16.14 6.42 18.55
CA PRO A 113 -16.53 6.81 19.90
C PRO A 113 -17.73 5.99 20.40
N TRP A 114 -18.46 5.34 19.48
CA TRP A 114 -19.64 4.57 19.82
C TRP A 114 -19.30 3.21 20.43
N MET A 1 -17.82 1.01 -22.27
CA MET A 1 -16.79 0.38 -23.11
C MET A 1 -15.45 0.34 -22.39
N GLY A 2 -14.60 -0.62 -22.73
CA GLY A 2 -13.28 -0.77 -22.13
C GLY A 2 -12.26 0.20 -22.71
N SER A 3 -12.66 0.94 -23.76
CA SER A 3 -11.81 1.93 -24.42
C SER A 3 -12.68 2.96 -25.13
N SER A 4 -12.05 4.02 -25.64
CA SER A 4 -12.74 5.10 -26.34
C SER A 4 -13.88 5.69 -25.50
N HIS A 5 -13.73 5.67 -24.17
CA HIS A 5 -14.74 6.16 -23.24
C HIS A 5 -14.91 7.68 -23.39
N HIS A 6 -16.05 8.19 -22.93
CA HIS A 6 -16.41 9.60 -23.05
C HIS A 6 -15.50 10.51 -22.21
N HIS A 7 -14.71 9.94 -21.32
CA HIS A 7 -13.78 10.71 -20.50
C HIS A 7 -12.60 9.84 -20.04
N HIS A 8 -11.62 10.46 -19.37
CA HIS A 8 -10.43 9.79 -18.89
C HIS A 8 -10.01 10.32 -17.52
N HIS A 9 -10.89 11.08 -16.87
CA HIS A 9 -10.64 11.63 -15.54
C HIS A 9 -10.60 10.53 -14.49
N HIS A 10 -10.25 10.88 -13.25
CA HIS A 10 -10.15 9.93 -12.16
C HIS A 10 -11.48 9.20 -11.95
N SER A 11 -12.59 9.86 -12.28
CA SER A 11 -13.93 9.31 -12.23
C SER A 11 -14.36 8.79 -10.84
N SER A 12 -15.68 8.58 -10.68
CA SER A 12 -16.23 7.97 -9.48
C SER A 12 -16.15 6.46 -9.56
N GLY A 13 -15.67 5.92 -10.69
CA GLY A 13 -15.54 4.49 -10.91
C GLY A 13 -16.10 4.06 -12.26
N LEU A 14 -16.69 4.99 -13.01
CA LEU A 14 -17.28 4.71 -14.31
C LEU A 14 -16.21 4.50 -15.38
N VAL A 15 -15.00 5.04 -15.16
CA VAL A 15 -13.89 4.88 -16.09
C VAL A 15 -13.40 3.43 -16.12
N PRO A 16 -13.11 2.86 -17.30
CA PRO A 16 -12.63 1.49 -17.44
C PRO A 16 -11.24 1.29 -16.83
N ARG A 17 -10.58 2.38 -16.43
CA ARG A 17 -9.28 2.34 -15.75
C ARG A 17 -9.44 1.81 -14.32
N GLY A 18 -10.68 1.72 -13.83
CA GLY A 18 -10.96 1.26 -12.47
C GLY A 18 -10.76 2.36 -11.45
N SER A 19 -10.68 3.61 -11.94
CA SER A 19 -10.42 4.80 -11.16
C SER A 19 -9.07 4.77 -10.44
N HIS A 20 -8.56 5.96 -10.13
CA HIS A 20 -7.31 6.13 -9.41
C HIS A 20 -7.49 5.94 -7.90
N MET A 21 -8.73 5.75 -7.45
CA MET A 21 -9.01 5.58 -6.03
C MET A 21 -8.37 4.29 -5.51
N GLN A 22 -8.10 4.26 -4.19
CA GLN A 22 -7.49 3.12 -3.54
C GLN A 22 -8.40 1.89 -3.60
N LYS A 23 -7.78 0.71 -3.58
CA LYS A 23 -8.49 -0.56 -3.58
C LYS A 23 -7.90 -1.48 -2.51
N GLU A 24 -8.69 -2.43 -2.02
CA GLU A 24 -8.26 -3.37 -1.01
C GLU A 24 -8.84 -4.76 -1.24
N GLY A 25 -8.15 -5.78 -0.73
CA GLY A 25 -8.60 -7.17 -0.80
C GLY A 25 -9.45 -7.53 0.42
N PRO A 26 -9.50 -8.81 0.78
CA PRO A 26 -10.23 -9.32 1.93
C PRO A 26 -9.56 -8.87 3.23
N GLU A 27 -10.16 -9.21 4.38
CA GLU A 27 -9.61 -8.84 5.67
C GLU A 27 -8.22 -9.46 5.86
N GLY A 28 -7.30 -8.66 6.40
CA GLY A 28 -5.94 -9.10 6.68
C GLY A 28 -5.03 -9.04 5.46
N ALA A 29 -5.57 -8.66 4.29
CA ALA A 29 -4.84 -8.59 3.04
C ALA A 29 -4.32 -7.17 2.77
N ASN A 30 -3.91 -6.44 3.81
CA ASN A 30 -3.47 -5.06 3.66
C ASN A 30 -2.32 -4.75 4.62
N LEU A 31 -1.33 -3.98 4.16
CA LEU A 31 -0.11 -3.76 4.92
C LEU A 31 0.25 -2.29 5.06
N PHE A 32 0.96 -2.00 6.15
CA PHE A 32 1.60 -0.73 6.43
C PHE A 32 3.11 -0.77 6.33
N ILE A 33 3.72 0.28 5.78
CA ILE A 33 5.17 0.33 5.62
C ILE A 33 5.64 1.73 6.04
N TYR A 34 6.55 1.80 7.01
CA TYR A 34 7.02 3.07 7.53
C TYR A 34 8.55 3.09 7.44
N HIS A 35 9.13 4.22 7.86
CA HIS A 35 10.57 4.50 7.87
C HIS A 35 11.17 4.58 6.47
N LEU A 36 10.34 4.71 5.43
CA LEU A 36 10.81 4.80 4.06
C LEU A 36 11.52 6.14 3.83
N PRO A 37 12.66 6.15 3.13
CA PRO A 37 13.37 7.36 2.77
C PRO A 37 12.65 8.13 1.66
N GLN A 38 13.16 9.34 1.36
CA GLN A 38 12.56 10.26 0.41
C GLN A 38 12.56 9.72 -1.03
N GLU A 39 13.44 8.76 -1.33
CA GLU A 39 13.55 8.23 -2.69
C GLU A 39 12.39 7.30 -3.06
N PHE A 40 11.51 6.99 -2.10
CA PHE A 40 10.31 6.19 -2.37
C PHE A 40 9.15 6.93 -3.02
N GLY A 41 8.27 6.17 -3.67
CA GLY A 41 7.09 6.70 -4.31
C GLY A 41 6.07 5.58 -4.51
N ASP A 42 4.87 5.92 -5.00
CA ASP A 42 3.81 4.95 -5.18
C ASP A 42 4.16 3.80 -6.13
N GLN A 43 4.87 4.12 -7.21
CA GLN A 43 5.31 3.13 -8.19
C GLN A 43 6.49 2.32 -7.65
N ASP A 44 7.31 2.95 -6.79
CA ASP A 44 8.47 2.29 -6.22
C ASP A 44 8.14 1.30 -5.10
N ILE A 45 7.18 1.62 -4.24
CA ILE A 45 6.76 0.71 -3.20
C ILE A 45 5.93 -0.42 -3.82
N LEU A 46 5.31 -0.17 -4.98
CA LEU A 46 4.58 -1.19 -5.70
C LEU A 46 5.56 -2.25 -6.20
N GLN A 47 6.61 -1.82 -6.90
CA GLN A 47 7.59 -2.73 -7.46
C GLN A 47 8.35 -3.48 -6.37
N MET A 48 8.39 -2.93 -5.16
CA MET A 48 9.01 -3.59 -4.02
C MET A 48 8.12 -4.70 -3.47
N PHE A 49 6.79 -4.55 -3.64
CA PHE A 49 5.82 -5.49 -3.11
C PHE A 49 5.15 -6.46 -4.07
N MET A 50 5.31 -6.24 -5.38
CA MET A 50 4.70 -7.13 -6.37
C MET A 50 5.29 -8.56 -6.41
N PRO A 51 6.57 -8.80 -6.09
CA PRO A 51 7.10 -10.17 -6.12
C PRO A 51 6.58 -11.01 -4.96
N PHE A 52 5.92 -10.38 -3.97
CA PHE A 52 5.37 -11.08 -2.82
C PHE A 52 3.97 -11.62 -3.11
N GLY A 53 3.32 -11.13 -4.17
CA GLY A 53 1.99 -11.57 -4.55
C GLY A 53 1.27 -10.52 -5.38
N ASN A 54 -0.01 -10.75 -5.67
CA ASN A 54 -0.78 -9.84 -6.50
C ASN A 54 -1.22 -8.62 -5.70
N VAL A 55 -0.52 -7.50 -5.91
CA VAL A 55 -0.84 -6.24 -5.26
C VAL A 55 -1.97 -5.56 -6.02
N ILE A 56 -3.07 -5.25 -5.33
CA ILE A 56 -4.21 -4.57 -5.96
C ILE A 56 -4.00 -3.06 -5.94
N SER A 57 -3.30 -2.56 -4.92
CA SER A 57 -3.07 -1.14 -4.76
C SER A 57 -1.78 -0.89 -3.98
N ALA A 58 -1.11 0.23 -4.28
CA ALA A 58 0.13 0.61 -3.64
C ALA A 58 0.27 2.12 -3.70
N LYS A 59 0.74 2.73 -2.61
CA LYS A 59 0.82 4.17 -2.49
C LYS A 59 1.84 4.58 -1.43
N VAL A 60 2.54 5.70 -1.68
CA VAL A 60 3.38 6.32 -0.66
C VAL A 60 2.68 7.62 -0.30
N PHE A 61 2.58 7.94 0.99
CA PHE A 61 1.88 9.13 1.44
C PHE A 61 2.54 10.43 1.01
N ILE A 62 1.74 11.50 0.83
CA ILE A 62 2.24 12.79 0.37
C ILE A 62 1.77 13.90 1.32
N ASP A 63 2.63 14.88 1.55
CA ASP A 63 2.29 16.05 2.36
C ASP A 63 1.68 17.12 1.44
N LYS A 64 0.54 17.69 1.85
CA LYS A 64 -0.16 18.70 1.06
C LYS A 64 0.54 20.05 1.14
N GLN A 65 1.50 20.20 2.06
CA GLN A 65 2.22 21.46 2.27
C GLN A 65 3.49 21.56 1.43
N THR A 66 4.04 20.42 0.99
CA THR A 66 5.29 20.36 0.26
C THR A 66 5.28 19.44 -0.94
N ASN A 67 4.25 18.58 -1.01
CA ASN A 67 4.08 17.60 -2.06
C ASN A 67 5.22 16.58 -2.13
N LEU A 68 6.11 16.58 -1.14
CA LEU A 68 7.18 15.60 -1.04
C LEU A 68 6.66 14.30 -0.43
N SER A 69 7.41 13.21 -0.65
CA SER A 69 7.03 11.90 -0.12
C SER A 69 7.15 11.88 1.39
N LYS A 70 6.14 11.31 2.07
CA LYS A 70 6.19 11.08 3.50
C LYS A 70 7.04 9.86 3.80
N CYS A 71 7.38 9.66 5.08
CA CYS A 71 8.25 8.58 5.52
C CYS A 71 7.57 7.21 5.56
N PHE A 72 6.39 7.04 4.96
CA PHE A 72 5.70 5.77 5.04
C PHE A 72 4.69 5.69 3.88
N GLY A 73 4.09 4.51 3.72
CA GLY A 73 3.18 4.20 2.62
C GLY A 73 2.20 3.07 2.98
N PHE A 74 1.44 2.65 1.98
CA PHE A 74 0.39 1.64 2.07
C PHE A 74 0.30 0.69 0.87
N VAL A 75 0.00 -0.59 1.12
CA VAL A 75 -0.08 -1.63 0.08
C VAL A 75 -1.17 -2.64 0.42
N SER A 76 -1.77 -3.31 -0.58
CA SER A 76 -2.80 -4.32 -0.33
C SER A 76 -2.76 -5.45 -1.36
N TYR A 77 -3.11 -6.66 -0.90
CA TYR A 77 -3.13 -7.87 -1.70
C TYR A 77 -4.53 -8.45 -1.97
N ASP A 78 -4.63 -9.42 -2.87
CA ASP A 78 -5.89 -10.13 -3.10
C ASP A 78 -6.12 -11.25 -2.09
N ASN A 79 -5.10 -11.56 -1.28
CA ASN A 79 -5.19 -12.56 -0.22
C ASN A 79 -4.21 -12.24 0.91
N PRO A 80 -4.53 -12.65 2.14
CA PRO A 80 -3.69 -12.40 3.31
C PRO A 80 -2.42 -13.25 3.27
N VAL A 81 -2.41 -14.33 2.49
CA VAL A 81 -1.23 -15.20 2.42
C VAL A 81 -0.03 -14.45 1.88
N SER A 82 -0.23 -13.70 0.78
CA SER A 82 0.84 -12.90 0.19
C SER A 82 1.17 -11.72 1.09
N ALA A 83 0.22 -11.26 1.90
CA ALA A 83 0.44 -10.13 2.76
C ALA A 83 1.36 -10.50 3.92
N GLN A 84 1.11 -11.64 4.58
CA GLN A 84 1.93 -12.05 5.71
C GLN A 84 3.34 -12.40 5.28
N ALA A 85 3.52 -12.85 4.04
CA ALA A 85 4.85 -13.11 3.51
C ALA A 85 5.60 -11.79 3.33
N ALA A 86 4.92 -10.76 2.82
CA ALA A 86 5.53 -9.48 2.57
C ALA A 86 5.91 -8.75 3.87
N ILE A 87 5.21 -9.04 4.98
CA ILE A 87 5.60 -8.46 6.27
C ILE A 87 6.95 -9.01 6.67
N GLN A 88 7.09 -10.34 6.65
CA GLN A 88 8.33 -10.98 7.03
C GLN A 88 9.44 -10.71 6.01
N ALA A 89 9.08 -10.16 4.85
CA ALA A 89 10.04 -9.88 3.79
C ALA A 89 10.65 -8.48 3.91
N MET A 90 9.93 -7.51 4.50
CA MET A 90 10.44 -6.15 4.60
C MET A 90 10.56 -5.65 6.03
N ASN A 91 9.81 -6.23 6.97
CA ASN A 91 9.92 -5.83 8.36
C ASN A 91 11.38 -6.05 8.81
N GLY A 92 11.99 -5.00 9.35
CA GLY A 92 13.38 -5.05 9.79
C GLY A 92 14.40 -4.77 8.68
N PHE A 93 13.95 -4.45 7.46
CA PHE A 93 14.86 -4.18 6.35
C PHE A 93 15.70 -2.93 6.62
N GLN A 94 17.03 -3.07 6.64
CA GLN A 94 17.90 -1.96 6.99
C GLN A 94 18.04 -0.96 5.84
N ILE A 95 17.73 0.31 6.13
CA ILE A 95 17.83 1.40 5.17
C ILE A 95 17.87 2.74 5.91
N GLY A 96 18.76 3.66 5.49
CA GLY A 96 18.77 5.00 6.05
C GLY A 96 19.12 5.03 7.54
N MET A 97 20.06 4.18 7.96
CA MET A 97 20.50 4.08 9.35
C MET A 97 19.39 3.65 10.31
N LYS A 98 18.29 3.11 9.76
CA LYS A 98 17.17 2.55 10.52
C LYS A 98 16.65 1.30 9.82
N ARG A 99 15.63 0.66 10.38
CA ARG A 99 15.01 -0.50 9.77
C ARG A 99 13.55 -0.22 9.45
N LEU A 100 13.07 -0.65 8.28
CA LEU A 100 11.69 -0.45 7.88
C LEU A 100 10.75 -1.21 8.81
N LYS A 101 9.73 -0.51 9.32
CA LYS A 101 8.68 -1.11 10.12
C LYS A 101 7.54 -1.51 9.20
N VAL A 102 6.99 -2.71 9.40
CA VAL A 102 5.84 -3.19 8.64
C VAL A 102 4.80 -3.77 9.60
N GLN A 103 3.51 -3.50 9.34
CA GLN A 103 2.46 -3.94 10.25
C GLN A 103 1.12 -4.08 9.52
N LEU A 104 0.20 -4.87 10.10
CA LEU A 104 -1.14 -5.06 9.57
C LEU A 104 -2.01 -3.83 9.81
N LYS A 105 -3.04 -3.65 8.97
CA LYS A 105 -4.05 -2.62 9.12
C LYS A 105 -4.93 -2.93 10.33
N ARG A 106 -5.71 -1.96 10.81
CA ARG A 106 -6.59 -2.15 11.96
C ARG A 106 -7.63 -3.23 11.68
N SER A 107 -8.11 -3.88 12.74
CA SER A 107 -9.14 -4.91 12.64
C SER A 107 -10.48 -4.32 12.25
N LYS A 108 -11.37 -5.15 11.71
CA LYS A 108 -12.72 -4.73 11.34
C LYS A 108 -13.55 -4.42 12.58
N ASN A 109 -13.07 -4.80 13.77
CA ASN A 109 -13.73 -4.48 15.02
C ASN A 109 -13.34 -3.07 15.48
N ASP A 110 -12.43 -2.41 14.77
CA ASP A 110 -11.93 -1.09 15.15
C ASP A 110 -11.97 -0.15 13.93
N SER A 111 -12.40 -0.65 12.77
CA SER A 111 -12.53 0.16 11.56
C SER A 111 -13.80 1.01 11.60
N LYS A 112 -14.58 0.89 12.69
CA LYS A 112 -15.84 1.60 12.86
C LYS A 112 -16.00 2.14 14.28
N PRO A 113 -16.83 3.18 14.47
CA PRO A 113 -17.10 3.78 15.77
C PRO A 113 -18.03 2.94 16.62
N TRP A 114 -18.71 1.96 16.01
CA TRP A 114 -19.68 1.11 16.69
C TRP A 114 -19.05 0.21 17.75
N MET A 1 -18.73 28.01 21.97
CA MET A 1 -17.36 27.66 22.40
C MET A 1 -16.57 28.93 22.72
N GLY A 2 -15.49 28.80 23.49
CA GLY A 2 -14.64 29.92 23.84
C GLY A 2 -13.51 29.50 24.79
N SER A 3 -12.54 30.40 24.99
CA SER A 3 -11.38 30.17 25.84
C SER A 3 -10.56 28.93 25.46
N SER A 4 -10.82 28.37 24.27
CA SER A 4 -10.12 27.19 23.78
C SER A 4 -10.34 27.05 22.28
N HIS A 5 -9.45 26.33 21.60
CA HIS A 5 -9.59 26.04 20.18
C HIS A 5 -10.72 25.04 19.94
N HIS A 6 -11.17 24.37 21.02
CA HIS A 6 -12.22 23.35 20.97
C HIS A 6 -11.86 22.19 20.03
N HIS A 7 -12.78 21.24 19.87
CA HIS A 7 -12.61 20.11 18.95
C HIS A 7 -12.73 20.55 17.49
N HIS A 8 -12.85 21.86 17.26
CA HIS A 8 -13.04 22.46 15.94
C HIS A 8 -14.33 21.99 15.25
N HIS A 9 -14.71 22.68 14.18
CA HIS A 9 -15.91 22.37 13.42
C HIS A 9 -15.71 21.10 12.59
N HIS A 10 -16.83 20.48 12.19
CA HIS A 10 -16.86 19.22 11.44
C HIS A 10 -16.19 18.07 12.19
N SER A 11 -16.41 16.84 11.72
CA SER A 11 -15.82 15.65 12.34
C SER A 11 -14.31 15.61 12.14
N SER A 12 -13.81 16.37 11.15
CA SER A 12 -12.40 16.45 10.82
C SER A 12 -11.81 15.08 10.45
N GLY A 13 -12.67 14.11 10.13
CA GLY A 13 -12.26 12.77 9.75
C GLY A 13 -11.92 12.69 8.27
N LEU A 14 -11.46 11.52 7.83
CA LEU A 14 -11.11 11.31 6.43
C LEU A 14 -12.34 11.27 5.54
N VAL A 15 -12.13 11.40 4.22
CA VAL A 15 -13.20 11.36 3.23
C VAL A 15 -12.65 10.85 1.90
N PRO A 16 -13.40 9.98 1.20
CA PRO A 16 -13.01 9.49 -0.12
C PRO A 16 -12.78 10.64 -1.10
N ARG A 17 -11.72 10.53 -1.91
CA ARG A 17 -11.41 11.51 -2.94
C ARG A 17 -12.23 11.25 -4.20
N GLY A 18 -12.19 12.19 -5.14
CA GLY A 18 -12.89 12.07 -6.41
C GLY A 18 -12.22 11.06 -7.36
N SER A 19 -11.05 10.54 -6.97
CA SER A 19 -10.33 9.55 -7.74
C SER A 19 -10.89 8.15 -7.51
N HIS A 20 -10.51 7.20 -8.37
CA HIS A 20 -10.96 5.81 -8.28
C HIS A 20 -9.82 4.84 -8.56
N MET A 21 -8.58 5.32 -8.62
CA MET A 21 -7.42 4.48 -8.92
C MET A 21 -7.03 3.61 -7.72
N GLN A 22 -7.65 3.83 -6.57
CA GLN A 22 -7.39 3.03 -5.38
C GLN A 22 -8.27 1.78 -5.35
N LYS A 23 -7.70 0.66 -4.87
CA LYS A 23 -8.39 -0.61 -4.73
C LYS A 23 -7.91 -1.29 -3.45
N GLU A 24 -8.72 -2.23 -2.93
CA GLU A 24 -8.41 -2.93 -1.69
C GLU A 24 -8.80 -4.40 -1.77
N GLY A 25 -8.05 -5.24 -1.06
CA GLY A 25 -8.33 -6.67 -0.97
C GLY A 25 -9.26 -6.97 0.22
N PRO A 26 -9.39 -8.27 0.58
CA PRO A 26 -10.20 -8.71 1.70
C PRO A 26 -9.56 -8.28 3.03
N GLU A 27 -10.27 -8.50 4.14
CA GLU A 27 -9.77 -8.14 5.45
C GLU A 27 -8.51 -8.96 5.79
N GLY A 28 -7.52 -8.29 6.38
CA GLY A 28 -6.27 -8.94 6.77
C GLY A 28 -5.27 -9.03 5.61
N ALA A 29 -5.67 -8.55 4.42
CA ALA A 29 -4.86 -8.60 3.23
C ALA A 29 -4.31 -7.23 2.86
N ASN A 30 -4.04 -6.39 3.86
CA ASN A 30 -3.57 -5.03 3.62
C ASN A 30 -2.43 -4.66 4.59
N LEU A 31 -1.42 -3.96 4.09
CA LEU A 31 -0.20 -3.71 4.84
C LEU A 31 0.14 -2.22 4.93
N PHE A 32 0.96 -1.93 5.94
CA PHE A 32 1.59 -0.65 6.17
C PHE A 32 3.10 -0.66 6.13
N ILE A 33 3.70 0.42 5.63
CA ILE A 33 5.14 0.53 5.49
C ILE A 33 5.55 1.93 5.94
N TYR A 34 6.63 2.04 6.73
CA TYR A 34 7.07 3.32 7.24
C TYR A 34 8.60 3.33 7.19
N HIS A 35 9.19 4.45 7.64
CA HIS A 35 10.63 4.69 7.64
C HIS A 35 11.24 4.72 6.24
N LEU A 36 10.41 4.83 5.20
CA LEU A 36 10.88 4.88 3.82
C LEU A 36 11.65 6.18 3.57
N PRO A 37 12.72 6.13 2.77
CA PRO A 37 13.43 7.32 2.34
C PRO A 37 12.59 8.12 1.36
N GLN A 38 13.02 9.36 1.09
CA GLN A 38 12.26 10.30 0.26
C GLN A 38 12.18 9.85 -1.20
N GLU A 39 13.06 8.93 -1.62
CA GLU A 39 13.14 8.49 -3.01
C GLU A 39 12.02 7.51 -3.38
N PHE A 40 11.26 7.00 -2.41
CA PHE A 40 10.14 6.12 -2.69
C PHE A 40 8.93 6.78 -3.35
N GLY A 41 8.10 5.96 -4.02
CA GLY A 41 6.89 6.42 -4.68
C GLY A 41 5.92 5.26 -4.86
N ASP A 42 4.72 5.54 -5.39
CA ASP A 42 3.67 4.54 -5.53
C ASP A 42 4.14 3.39 -6.39
N GLN A 43 4.95 3.68 -7.41
CA GLN A 43 5.44 2.67 -8.33
C GLN A 43 6.62 1.91 -7.73
N ASP A 44 7.43 2.60 -6.92
CA ASP A 44 8.59 2.00 -6.30
C ASP A 44 8.25 1.05 -5.15
N ILE A 45 7.24 1.40 -4.35
CA ILE A 45 6.79 0.53 -3.28
C ILE A 45 5.97 -0.63 -3.88
N LEU A 46 5.38 -0.41 -5.05
CA LEU A 46 4.63 -1.45 -5.74
C LEU A 46 5.59 -2.55 -6.18
N GLN A 47 6.67 -2.20 -6.88
CA GLN A 47 7.63 -3.18 -7.36
C GLN A 47 8.41 -3.82 -6.23
N MET A 48 8.49 -3.14 -5.08
CA MET A 48 9.13 -3.70 -3.90
C MET A 48 8.23 -4.79 -3.29
N PHE A 49 6.92 -4.69 -3.51
CA PHE A 49 5.95 -5.64 -2.96
C PHE A 49 5.32 -6.66 -3.92
N MET A 50 5.47 -6.47 -5.24
CA MET A 50 4.90 -7.39 -6.22
C MET A 50 5.50 -8.81 -6.22
N PRO A 51 6.78 -9.04 -5.88
CA PRO A 51 7.31 -10.40 -5.86
C PRO A 51 6.79 -11.22 -4.68
N PHE A 52 6.09 -10.58 -3.74
CA PHE A 52 5.53 -11.25 -2.58
C PHE A 52 4.15 -11.83 -2.87
N GLY A 53 3.51 -11.40 -3.97
CA GLY A 53 2.20 -11.89 -4.37
C GLY A 53 1.46 -10.85 -5.20
N ASN A 54 0.18 -11.11 -5.50
CA ASN A 54 -0.61 -10.21 -6.34
C ASN A 54 -1.02 -8.97 -5.55
N VAL A 55 -0.33 -7.86 -5.79
CA VAL A 55 -0.66 -6.59 -5.17
C VAL A 55 -1.84 -5.96 -5.92
N ILE A 56 -2.88 -5.60 -5.17
CA ILE A 56 -4.07 -4.98 -5.74
C ILE A 56 -3.88 -3.46 -5.85
N SER A 57 -3.11 -2.87 -4.94
CA SER A 57 -2.86 -1.43 -4.95
C SER A 57 -1.59 -1.11 -4.17
N ALA A 58 -1.00 0.05 -4.46
CA ALA A 58 0.21 0.52 -3.83
C ALA A 58 0.20 2.04 -3.79
N LYS A 59 0.72 2.63 -2.70
CA LYS A 59 0.68 4.06 -2.47
C LYS A 59 1.77 4.49 -1.50
N VAL A 60 2.48 5.58 -1.83
CA VAL A 60 3.38 6.23 -0.89
C VAL A 60 2.73 7.56 -0.56
N PHE A 61 2.65 7.89 0.73
CA PHE A 61 1.94 9.08 1.17
C PHE A 61 2.64 10.41 0.92
N ILE A 62 1.86 11.47 0.72
CA ILE A 62 2.38 12.80 0.43
C ILE A 62 1.76 13.81 1.39
N ASP A 63 2.55 14.79 1.85
CA ASP A 63 2.05 15.81 2.77
C ASP A 63 1.52 16.97 1.93
N LYS A 64 0.36 17.53 2.33
CA LYS A 64 -0.27 18.62 1.59
C LYS A 64 0.40 19.97 1.87
N GLN A 65 1.30 20.03 2.86
CA GLN A 65 1.99 21.26 3.22
C GLN A 65 3.32 21.43 2.50
N THR A 66 3.91 20.34 2.03
CA THR A 66 5.23 20.34 1.42
C THR A 66 5.34 19.56 0.13
N ASN A 67 4.31 18.74 -0.15
CA ASN A 67 4.23 17.88 -1.32
C ASN A 67 5.35 16.84 -1.35
N LEU A 68 6.13 16.74 -0.27
CA LEU A 68 7.14 15.71 -0.11
C LEU A 68 6.52 14.43 0.42
N SER A 69 7.22 13.30 0.28
CA SER A 69 6.74 12.03 0.81
C SER A 69 6.73 12.05 2.33
N LYS A 70 5.69 11.46 2.93
CA LYS A 70 5.57 11.34 4.37
C LYS A 70 6.40 10.18 4.91
N CYS A 71 7.30 9.64 4.08
CA CYS A 71 8.21 8.56 4.45
C CYS A 71 7.51 7.26 4.85
N PHE A 72 6.25 7.06 4.45
CA PHE A 72 5.55 5.82 4.75
C PHE A 72 4.47 5.68 3.67
N GLY A 73 3.83 4.51 3.60
CA GLY A 73 2.89 4.20 2.55
C GLY A 73 1.97 3.03 2.89
N PHE A 74 1.19 2.62 1.88
CA PHE A 74 0.18 1.58 1.95
C PHE A 74 0.16 0.62 0.76
N VAL A 75 -0.10 -0.66 1.02
CA VAL A 75 -0.11 -1.71 0.00
C VAL A 75 -1.20 -2.72 0.34
N SER A 76 -1.74 -3.42 -0.67
CA SER A 76 -2.80 -4.40 -0.44
C SER A 76 -2.66 -5.61 -1.36
N TYR A 77 -3.10 -6.78 -0.89
CA TYR A 77 -3.05 -8.04 -1.62
C TYR A 77 -4.40 -8.66 -1.97
N ASP A 78 -4.42 -9.55 -2.96
CA ASP A 78 -5.62 -10.29 -3.33
C ASP A 78 -5.97 -11.36 -2.30
N ASN A 79 -5.01 -11.68 -1.43
CA ASN A 79 -5.18 -12.63 -0.35
C ASN A 79 -4.23 -12.33 0.81
N PRO A 80 -4.63 -12.65 2.04
CA PRO A 80 -3.86 -12.34 3.24
C PRO A 80 -2.57 -13.17 3.32
N VAL A 81 -2.51 -14.30 2.62
CA VAL A 81 -1.33 -15.16 2.67
C VAL A 81 -0.09 -14.47 2.10
N SER A 82 -0.27 -13.73 1.00
CA SER A 82 0.82 -12.98 0.39
C SER A 82 1.16 -11.75 1.23
N ALA A 83 0.18 -11.25 2.01
CA ALA A 83 0.40 -10.08 2.83
C ALA A 83 1.28 -10.42 4.03
N GLN A 84 0.99 -11.52 4.72
CA GLN A 84 1.77 -11.90 5.90
C GLN A 84 3.20 -12.27 5.50
N ALA A 85 3.40 -12.79 4.29
CA ALA A 85 4.74 -13.09 3.83
C ALA A 85 5.51 -11.79 3.58
N ALA A 86 4.84 -10.79 3.01
CA ALA A 86 5.46 -9.51 2.70
C ALA A 86 5.83 -8.74 3.97
N ILE A 87 5.12 -8.96 5.09
CA ILE A 87 5.50 -8.34 6.34
C ILE A 87 6.85 -8.87 6.78
N GLN A 88 6.99 -10.20 6.83
CA GLN A 88 8.24 -10.82 7.24
C GLN A 88 9.35 -10.60 6.21
N ALA A 89 9.00 -10.09 5.03
CA ALA A 89 9.96 -9.85 3.96
C ALA A 89 10.52 -8.42 3.99
N MET A 90 9.77 -7.45 4.52
CA MET A 90 10.20 -6.06 4.51
C MET A 90 10.31 -5.46 5.91
N ASN A 91 9.68 -6.06 6.92
CA ASN A 91 9.82 -5.59 8.29
C ASN A 91 11.26 -5.82 8.73
N GLY A 92 11.88 -4.82 9.34
CA GLY A 92 13.26 -4.90 9.80
C GLY A 92 14.27 -4.72 8.68
N PHE A 93 13.82 -4.45 7.44
CA PHE A 93 14.72 -4.25 6.31
C PHE A 93 15.58 -3.01 6.53
N GLN A 94 16.91 -3.16 6.62
CA GLN A 94 17.77 -2.02 6.89
C GLN A 94 17.92 -1.14 5.66
N ILE A 95 17.71 0.17 5.85
CA ILE A 95 17.91 1.16 4.82
C ILE A 95 18.40 2.43 5.51
N GLY A 96 19.56 2.96 5.08
CA GLY A 96 20.15 4.10 5.76
C GLY A 96 20.50 3.73 7.20
N MET A 97 20.30 4.68 8.13
CA MET A 97 20.65 4.50 9.54
C MET A 97 19.52 3.86 10.35
N LYS A 98 18.46 3.36 9.69
CA LYS A 98 17.31 2.75 10.36
C LYS A 98 16.81 1.53 9.60
N ARG A 99 15.78 0.87 10.14
CA ARG A 99 15.14 -0.27 9.52
C ARG A 99 13.67 0.03 9.22
N LEU A 100 13.17 -0.48 8.10
CA LEU A 100 11.79 -0.26 7.71
C LEU A 100 10.83 -0.95 8.68
N LYS A 101 9.82 -0.20 9.14
CA LYS A 101 8.74 -0.74 9.94
C LYS A 101 7.62 -1.18 9.00
N VAL A 102 7.05 -2.36 9.23
CA VAL A 102 5.92 -2.86 8.45
C VAL A 102 4.89 -3.42 9.40
N GLN A 103 3.60 -3.18 9.15
CA GLN A 103 2.55 -3.58 10.07
C GLN A 103 1.24 -3.84 9.34
N LEU A 104 0.32 -4.59 9.98
CA LEU A 104 -1.00 -4.84 9.45
C LEU A 104 -1.86 -3.58 9.60
N LYS A 105 -2.81 -3.36 8.68
CA LYS A 105 -3.74 -2.24 8.76
C LYS A 105 -4.60 -2.38 10.01
N ARG A 106 -5.06 -1.25 10.57
CA ARG A 106 -5.91 -1.25 11.76
C ARG A 106 -7.24 -1.94 11.49
N SER A 107 -7.90 -2.40 12.55
CA SER A 107 -9.16 -3.12 12.44
C SER A 107 -10.27 -2.23 11.88
N LYS A 108 -11.24 -2.86 11.20
CA LYS A 108 -12.39 -2.16 10.66
C LYS A 108 -13.38 -1.78 11.77
N ASN A 109 -13.19 -2.33 12.97
CA ASN A 109 -14.04 -2.03 14.12
C ASN A 109 -13.91 -0.57 14.55
N ASP A 110 -12.86 0.12 14.07
CA ASP A 110 -12.65 1.52 14.36
C ASP A 110 -13.46 2.47 13.47
N SER A 111 -14.11 1.93 12.44
CA SER A 111 -14.89 2.73 11.50
C SER A 111 -16.32 2.22 11.35
N LYS A 112 -16.53 0.91 11.50
CA LYS A 112 -17.84 0.28 11.33
C LYS A 112 -18.07 -0.79 12.40
N PRO A 113 -19.34 -1.14 12.66
CA PRO A 113 -19.71 -2.19 13.59
C PRO A 113 -19.56 -3.57 12.93
N TRP A 114 -19.05 -3.62 11.69
CA TRP A 114 -18.90 -4.84 10.92
C TRP A 114 -17.63 -4.77 10.07
N MET A 1 -0.59 -34.89 -8.87
CA MET A 1 -0.76 -33.70 -9.73
C MET A 1 0.10 -33.81 -10.99
N GLY A 2 -0.20 -32.98 -11.99
CA GLY A 2 0.55 -32.98 -13.25
C GLY A 2 1.94 -32.39 -13.06
N SER A 3 2.82 -32.60 -14.05
CA SER A 3 4.19 -32.09 -13.99
C SER A 3 4.25 -30.57 -14.16
N SER A 4 3.17 -29.97 -14.67
CA SER A 4 3.11 -28.53 -14.88
C SER A 4 2.76 -27.78 -13.60
N HIS A 5 2.28 -28.49 -12.57
CA HIS A 5 1.89 -27.87 -11.30
C HIS A 5 3.11 -27.57 -10.43
N HIS A 6 4.30 -28.02 -10.83
CA HIS A 6 5.53 -27.74 -10.09
C HIS A 6 6.08 -26.35 -10.42
N HIS A 7 5.33 -25.55 -11.19
CA HIS A 7 5.73 -24.21 -11.59
C HIS A 7 4.50 -23.33 -11.77
N HIS A 8 4.71 -22.01 -11.87
CA HIS A 8 3.64 -21.06 -12.06
C HIS A 8 2.96 -21.24 -13.41
N HIS A 9 1.71 -20.77 -13.53
CA HIS A 9 0.95 -20.88 -14.76
C HIS A 9 1.50 -19.92 -15.83
N HIS A 10 1.16 -20.19 -17.10
CA HIS A 10 1.59 -19.37 -18.23
C HIS A 10 0.81 -18.06 -18.28
N SER A 11 -0.36 -18.02 -17.63
CA SER A 11 -1.21 -16.83 -17.62
C SER A 11 -0.56 -15.70 -16.84
N SER A 12 -0.83 -14.45 -17.24
CA SER A 12 -0.32 -13.27 -16.56
C SER A 12 -1.12 -12.96 -15.30
N GLY A 13 -2.16 -13.74 -15.00
CA GLY A 13 -3.01 -13.53 -13.85
C GLY A 13 -4.03 -12.44 -14.13
N LEU A 14 -4.77 -12.03 -13.09
CA LEU A 14 -5.80 -11.00 -13.20
C LEU A 14 -5.94 -10.24 -11.89
N VAL A 15 -6.29 -8.95 -11.97
CA VAL A 15 -6.48 -8.10 -10.81
C VAL A 15 -7.46 -6.97 -11.16
N PRO A 16 -8.42 -6.65 -10.26
CA PRO A 16 -9.38 -5.58 -10.49
C PRO A 16 -8.69 -4.22 -10.46
N ARG A 17 -9.04 -3.34 -11.40
CA ARG A 17 -8.45 -2.02 -11.53
C ARG A 17 -9.45 -1.01 -12.10
N GLY A 18 -9.16 0.27 -11.89
CA GLY A 18 -9.96 1.37 -12.40
C GLY A 18 -9.48 2.68 -11.78
N SER A 19 -9.08 3.63 -12.63
CA SER A 19 -8.54 4.93 -12.23
C SER A 19 -7.29 4.79 -11.36
N HIS A 20 -6.72 5.94 -10.96
CA HIS A 20 -5.51 6.00 -10.15
C HIS A 20 -5.83 5.86 -8.65
N MET A 21 -7.12 5.77 -8.30
CA MET A 21 -7.54 5.65 -6.91
C MET A 21 -7.05 4.34 -6.29
N GLN A 22 -6.91 4.32 -4.96
CA GLN A 22 -6.45 3.16 -4.22
C GLN A 22 -7.52 2.06 -4.14
N LYS A 23 -7.07 0.81 -4.01
CA LYS A 23 -7.93 -0.35 -3.83
C LYS A 23 -7.52 -1.12 -2.59
N GLU A 24 -8.44 -1.94 -2.06
CA GLU A 24 -8.20 -2.71 -0.85
C GLU A 24 -8.52 -4.19 -1.06
N GLY A 25 -7.83 -5.05 -0.31
CA GLY A 25 -8.04 -6.48 -0.36
C GLY A 25 -8.98 -6.93 0.75
N PRO A 26 -9.14 -8.26 0.92
CA PRO A 26 -9.94 -8.85 1.98
C PRO A 26 -9.28 -8.61 3.35
N GLU A 27 -9.96 -9.01 4.42
CA GLU A 27 -9.42 -8.82 5.77
C GLU A 27 -8.11 -9.59 5.92
N GLY A 28 -7.11 -8.94 6.52
CA GLY A 28 -5.81 -9.55 6.77
C GLY A 28 -4.87 -9.47 5.56
N ALA A 29 -5.35 -8.90 4.45
CA ALA A 29 -4.56 -8.81 3.21
C ALA A 29 -4.01 -7.41 2.96
N ASN A 30 -4.28 -6.44 3.85
CA ASN A 30 -3.83 -5.08 3.68
C ASN A 30 -2.58 -4.84 4.53
N LEU A 31 -1.66 -4.00 4.04
CA LEU A 31 -0.35 -3.82 4.66
C LEU A 31 0.06 -2.35 4.75
N PHE A 32 0.95 -2.09 5.71
CA PHE A 32 1.58 -0.82 5.96
C PHE A 32 3.10 -0.85 5.96
N ILE A 33 3.73 0.24 5.52
CA ILE A 33 5.17 0.34 5.47
C ILE A 33 5.57 1.72 5.96
N TYR A 34 6.56 1.79 6.85
CA TYR A 34 6.97 3.06 7.45
C TYR A 34 8.50 3.08 7.45
N HIS A 35 9.06 4.21 7.92
CA HIS A 35 10.48 4.50 7.97
C HIS A 35 11.11 4.58 6.57
N LEU A 36 10.30 4.72 5.53
CA LEU A 36 10.78 4.83 4.16
C LEU A 36 11.51 6.15 3.95
N PRO A 37 12.56 6.16 3.12
CA PRO A 37 13.23 7.38 2.70
C PRO A 37 12.34 8.11 1.69
N GLN A 38 12.58 9.41 1.50
CA GLN A 38 11.71 10.24 0.67
C GLN A 38 11.88 9.97 -0.83
N GLU A 39 12.83 9.12 -1.20
CA GLU A 39 13.03 8.76 -2.60
C GLU A 39 11.98 7.75 -3.08
N PHE A 40 11.20 7.18 -2.16
CA PHE A 40 10.09 6.30 -2.50
C PHE A 40 8.88 6.99 -3.13
N GLY A 41 8.06 6.22 -3.85
CA GLY A 41 6.86 6.70 -4.49
C GLY A 41 5.88 5.56 -4.70
N ASP A 42 4.69 5.87 -5.23
CA ASP A 42 3.65 4.87 -5.41
C ASP A 42 4.05 3.67 -6.26
N GLN A 43 4.76 3.90 -7.36
CA GLN A 43 5.21 2.84 -8.23
C GLN A 43 6.45 2.16 -7.68
N ASP A 44 7.25 2.89 -6.90
CA ASP A 44 8.45 2.33 -6.29
C ASP A 44 8.18 1.35 -5.15
N ILE A 45 7.18 1.66 -4.32
CA ILE A 45 6.79 0.75 -3.25
C ILE A 45 5.97 -0.39 -3.85
N LEU A 46 5.35 -0.17 -5.02
CA LEU A 46 4.61 -1.20 -5.71
C LEU A 46 5.59 -2.27 -6.19
N GLN A 47 6.63 -1.86 -6.93
CA GLN A 47 7.62 -2.78 -7.46
C GLN A 47 8.40 -3.46 -6.34
N MET A 48 8.45 -2.85 -5.16
CA MET A 48 9.12 -3.44 -4.01
C MET A 48 8.27 -4.56 -3.41
N PHE A 49 6.94 -4.47 -3.53
CA PHE A 49 6.01 -5.43 -2.97
C PHE A 49 5.33 -6.43 -3.91
N MET A 50 5.48 -6.25 -5.22
CA MET A 50 4.89 -7.19 -6.19
C MET A 50 5.51 -8.59 -6.20
N PRO A 51 6.78 -8.82 -5.85
CA PRO A 51 7.33 -10.18 -5.87
C PRO A 51 6.79 -11.01 -4.71
N PHE A 52 6.10 -10.38 -3.75
CA PHE A 52 5.53 -11.08 -2.61
C PHE A 52 4.15 -11.67 -2.90
N GLY A 53 3.52 -11.23 -4.00
CA GLY A 53 2.21 -11.72 -4.41
C GLY A 53 1.46 -10.68 -5.22
N ASN A 54 0.18 -10.94 -5.51
CA ASN A 54 -0.62 -10.04 -6.32
C ASN A 54 -1.05 -8.83 -5.51
N VAL A 55 -0.38 -7.69 -5.74
CA VAL A 55 -0.71 -6.43 -5.11
C VAL A 55 -1.83 -5.76 -5.91
N ILE A 56 -2.96 -5.46 -5.27
CA ILE A 56 -4.08 -4.82 -5.95
C ILE A 56 -3.81 -3.32 -6.08
N SER A 57 -3.15 -2.74 -5.08
CA SER A 57 -2.85 -1.31 -5.08
C SER A 57 -1.67 -1.01 -4.16
N ALA A 58 -0.99 0.11 -4.43
CA ALA A 58 0.15 0.56 -3.66
C ALA A 58 0.28 2.07 -3.81
N LYS A 59 0.58 2.77 -2.71
CA LYS A 59 0.67 4.22 -2.71
C LYS A 59 1.50 4.73 -1.54
N VAL A 60 2.41 5.67 -1.82
CA VAL A 60 3.21 6.33 -0.80
C VAL A 60 2.47 7.63 -0.46
N PHE A 61 2.45 7.98 0.83
CA PHE A 61 1.78 9.18 1.29
C PHE A 61 2.45 10.49 0.89
N ILE A 62 1.67 11.57 0.74
CA ILE A 62 2.19 12.86 0.34
C ILE A 62 1.74 13.94 1.34
N ASP A 63 2.62 14.90 1.61
CA ASP A 63 2.31 16.01 2.50
C ASP A 63 1.74 17.16 1.68
N LYS A 64 0.62 17.73 2.09
CA LYS A 64 0.00 18.83 1.36
C LYS A 64 0.75 20.15 1.60
N GLN A 65 1.67 20.18 2.56
CA GLN A 65 2.43 21.37 2.90
C GLN A 65 3.70 21.52 2.07
N THR A 66 4.19 20.41 1.51
CA THR A 66 5.46 20.38 0.77
C THR A 66 5.42 19.58 -0.51
N ASN A 67 4.37 18.77 -0.66
CA ASN A 67 4.16 17.88 -1.80
C ASN A 67 5.24 16.82 -1.94
N LEU A 68 6.15 16.72 -0.95
CA LEU A 68 7.18 15.69 -0.93
C LEU A 68 6.60 14.39 -0.39
N SER A 69 7.28 13.28 -0.69
CA SER A 69 6.84 11.96 -0.22
C SER A 69 7.06 11.83 1.28
N LYS A 70 6.07 11.30 1.99
CA LYS A 70 6.17 11.05 3.41
C LYS A 70 7.02 9.81 3.68
N CYS A 71 7.41 9.63 4.94
CA CYS A 71 8.27 8.53 5.36
C CYS A 71 7.55 7.19 5.51
N PHE A 72 6.37 7.02 4.91
CA PHE A 72 5.66 5.76 5.04
C PHE A 72 4.64 5.70 3.89
N GLY A 73 4.01 4.54 3.72
CA GLY A 73 3.07 4.30 2.64
C GLY A 73 2.13 3.12 2.92
N PHE A 74 1.37 2.74 1.89
CA PHE A 74 0.33 1.72 1.94
C PHE A 74 0.32 0.75 0.76
N VAL A 75 -0.03 -0.52 1.01
CA VAL A 75 -0.04 -1.57 0.00
C VAL A 75 -1.17 -2.56 0.35
N SER A 76 -1.73 -3.25 -0.65
CA SER A 76 -2.80 -4.22 -0.41
C SER A 76 -2.69 -5.43 -1.33
N TYR A 77 -3.10 -6.61 -0.84
CA TYR A 77 -3.04 -7.86 -1.56
C TYR A 77 -4.38 -8.50 -1.92
N ASP A 78 -4.39 -9.40 -2.91
CA ASP A 78 -5.59 -10.14 -3.27
C ASP A 78 -5.88 -11.30 -2.32
N ASN A 79 -4.91 -11.63 -1.47
CA ASN A 79 -5.07 -12.66 -0.45
C ASN A 79 -4.13 -12.41 0.73
N PRO A 80 -4.52 -12.80 1.94
CA PRO A 80 -3.74 -12.57 3.15
C PRO A 80 -2.44 -13.39 3.18
N VAL A 81 -2.37 -14.48 2.41
CA VAL A 81 -1.17 -15.31 2.43
C VAL A 81 0.05 -14.57 1.89
N SER A 82 -0.15 -13.76 0.84
CA SER A 82 0.90 -12.95 0.28
C SER A 82 1.20 -11.75 1.17
N ALA A 83 0.20 -11.31 1.95
CA ALA A 83 0.36 -10.16 2.82
C ALA A 83 1.25 -10.49 4.01
N GLN A 84 0.96 -11.59 4.70
CA GLN A 84 1.72 -11.96 5.88
C GLN A 84 3.14 -12.38 5.50
N ALA A 85 3.34 -12.87 4.28
CA ALA A 85 4.68 -13.18 3.79
C ALA A 85 5.46 -11.88 3.58
N ALA A 86 4.81 -10.86 3.02
CA ALA A 86 5.45 -9.59 2.76
C ALA A 86 5.82 -8.85 4.04
N ILE A 87 5.10 -9.08 5.15
CA ILE A 87 5.47 -8.47 6.43
C ILE A 87 6.80 -9.06 6.88
N GLN A 88 6.88 -10.40 6.92
CA GLN A 88 8.08 -11.08 7.37
C GLN A 88 9.23 -10.89 6.37
N ALA A 89 8.93 -10.38 5.17
CA ALA A 89 9.93 -10.19 4.13
C ALA A 89 10.62 -8.82 4.24
N MET A 90 9.92 -7.79 4.72
CA MET A 90 10.50 -6.45 4.80
C MET A 90 10.46 -5.80 6.17
N ASN A 91 9.74 -6.37 7.14
CA ASN A 91 9.79 -5.86 8.50
C ASN A 91 11.23 -6.03 9.01
N GLY A 92 11.82 -4.93 9.48
CA GLY A 92 13.20 -4.93 9.95
C GLY A 92 14.21 -4.74 8.83
N PHE A 93 13.76 -4.51 7.59
CA PHE A 93 14.67 -4.32 6.45
C PHE A 93 15.51 -3.06 6.62
N GLN A 94 16.84 -3.20 6.67
CA GLN A 94 17.69 -2.04 6.89
C GLN A 94 17.80 -1.18 5.63
N ILE A 95 17.57 0.12 5.80
CA ILE A 95 17.72 1.10 4.73
C ILE A 95 18.25 2.39 5.35
N GLY A 96 19.42 2.84 4.92
CA GLY A 96 20.06 3.98 5.55
C GLY A 96 20.40 3.64 7.01
N MET A 97 20.23 4.62 7.91
CA MET A 97 20.55 4.47 9.31
C MET A 97 19.39 3.91 10.14
N LYS A 98 18.34 3.38 9.50
CA LYS A 98 17.17 2.87 10.23
C LYS A 98 16.59 1.65 9.51
N ARG A 99 15.73 0.90 10.20
CA ARG A 99 15.08 -0.29 9.63
C ARG A 99 13.61 0.00 9.34
N LEU A 100 13.09 -0.53 8.23
CA LEU A 100 11.69 -0.38 7.87
C LEU A 100 10.78 -1.11 8.85
N LYS A 101 9.64 -0.49 9.17
CA LYS A 101 8.58 -1.13 9.92
C LYS A 101 7.49 -1.55 8.95
N VAL A 102 6.89 -2.72 9.16
CA VAL A 102 5.77 -3.21 8.36
C VAL A 102 4.67 -3.74 9.27
N GLN A 103 3.41 -3.43 8.99
CA GLN A 103 2.32 -3.79 9.89
C GLN A 103 1.01 -3.99 9.14
N LEU A 104 0.06 -4.69 9.76
CA LEU A 104 -1.27 -4.90 9.20
C LEU A 104 -2.15 -3.66 9.43
N LYS A 105 -3.04 -3.35 8.48
CA LYS A 105 -4.01 -2.28 8.63
C LYS A 105 -5.02 -2.66 9.73
N ARG A 106 -5.71 -1.66 10.28
CA ARG A 106 -6.80 -1.92 11.22
C ARG A 106 -7.89 -2.73 10.53
N SER A 107 -8.69 -3.47 11.31
CA SER A 107 -9.78 -4.26 10.74
C SER A 107 -10.84 -3.32 10.17
N LYS A 108 -11.64 -3.84 9.24
CA LYS A 108 -12.70 -3.05 8.61
C LYS A 108 -13.82 -2.72 9.59
N ASN A 109 -13.82 -3.34 10.78
CA ASN A 109 -14.80 -3.05 11.81
C ASN A 109 -14.35 -1.88 12.69
N ASP A 110 -13.06 -1.53 12.65
CA ASP A 110 -12.53 -0.43 13.45
C ASP A 110 -12.78 0.96 12.84
N SER A 111 -13.06 1.00 11.53
CA SER A 111 -13.34 2.25 10.84
C SER A 111 -14.83 2.58 10.86
N LYS A 112 -15.68 1.63 11.27
CA LYS A 112 -17.10 1.84 11.37
C LYS A 112 -17.45 2.79 12.52
N PRO A 113 -18.57 3.52 12.41
CA PRO A 113 -19.03 4.44 13.43
C PRO A 113 -19.64 3.71 14.62
N TRP A 114 -19.90 2.41 14.47
CA TRP A 114 -20.50 1.58 15.50
C TRP A 114 -19.53 1.29 16.65
N MET A 1 -1.46 -15.26 -37.91
CA MET A 1 -1.19 -15.00 -36.48
C MET A 1 0.31 -15.00 -36.20
N GLY A 2 0.71 -14.40 -35.08
CA GLY A 2 2.11 -14.33 -34.68
C GLY A 2 2.27 -13.61 -33.34
N SER A 3 3.52 -13.51 -32.87
CA SER A 3 3.84 -12.86 -31.61
C SER A 3 5.29 -12.38 -31.62
N SER A 4 5.62 -11.40 -30.78
CA SER A 4 6.97 -10.85 -30.69
C SER A 4 7.92 -11.87 -30.04
N HIS A 5 9.22 -11.65 -30.22
CA HIS A 5 10.25 -12.51 -29.64
C HIS A 5 10.30 -12.35 -28.12
N HIS A 6 10.91 -13.34 -27.45
CA HIS A 6 11.04 -13.41 -26.00
C HIS A 6 9.69 -13.41 -25.27
N HIS A 7 9.72 -13.69 -23.96
CA HIS A 7 8.53 -13.75 -23.13
C HIS A 7 8.04 -12.34 -22.74
N HIS A 8 8.82 -11.32 -23.06
CA HIS A 8 8.51 -9.93 -22.72
C HIS A 8 9.00 -8.98 -23.81
N HIS A 9 8.46 -7.76 -23.82
CA HIS A 9 8.81 -6.74 -24.79
C HIS A 9 8.58 -5.34 -24.21
N HIS A 10 9.10 -4.31 -24.88
CA HIS A 10 8.96 -2.93 -24.47
C HIS A 10 9.13 -1.99 -25.66
N SER A 11 8.85 -0.70 -25.45
CA SER A 11 8.97 0.31 -26.51
C SER A 11 9.18 1.68 -25.89
N SER A 12 9.70 2.63 -26.67
CA SER A 12 9.95 3.99 -26.20
C SER A 12 8.64 4.72 -25.95
N GLY A 13 8.68 5.75 -25.09
CA GLY A 13 7.51 6.55 -24.76
C GLY A 13 6.51 5.81 -23.88
N LEU A 14 6.82 4.57 -23.48
CA LEU A 14 5.95 3.77 -22.63
C LEU A 14 5.97 4.30 -21.20
N VAL A 15 4.83 4.21 -20.50
CA VAL A 15 4.70 4.65 -19.11
C VAL A 15 3.83 3.66 -18.32
N PRO A 16 4.25 3.24 -17.12
CA PRO A 16 3.53 2.28 -16.31
C PRO A 16 2.27 2.88 -15.67
N ARG A 17 2.10 4.21 -15.77
CA ARG A 17 0.95 4.90 -15.19
C ARG A 17 -0.33 4.62 -15.97
N GLY A 18 -1.47 4.84 -15.32
CA GLY A 18 -2.77 4.67 -15.97
C GLY A 18 -3.91 5.18 -15.09
N SER A 19 -3.82 4.97 -13.77
CA SER A 19 -4.81 5.49 -12.83
C SER A 19 -4.28 5.44 -11.40
N HIS A 20 -3.63 4.34 -11.02
CA HIS A 20 -3.05 4.15 -9.70
C HIS A 20 -4.02 4.46 -8.56
N MET A 21 -5.31 4.29 -8.79
CA MET A 21 -6.33 4.53 -7.78
C MET A 21 -6.21 3.53 -6.63
N GLN A 22 -6.75 3.90 -5.46
CA GLN A 22 -6.61 3.11 -4.25
C GLN A 22 -7.72 2.07 -4.12
N LYS A 23 -7.32 0.84 -3.80
CA LYS A 23 -8.21 -0.30 -3.60
C LYS A 23 -7.59 -1.26 -2.59
N GLU A 24 -8.41 -2.11 -1.97
CA GLU A 24 -7.93 -3.11 -1.03
C GLU A 24 -8.60 -4.46 -1.26
N GLY A 25 -7.93 -5.50 -0.76
CA GLY A 25 -8.38 -6.88 -0.83
C GLY A 25 -9.32 -7.21 0.32
N PRO A 26 -9.43 -8.50 0.67
CA PRO A 26 -10.20 -8.94 1.81
C PRO A 26 -9.54 -8.44 3.09
N GLU A 27 -10.30 -8.35 4.18
CA GLU A 27 -9.77 -7.83 5.42
C GLU A 27 -8.64 -8.74 5.93
N GLY A 28 -7.50 -8.16 6.26
CA GLY A 28 -6.33 -8.89 6.74
C GLY A 28 -5.30 -9.12 5.63
N ALA A 29 -5.68 -8.84 4.37
CA ALA A 29 -4.75 -8.92 3.25
C ALA A 29 -4.10 -7.56 3.00
N ASN A 30 -4.13 -6.67 3.99
CA ASN A 30 -3.76 -5.28 3.83
C ASN A 30 -2.53 -4.98 4.69
N LEU A 31 -1.61 -4.16 4.18
CA LEU A 31 -0.33 -3.92 4.81
C LEU A 31 -0.01 -2.45 5.01
N PHE A 32 0.92 -2.21 5.93
CA PHE A 32 1.51 -0.93 6.26
C PHE A 32 3.02 -0.88 6.19
N ILE A 33 3.56 0.25 5.75
CA ILE A 33 5.00 0.43 5.62
C ILE A 33 5.36 1.82 6.12
N TYR A 34 6.46 1.94 6.87
CA TYR A 34 6.89 3.21 7.43
C TYR A 34 8.42 3.24 7.32
N HIS A 35 9.01 4.35 7.78
CA HIS A 35 10.45 4.61 7.76
C HIS A 35 11.03 4.71 6.34
N LEU A 36 10.17 4.91 5.33
CA LEU A 36 10.60 5.03 3.96
C LEU A 36 11.36 6.34 3.74
N PRO A 37 12.45 6.33 2.98
CA PRO A 37 13.21 7.53 2.63
C PRO A 37 12.44 8.37 1.59
N GLN A 38 12.96 9.58 1.32
CA GLN A 38 12.31 10.54 0.43
C GLN A 38 12.35 10.12 -1.03
N GLU A 39 13.16 9.11 -1.39
CA GLU A 39 13.29 8.66 -2.77
C GLU A 39 12.16 7.70 -3.17
N PHE A 40 11.32 7.28 -2.22
CA PHE A 40 10.18 6.42 -2.49
C PHE A 40 8.96 7.10 -3.11
N GLY A 41 8.12 6.29 -3.77
CA GLY A 41 6.88 6.73 -4.35
C GLY A 41 5.93 5.55 -4.53
N ASP A 42 4.69 5.80 -4.97
CA ASP A 42 3.68 4.76 -5.11
C ASP A 42 4.10 3.63 -6.05
N GLN A 43 4.77 3.99 -7.15
CA GLN A 43 5.26 3.03 -8.12
C GLN A 43 6.47 2.28 -7.59
N ASP A 44 7.26 2.94 -6.74
CA ASP A 44 8.45 2.32 -6.18
C ASP A 44 8.17 1.29 -5.09
N ILE A 45 7.23 1.57 -4.18
CA ILE A 45 6.85 0.63 -3.14
C ILE A 45 6.06 -0.52 -3.77
N LEU A 46 5.41 -0.26 -4.91
CA LEU A 46 4.70 -1.30 -5.63
C LEU A 46 5.71 -2.36 -6.09
N GLN A 47 6.78 -1.92 -6.75
CA GLN A 47 7.81 -2.82 -7.26
C GLN A 47 8.53 -3.55 -6.13
N MET A 48 8.54 -2.99 -4.92
CA MET A 48 9.13 -3.65 -3.78
C MET A 48 8.22 -4.73 -3.22
N PHE A 49 6.91 -4.63 -3.47
CA PHE A 49 5.93 -5.59 -2.94
C PHE A 49 5.28 -6.56 -3.94
N MET A 50 5.47 -6.36 -5.24
CA MET A 50 4.90 -7.25 -6.24
C MET A 50 5.46 -8.68 -6.24
N PRO A 51 6.73 -8.94 -5.90
CA PRO A 51 7.25 -10.30 -5.94
C PRO A 51 6.70 -11.15 -4.78
N PHE A 52 6.01 -10.53 -3.82
CA PHE A 52 5.45 -11.23 -2.67
C PHE A 52 4.06 -11.78 -2.96
N GLY A 53 3.42 -11.32 -4.04
CA GLY A 53 2.10 -11.77 -4.45
C GLY A 53 1.38 -10.71 -5.26
N ASN A 54 0.09 -10.95 -5.56
CA ASN A 54 -0.67 -10.01 -6.38
C ASN A 54 -1.08 -8.80 -5.56
N VAL A 55 -0.37 -7.69 -5.76
CA VAL A 55 -0.68 -6.42 -5.12
C VAL A 55 -1.80 -5.75 -5.91
N ILE A 56 -2.93 -5.48 -5.25
CA ILE A 56 -4.07 -4.83 -5.90
C ILE A 56 -3.83 -3.33 -6.00
N SER A 57 -3.11 -2.77 -5.02
CA SER A 57 -2.85 -1.34 -4.98
C SER A 57 -1.62 -1.05 -4.12
N ALA A 58 -0.98 0.09 -4.39
CA ALA A 58 0.23 0.52 -3.70
C ALA A 58 0.24 2.05 -3.62
N LYS A 59 0.78 2.59 -2.53
CA LYS A 59 0.76 4.02 -2.25
C LYS A 59 1.88 4.43 -1.31
N VAL A 60 2.49 5.59 -1.57
CA VAL A 60 3.39 6.24 -0.64
C VAL A 60 2.76 7.58 -0.33
N PHE A 61 2.64 7.92 0.95
CA PHE A 61 1.94 9.11 1.35
C PHE A 61 2.72 10.40 1.14
N ILE A 62 2.06 11.49 0.74
CA ILE A 62 2.72 12.73 0.40
C ILE A 62 2.03 13.93 1.07
N ASP A 63 2.81 14.92 1.49
CA ASP A 63 2.28 16.14 2.10
C ASP A 63 1.90 17.11 0.98
N LYS A 64 0.69 17.66 1.01
CA LYS A 64 0.23 18.59 0.00
C LYS A 64 0.80 20.00 0.23
N GLN A 65 1.42 20.23 1.39
CA GLN A 65 1.99 21.53 1.73
C GLN A 65 3.44 21.68 1.30
N THR A 66 4.13 20.55 1.10
CA THR A 66 5.56 20.53 0.80
C THR A 66 5.96 19.55 -0.29
N ASN A 67 5.01 18.69 -0.68
CA ASN A 67 5.20 17.65 -1.68
C ASN A 67 6.27 16.63 -1.27
N LEU A 68 6.79 16.72 -0.05
CA LEU A 68 7.74 15.75 0.47
C LEU A 68 7.00 14.50 0.93
N SER A 69 7.72 13.38 1.00
CA SER A 69 7.13 12.12 1.43
C SER A 69 6.82 12.13 2.92
N LYS A 70 5.72 11.48 3.29
CA LYS A 70 5.32 11.29 4.67
C LYS A 70 6.15 10.18 5.33
N CYS A 71 7.11 9.64 4.58
CA CYS A 71 8.00 8.58 5.04
C CYS A 71 7.29 7.28 5.39
N PHE A 72 6.06 7.07 4.90
CA PHE A 72 5.35 5.82 5.14
C PHE A 72 4.32 5.71 4.01
N GLY A 73 3.69 4.54 3.89
CA GLY A 73 2.78 4.26 2.79
C GLY A 73 1.83 3.10 3.09
N PHE A 74 1.14 2.65 2.03
CA PHE A 74 0.11 1.63 2.08
C PHE A 74 0.10 0.66 0.90
N VAL A 75 -0.17 -0.62 1.16
CA VAL A 75 -0.15 -1.68 0.14
C VAL A 75 -1.20 -2.71 0.49
N SER A 76 -1.76 -3.43 -0.50
CA SER A 76 -2.76 -4.45 -0.23
C SER A 76 -2.69 -5.60 -1.24
N TYR A 77 -3.05 -6.80 -0.79
CA TYR A 77 -3.05 -8.01 -1.58
C TYR A 77 -4.42 -8.60 -1.88
N ASP A 78 -4.49 -9.49 -2.87
CA ASP A 78 -5.73 -10.18 -3.21
C ASP A 78 -5.99 -11.33 -2.24
N ASN A 79 -5.00 -11.66 -1.40
CA ASN A 79 -5.15 -12.70 -0.40
C ASN A 79 -4.20 -12.47 0.78
N PRO A 80 -4.60 -12.89 1.99
CA PRO A 80 -3.85 -12.68 3.22
C PRO A 80 -2.55 -13.50 3.24
N VAL A 81 -2.43 -14.53 2.42
CA VAL A 81 -1.23 -15.36 2.41
C VAL A 81 -0.02 -14.60 1.89
N SER A 82 -0.22 -13.79 0.86
CA SER A 82 0.84 -12.96 0.31
C SER A 82 1.14 -11.78 1.22
N ALA A 83 0.15 -11.37 2.03
CA ALA A 83 0.31 -10.26 2.94
C ALA A 83 1.27 -10.63 4.07
N GLN A 84 1.03 -11.78 4.73
CA GLN A 84 1.87 -12.18 5.86
C GLN A 84 3.29 -12.53 5.40
N ALA A 85 3.44 -12.99 4.16
CA ALA A 85 4.76 -13.25 3.62
C ALA A 85 5.51 -11.94 3.42
N ALA A 86 4.82 -10.92 2.91
CA ALA A 86 5.45 -9.64 2.62
C ALA A 86 5.85 -8.90 3.89
N ILE A 87 5.16 -9.13 5.01
CA ILE A 87 5.55 -8.50 6.26
C ILE A 87 6.90 -9.08 6.70
N GLN A 88 6.99 -10.41 6.75
CA GLN A 88 8.21 -11.09 7.15
C GLN A 88 9.33 -10.88 6.14
N ALA A 89 9.01 -10.36 4.96
CA ALA A 89 9.98 -10.14 3.90
C ALA A 89 10.64 -8.76 3.98
N MET A 90 9.92 -7.73 4.46
CA MET A 90 10.47 -6.38 4.50
C MET A 90 10.46 -5.74 5.88
N ASN A 91 9.78 -6.32 6.87
CA ASN A 91 9.86 -5.81 8.22
C ASN A 91 11.31 -5.95 8.69
N GLY A 92 11.89 -4.85 9.16
CA GLY A 92 13.28 -4.83 9.61
C GLY A 92 14.27 -4.64 8.47
N PHE A 93 13.80 -4.39 7.24
CA PHE A 93 14.68 -4.17 6.11
C PHE A 93 15.50 -2.90 6.31
N GLN A 94 16.83 -3.00 6.41
CA GLN A 94 17.64 -1.82 6.67
C GLN A 94 17.76 -0.94 5.42
N ILE A 95 17.49 0.34 5.58
CA ILE A 95 17.64 1.33 4.53
C ILE A 95 18.10 2.64 5.18
N GLY A 96 19.27 3.13 4.80
CA GLY A 96 19.83 4.29 5.45
C GLY A 96 20.14 3.99 6.92
N MET A 97 19.92 4.97 7.80
CA MET A 97 20.22 4.86 9.22
C MET A 97 19.10 4.19 10.03
N LYS A 98 18.08 3.61 9.38
CA LYS A 98 16.97 3.00 10.09
C LYS A 98 16.42 1.80 9.31
N ARG A 99 15.61 0.97 9.95
CA ARG A 99 15.01 -0.20 9.32
C ARG A 99 13.54 0.07 9.01
N LEU A 100 13.05 -0.44 7.88
CA LEU A 100 11.64 -0.29 7.50
C LEU A 100 10.74 -1.03 8.48
N LYS A 101 9.76 -0.32 9.04
CA LYS A 101 8.73 -0.96 9.84
C LYS A 101 7.60 -1.41 8.92
N VAL A 102 7.08 -2.62 9.13
CA VAL A 102 5.95 -3.13 8.35
C VAL A 102 4.92 -3.71 9.31
N GLN A 103 3.63 -3.47 9.04
CA GLN A 103 2.58 -3.85 9.97
C GLN A 103 1.29 -4.21 9.25
N LEU A 104 0.39 -4.93 9.93
CA LEU A 104 -0.93 -5.27 9.41
C LEU A 104 -1.91 -4.12 9.65
N LYS A 105 -2.92 -3.97 8.78
CA LYS A 105 -4.00 -3.01 8.95
C LYS A 105 -4.75 -3.27 10.25
N ARG A 106 -5.28 -2.23 10.88
CA ARG A 106 -5.98 -2.38 12.15
C ARG A 106 -7.32 -3.09 11.95
N SER A 107 -7.83 -3.73 12.99
CA SER A 107 -9.11 -4.41 12.95
C SER A 107 -10.25 -3.39 12.82
N LYS A 108 -11.40 -3.83 12.32
CA LYS A 108 -12.57 -2.98 12.19
C LYS A 108 -13.13 -2.63 13.57
N ASN A 109 -12.80 -3.44 14.58
CA ASN A 109 -13.19 -3.19 15.96
C ASN A 109 -12.28 -2.11 16.57
N ASP A 110 -11.12 -1.88 15.95
CA ASP A 110 -10.16 -0.87 16.38
C ASP A 110 -10.17 0.39 15.52
N SER A 111 -11.02 0.41 14.49
CA SER A 111 -11.15 1.54 13.59
C SER A 111 -12.18 2.55 14.12
N LYS A 112 -12.86 2.21 15.21
CA LYS A 112 -13.85 3.07 15.83
C LYS A 112 -13.19 4.33 16.40
N PRO A 113 -13.95 5.45 16.46
CA PRO A 113 -13.47 6.71 17.00
C PRO A 113 -13.37 6.68 18.53
N TRP A 114 -14.01 5.69 19.15
CA TRP A 114 -14.01 5.53 20.60
C TRP A 114 -12.67 5.05 21.13
N MET A 1 -11.63 18.52 -1.80
CA MET A 1 -12.35 17.24 -1.70
C MET A 1 -12.98 16.85 -3.03
N GLY A 2 -13.91 17.68 -3.52
CA GLY A 2 -14.59 17.43 -4.79
C GLY A 2 -15.42 18.62 -5.22
N SER A 3 -15.74 18.70 -6.52
CA SER A 3 -16.52 19.79 -7.10
C SER A 3 -18.02 19.60 -6.87
N SER A 4 -18.44 18.46 -6.31
CA SER A 4 -19.84 18.16 -6.06
C SER A 4 -19.96 17.16 -4.91
N HIS A 5 -21.10 17.19 -4.22
CA HIS A 5 -21.36 16.33 -3.06
C HIS A 5 -22.84 15.95 -3.01
N HIS A 6 -23.16 14.90 -2.25
CA HIS A 6 -24.53 14.43 -2.07
C HIS A 6 -24.66 13.71 -0.73
N HIS A 7 -25.89 13.63 -0.20
CA HIS A 7 -26.16 13.00 1.08
C HIS A 7 -26.02 11.48 1.00
N HIS A 8 -25.90 10.84 2.18
CA HIS A 8 -25.76 9.39 2.31
C HIS A 8 -24.56 8.84 1.55
N HIS A 9 -24.41 7.50 1.56
CA HIS A 9 -23.33 6.81 0.89
C HIS A 9 -23.79 5.42 0.46
N HIS A 10 -23.05 4.78 -0.46
CA HIS A 10 -23.39 3.45 -0.95
C HIS A 10 -23.33 2.41 0.16
N SER A 11 -22.56 2.67 1.21
CA SER A 11 -22.47 1.79 2.37
C SER A 11 -21.96 2.55 3.59
N SER A 12 -22.55 2.26 4.76
CA SER A 12 -22.11 2.84 6.02
C SER A 12 -21.07 1.96 6.70
N GLY A 13 -20.87 0.74 6.19
CA GLY A 13 -19.92 -0.21 6.73
C GLY A 13 -18.53 -0.05 6.10
N LEU A 14 -18.40 0.86 5.14
CA LEU A 14 -17.14 1.10 4.44
C LEU A 14 -16.07 1.61 5.40
N VAL A 15 -14.87 1.03 5.30
CA VAL A 15 -13.73 1.42 6.13
C VAL A 15 -13.02 2.68 5.62
N PRO A 16 -12.25 3.36 6.45
CA PRO A 16 -11.48 4.54 6.07
C PRO A 16 -10.55 4.25 4.90
N ARG A 17 -10.62 5.10 3.86
CA ARG A 17 -9.84 4.97 2.65
C ARG A 17 -9.80 6.31 1.90
N GLY A 18 -9.07 6.36 0.79
CA GLY A 18 -8.98 7.58 -0.01
C GLY A 18 -8.84 7.24 -1.50
N SER A 19 -9.32 8.16 -2.34
CA SER A 19 -9.37 8.04 -3.80
C SER A 19 -10.13 6.81 -4.32
N HIS A 20 -10.71 6.96 -5.51
CA HIS A 20 -11.41 5.87 -6.18
C HIS A 20 -10.42 5.00 -6.97
N MET A 21 -9.22 5.52 -7.22
CA MET A 21 -8.19 4.80 -7.97
C MET A 21 -7.49 3.74 -7.11
N GLN A 22 -7.65 3.83 -5.79
CA GLN A 22 -7.04 2.89 -4.86
C GLN A 22 -8.10 1.94 -4.32
N LYS A 23 -7.70 0.72 -3.95
CA LYS A 23 -8.61 -0.31 -3.48
C LYS A 23 -7.91 -1.26 -2.52
N GLU A 24 -8.71 -1.96 -1.70
CA GLU A 24 -8.21 -2.86 -0.68
C GLU A 24 -8.53 -4.32 -1.01
N GLY A 25 -7.85 -5.23 -0.31
CA GLY A 25 -8.09 -6.66 -0.39
C GLY A 25 -9.02 -7.10 0.75
N PRO A 26 -9.20 -8.42 0.91
CA PRO A 26 -10.01 -9.01 1.95
C PRO A 26 -9.37 -8.79 3.32
N GLU A 27 -10.04 -9.26 4.38
CA GLU A 27 -9.52 -9.13 5.73
C GLU A 27 -8.16 -9.81 5.87
N GLY A 28 -7.22 -9.12 6.51
CA GLY A 28 -5.88 -9.64 6.76
C GLY A 28 -4.95 -9.50 5.55
N ALA A 29 -5.44 -8.93 4.45
CA ALA A 29 -4.69 -8.81 3.21
C ALA A 29 -4.19 -7.40 2.95
N ASN A 30 -4.32 -6.48 3.92
CA ASN A 30 -3.93 -5.09 3.76
C ASN A 30 -2.72 -4.77 4.64
N LEU A 31 -1.77 -3.98 4.12
CA LEU A 31 -0.48 -3.77 4.76
C LEU A 31 -0.15 -2.29 4.92
N PHE A 32 0.80 -2.04 5.83
CA PHE A 32 1.40 -0.76 6.12
C PHE A 32 2.92 -0.75 6.11
N ILE A 33 3.52 0.33 5.61
CA ILE A 33 4.97 0.44 5.52
C ILE A 33 5.35 1.84 6.00
N TYR A 34 6.42 1.95 6.79
CA TYR A 34 6.87 3.22 7.31
C TYR A 34 8.41 3.19 7.28
N HIS A 35 9.02 4.30 7.70
CA HIS A 35 10.46 4.50 7.73
C HIS A 35 11.10 4.48 6.33
N LEU A 36 10.30 4.67 5.29
CA LEU A 36 10.79 4.68 3.91
C LEU A 36 11.69 5.90 3.69
N PRO A 37 12.74 5.77 2.87
CA PRO A 37 13.59 6.88 2.50
C PRO A 37 12.84 7.82 1.54
N GLN A 38 13.34 9.04 1.38
CA GLN A 38 12.66 10.06 0.60
C GLN A 38 12.67 9.75 -0.90
N GLU A 39 13.52 8.83 -1.34
CA GLU A 39 13.63 8.47 -2.75
C GLU A 39 12.50 7.52 -3.19
N PHE A 40 11.71 6.99 -2.24
CA PHE A 40 10.56 6.15 -2.57
C PHE A 40 9.35 6.87 -3.14
N GLY A 41 8.51 6.11 -3.84
CA GLY A 41 7.28 6.63 -4.42
C GLY A 41 6.29 5.50 -4.62
N ASP A 42 5.07 5.84 -5.07
CA ASP A 42 4.00 4.86 -5.24
C ASP A 42 4.35 3.70 -6.17
N GLN A 43 5.06 4.00 -7.26
CA GLN A 43 5.51 3.01 -8.22
C GLN A 43 6.67 2.19 -7.67
N ASP A 44 7.49 2.81 -6.82
CA ASP A 44 8.64 2.14 -6.24
C ASP A 44 8.31 1.15 -5.13
N ILE A 45 7.35 1.49 -4.27
CA ILE A 45 6.92 0.56 -3.22
C ILE A 45 6.11 -0.57 -3.85
N LEU A 46 5.48 -0.31 -4.99
CA LEU A 46 4.75 -1.34 -5.71
C LEU A 46 5.72 -2.41 -6.18
N GLN A 47 6.80 -2.01 -6.86
CA GLN A 47 7.80 -2.93 -7.38
C GLN A 47 8.54 -3.65 -6.26
N MET A 48 8.55 -3.08 -5.05
CA MET A 48 9.16 -3.70 -3.89
C MET A 48 8.24 -4.79 -3.33
N PHE A 49 6.93 -4.66 -3.53
CA PHE A 49 5.94 -5.58 -2.99
C PHE A 49 5.29 -6.57 -3.95
N MET A 50 5.47 -6.38 -5.26
CA MET A 50 4.90 -7.30 -6.25
C MET A 50 5.47 -8.73 -6.22
N PRO A 51 6.76 -8.97 -5.87
CA PRO A 51 7.29 -10.33 -5.85
C PRO A 51 6.74 -11.14 -4.68
N PHE A 52 6.04 -10.48 -3.74
CA PHE A 52 5.47 -11.15 -2.58
C PHE A 52 4.07 -11.71 -2.89
N GLY A 53 3.47 -11.27 -3.99
CA GLY A 53 2.15 -11.72 -4.39
C GLY A 53 1.44 -10.68 -5.25
N ASN A 54 0.17 -10.91 -5.58
CA ASN A 54 -0.59 -10.00 -6.42
C ASN A 54 -1.03 -8.78 -5.62
N VAL A 55 -0.33 -7.66 -5.84
CA VAL A 55 -0.65 -6.40 -5.19
C VAL A 55 -1.79 -5.72 -5.95
N ILE A 56 -2.89 -5.42 -5.26
CA ILE A 56 -4.03 -4.75 -5.90
C ILE A 56 -3.80 -3.24 -5.95
N SER A 57 -3.12 -2.71 -4.94
CA SER A 57 -2.86 -1.28 -4.83
C SER A 57 -1.59 -1.01 -4.05
N ALA A 58 -0.93 0.10 -4.36
CA ALA A 58 0.32 0.50 -3.72
C ALA A 58 0.48 2.02 -3.82
N LYS A 59 0.97 2.64 -2.75
CA LYS A 59 1.16 4.09 -2.73
C LYS A 59 2.19 4.48 -1.67
N VAL A 60 2.73 5.70 -1.79
CA VAL A 60 3.60 6.30 -0.80
C VAL A 60 3.01 7.65 -0.47
N PHE A 61 3.02 8.02 0.82
CA PHE A 61 2.43 9.26 1.29
C PHE A 61 3.21 10.55 0.99
N ILE A 62 2.46 11.61 0.69
CA ILE A 62 3.01 12.93 0.39
C ILE A 62 2.25 13.97 1.20
N ASP A 63 2.95 14.99 1.70
CA ASP A 63 2.31 16.04 2.48
C ASP A 63 1.66 17.04 1.52
N LYS A 64 0.37 17.33 1.71
CA LYS A 64 -0.35 18.27 0.85
C LYS A 64 0.06 19.72 1.12
N GLN A 65 0.84 19.96 2.17
CA GLN A 65 1.28 21.31 2.53
C GLN A 65 2.67 21.65 1.97
N THR A 66 3.48 20.63 1.67
CA THR A 66 4.87 20.81 1.24
C THR A 66 5.27 19.96 0.05
N ASN A 67 4.40 19.03 -0.32
CA ASN A 67 4.60 18.10 -1.42
C ASN A 67 5.82 17.20 -1.20
N LEU A 68 6.38 17.21 0.01
CA LEU A 68 7.48 16.33 0.37
C LEU A 68 6.94 14.98 0.86
N SER A 69 7.78 13.94 0.84
CA SER A 69 7.38 12.62 1.26
C SER A 69 7.13 12.55 2.77
N LYS A 70 6.16 11.75 3.19
CA LYS A 70 5.85 11.52 4.59
C LYS A 70 6.49 10.22 5.10
N CYS A 71 7.45 9.69 4.32
CA CYS A 71 8.26 8.52 4.64
C CYS A 71 7.49 7.26 5.06
N PHE A 72 6.27 7.06 4.56
CA PHE A 72 5.53 5.83 4.84
C PHE A 72 4.54 5.67 3.67
N GLY A 73 3.91 4.50 3.58
CA GLY A 73 3.05 4.15 2.46
C GLY A 73 2.04 3.07 2.80
N PHE A 74 1.30 2.63 1.77
CA PHE A 74 0.23 1.64 1.86
C PHE A 74 0.20 0.64 0.69
N VAL A 75 -0.09 -0.63 0.99
CA VAL A 75 -0.07 -1.71 0.00
C VAL A 75 -1.17 -2.72 0.36
N SER A 76 -1.68 -3.47 -0.62
CA SER A 76 -2.76 -4.44 -0.39
C SER A 76 -2.64 -5.63 -1.35
N TYR A 77 -3.15 -6.79 -0.91
CA TYR A 77 -3.11 -8.04 -1.67
C TYR A 77 -4.48 -8.67 -1.94
N ASP A 78 -4.54 -9.63 -2.88
CA ASP A 78 -5.77 -10.36 -3.15
C ASP A 78 -6.01 -11.48 -2.14
N ASN A 79 -5.01 -11.77 -1.31
CA ASN A 79 -5.13 -12.76 -0.25
C ASN A 79 -4.18 -12.45 0.91
N PRO A 80 -4.55 -12.85 2.13
CA PRO A 80 -3.75 -12.61 3.32
C PRO A 80 -2.47 -13.43 3.31
N VAL A 81 -2.40 -14.51 2.52
CA VAL A 81 -1.20 -15.35 2.46
C VAL A 81 0.00 -14.55 1.95
N SER A 82 -0.20 -13.81 0.86
CA SER A 82 0.85 -12.97 0.31
C SER A 82 1.13 -11.77 1.19
N ALA A 83 0.14 -11.35 1.98
CA ALA A 83 0.28 -10.21 2.86
C ALA A 83 1.19 -10.53 4.03
N GLN A 84 0.96 -11.66 4.72
CA GLN A 84 1.75 -12.02 5.88
C GLN A 84 3.19 -12.35 5.47
N ALA A 85 3.38 -12.81 4.23
CA ALA A 85 4.73 -13.06 3.74
C ALA A 85 5.47 -11.74 3.53
N ALA A 86 4.76 -10.75 2.98
CA ALA A 86 5.35 -9.45 2.70
C ALA A 86 5.72 -8.69 3.98
N ILE A 87 4.99 -8.91 5.08
CA ILE A 87 5.34 -8.27 6.34
C ILE A 87 6.68 -8.83 6.82
N GLN A 88 6.81 -10.15 6.86
CA GLN A 88 8.03 -10.79 7.30
C GLN A 88 9.17 -10.57 6.31
N ALA A 89 8.86 -10.06 5.11
CA ALA A 89 9.87 -9.83 4.08
C ALA A 89 10.50 -8.44 4.18
N MET A 90 9.79 -7.44 4.71
CA MET A 90 10.33 -6.09 4.82
C MET A 90 10.40 -5.57 6.24
N ASN A 91 9.62 -6.14 7.16
CA ASN A 91 9.70 -5.74 8.56
C ASN A 91 11.13 -5.95 9.06
N GLY A 92 11.76 -4.89 9.56
CA GLY A 92 13.13 -4.94 10.04
C GLY A 92 14.17 -4.89 8.92
N PHE A 93 13.76 -4.70 7.67
CA PHE A 93 14.69 -4.59 6.56
C PHE A 93 15.50 -3.30 6.73
N GLN A 94 16.79 -3.33 6.39
CA GLN A 94 17.65 -2.17 6.59
C GLN A 94 17.75 -1.35 5.31
N ILE A 95 17.49 -0.04 5.42
CA ILE A 95 17.62 0.89 4.31
C ILE A 95 18.12 2.24 4.85
N GLY A 96 19.07 2.87 4.16
CA GLY A 96 19.56 4.17 4.60
C GLY A 96 20.15 4.06 6.00
N MET A 97 19.50 4.72 6.97
CA MET A 97 19.93 4.74 8.36
C MET A 97 18.83 4.32 9.33
N LYS A 98 17.74 3.71 8.83
CA LYS A 98 16.65 3.24 9.67
C LYS A 98 15.95 2.04 9.05
N ARG A 99 15.50 1.10 9.88
CA ARG A 99 14.85 -0.11 9.39
C ARG A 99 13.37 0.13 9.09
N LEU A 100 12.85 -0.51 8.03
CA LEU A 100 11.45 -0.37 7.65
C LEU A 100 10.56 -1.03 8.70
N LYS A 101 9.53 -0.30 9.15
CA LYS A 101 8.48 -0.87 9.97
C LYS A 101 7.36 -1.33 9.04
N VAL A 102 6.80 -2.51 9.30
CA VAL A 102 5.66 -3.02 8.53
C VAL A 102 4.57 -3.52 9.46
N GLN A 103 3.30 -3.27 9.11
CA GLN A 103 2.18 -3.59 9.98
C GLN A 103 0.94 -3.96 9.17
N LEU A 104 -0.04 -4.63 9.80
CA LEU A 104 -1.31 -4.96 9.17
C LEU A 104 -2.30 -3.83 9.41
N LYS A 105 -3.13 -3.46 8.42
CA LYS A 105 -4.17 -2.46 8.61
C LYS A 105 -5.19 -2.96 9.63
N ARG A 106 -5.92 -2.04 10.27
CA ARG A 106 -6.94 -2.42 11.23
C ARG A 106 -7.99 -3.31 10.57
N SER A 107 -8.54 -4.25 11.32
CA SER A 107 -9.47 -5.22 10.78
C SER A 107 -10.77 -4.56 10.33
N LYS A 108 -11.43 -5.16 9.34
CA LYS A 108 -12.69 -4.66 8.82
C LYS A 108 -13.82 -4.84 9.83
N ASN A 109 -13.54 -5.54 10.93
CA ASN A 109 -14.50 -5.76 12.01
C ASN A 109 -14.42 -4.65 13.05
N ASP A 110 -13.42 -3.77 12.98
CA ASP A 110 -13.24 -2.71 13.96
C ASP A 110 -12.96 -1.32 13.37
N SER A 111 -12.43 -1.28 12.15
CA SER A 111 -12.14 -0.03 11.45
C SER A 111 -13.42 0.66 11.00
N LYS A 112 -14.53 -0.08 10.91
CA LYS A 112 -15.82 0.46 10.51
C LYS A 112 -16.40 1.33 11.64
N PRO A 113 -17.26 2.29 11.30
CA PRO A 113 -17.85 3.22 12.26
C PRO A 113 -18.88 2.52 13.15
N TRP A 114 -19.32 1.31 12.76
CA TRP A 114 -20.25 0.51 13.52
C TRP A 114 -19.59 -0.16 14.72
N MET A 1 -26.86 -14.67 -19.49
CA MET A 1 -28.13 -14.81 -20.22
C MET A 1 -28.15 -16.09 -21.05
N GLY A 2 -27.26 -16.19 -22.04
CA GLY A 2 -27.16 -17.38 -22.88
C GLY A 2 -26.41 -18.51 -22.17
N SER A 3 -26.40 -19.69 -22.77
CA SER A 3 -25.73 -20.86 -22.22
C SER A 3 -24.22 -20.79 -22.37
N SER A 4 -23.73 -19.84 -23.19
CA SER A 4 -22.30 -19.68 -23.43
C SER A 4 -21.95 -18.24 -23.84
N HIS A 5 -22.88 -17.31 -23.67
CA HIS A 5 -22.70 -15.91 -24.07
C HIS A 5 -23.56 -14.99 -23.22
N HIS A 6 -23.24 -13.69 -23.24
CA HIS A 6 -23.90 -12.68 -22.43
C HIS A 6 -24.04 -11.37 -23.21
N HIS A 7 -24.77 -10.41 -22.63
CA HIS A 7 -25.04 -9.13 -23.26
C HIS A 7 -24.85 -8.00 -22.24
N HIS A 8 -24.72 -6.77 -22.74
CA HIS A 8 -24.50 -5.59 -21.90
C HIS A 8 -24.97 -4.33 -22.62
N HIS A 9 -24.97 -3.20 -21.90
CA HIS A 9 -25.40 -1.92 -22.44
C HIS A 9 -24.70 -0.77 -21.70
N HIS A 10 -24.70 0.43 -22.30
CA HIS A 10 -24.04 1.58 -21.72
C HIS A 10 -24.83 2.13 -20.53
N SER A 11 -24.13 2.75 -19.58
CA SER A 11 -24.74 3.34 -18.40
C SER A 11 -23.80 4.40 -17.81
N SER A 12 -24.35 5.32 -17.02
CA SER A 12 -23.58 6.39 -16.41
C SER A 12 -22.62 5.83 -15.36
N GLY A 13 -21.44 6.45 -15.23
CA GLY A 13 -20.43 6.03 -14.28
C GLY A 13 -19.04 6.52 -14.70
N LEU A 14 -18.01 6.02 -14.02
CA LEU A 14 -16.62 6.35 -14.32
C LEU A 14 -15.70 5.19 -13.92
N VAL A 15 -14.66 4.93 -14.72
CA VAL A 15 -13.72 3.85 -14.46
C VAL A 15 -12.85 4.14 -13.23
N PRO A 16 -12.65 3.15 -12.34
CA PRO A 16 -11.82 3.30 -11.16
C PRO A 16 -10.34 3.31 -11.50
N ARG A 17 -9.98 2.98 -12.75
CA ARG A 17 -8.60 2.97 -13.21
C ARG A 17 -8.05 4.40 -13.24
N GLY A 18 -6.84 4.58 -12.70
CA GLY A 18 -6.19 5.88 -12.67
C GLY A 18 -6.84 6.86 -11.69
N SER A 19 -7.88 6.42 -10.97
CA SER A 19 -8.58 7.26 -10.01
C SER A 19 -7.73 7.50 -8.77
N HIS A 20 -8.04 8.56 -8.03
CA HIS A 20 -7.37 8.89 -6.78
C HIS A 20 -7.72 7.90 -5.67
N MET A 21 -8.75 7.07 -5.90
CA MET A 21 -9.18 6.08 -4.92
C MET A 21 -8.25 4.86 -4.91
N GLN A 22 -7.94 4.36 -3.71
CA GLN A 22 -7.10 3.18 -3.54
C GLN A 22 -7.99 1.96 -3.33
N LYS A 23 -7.48 0.78 -3.71
CA LYS A 23 -8.25 -0.46 -3.67
C LYS A 23 -7.71 -1.41 -2.61
N GLU A 24 -8.54 -2.36 -2.17
CA GLU A 24 -8.16 -3.33 -1.16
C GLU A 24 -8.75 -4.71 -1.47
N GLY A 25 -8.09 -5.74 -0.94
CA GLY A 25 -8.52 -7.13 -1.07
C GLY A 25 -9.40 -7.55 0.10
N PRO A 26 -9.41 -8.84 0.44
CA PRO A 26 -10.17 -9.39 1.55
C PRO A 26 -9.58 -8.95 2.90
N GLU A 27 -10.21 -9.37 4.00
CA GLU A 27 -9.78 -9.01 5.33
C GLU A 27 -8.34 -9.47 5.61
N GLY A 28 -7.54 -8.58 6.20
CA GLY A 28 -6.16 -8.89 6.59
C GLY A 28 -5.19 -8.86 5.42
N ALA A 29 -5.69 -8.59 4.21
CA ALA A 29 -4.90 -8.54 3.00
C ALA A 29 -4.36 -7.14 2.71
N ASN A 30 -3.94 -6.41 3.75
CA ASN A 30 -3.45 -5.05 3.59
C ASN A 30 -2.31 -4.73 4.54
N LEU A 31 -1.29 -4.01 4.07
CA LEU A 31 -0.06 -3.78 4.82
C LEU A 31 0.31 -2.31 4.89
N PHE A 32 1.04 -1.98 5.96
CA PHE A 32 1.69 -0.70 6.18
C PHE A 32 3.20 -0.76 6.12
N ILE A 33 3.83 0.31 5.65
CA ILE A 33 5.28 0.38 5.52
C ILE A 33 5.74 1.77 5.96
N TYR A 34 6.65 1.85 6.92
CA TYR A 34 7.09 3.13 7.46
C TYR A 34 8.62 3.13 7.48
N HIS A 35 9.20 4.24 7.93
CA HIS A 35 10.64 4.49 7.97
C HIS A 35 11.26 4.53 6.57
N LEU A 36 10.44 4.66 5.53
CA LEU A 36 10.91 4.72 4.15
C LEU A 36 11.66 6.04 3.90
N PRO A 37 12.71 6.01 3.07
CA PRO A 37 13.41 7.20 2.63
C PRO A 37 12.56 7.93 1.59
N GLN A 38 12.87 9.20 1.33
CA GLN A 38 12.06 10.03 0.43
C GLN A 38 12.23 9.68 -1.04
N GLU A 39 13.16 8.77 -1.37
CA GLU A 39 13.36 8.33 -2.74
C GLU A 39 12.26 7.38 -3.20
N PHE A 40 11.42 6.91 -2.26
CA PHE A 40 10.26 6.08 -2.58
C PHE A 40 9.10 6.81 -3.24
N GLY A 41 8.24 6.05 -3.94
CA GLY A 41 7.06 6.58 -4.59
C GLY A 41 6.02 5.49 -4.79
N ASP A 42 4.84 5.85 -5.31
CA ASP A 42 3.74 4.90 -5.47
C ASP A 42 4.14 3.70 -6.31
N GLN A 43 4.94 3.93 -7.36
CA GLN A 43 5.36 2.88 -8.26
C GLN A 43 6.53 2.10 -7.65
N ASP A 44 7.39 2.78 -6.89
CA ASP A 44 8.54 2.15 -6.28
C ASP A 44 8.21 1.21 -5.13
N ILE A 45 7.23 1.59 -4.29
CA ILE A 45 6.81 0.73 -3.21
C ILE A 45 5.97 -0.43 -3.77
N LEU A 46 5.31 -0.19 -4.92
CA LEU A 46 4.55 -1.24 -5.59
C LEU A 46 5.51 -2.31 -6.10
N GLN A 47 6.54 -1.91 -6.85
CA GLN A 47 7.51 -2.84 -7.40
C GLN A 47 8.30 -3.55 -6.32
N MET A 48 8.38 -2.97 -5.12
CA MET A 48 9.08 -3.59 -4.00
C MET A 48 8.22 -4.68 -3.37
N PHE A 49 6.88 -4.57 -3.50
CA PHE A 49 5.95 -5.53 -2.93
C PHE A 49 5.26 -6.52 -3.89
N MET A 50 5.39 -6.32 -5.20
CA MET A 50 4.80 -7.24 -6.16
C MET A 50 5.42 -8.65 -6.19
N PRO A 51 6.71 -8.86 -5.87
CA PRO A 51 7.26 -10.21 -5.88
C PRO A 51 6.71 -11.07 -4.74
N PHE A 52 6.06 -10.44 -3.75
CA PHE A 52 5.49 -11.14 -2.61
C PHE A 52 4.09 -11.70 -2.91
N GLY A 53 3.46 -11.23 -3.98
CA GLY A 53 2.14 -11.69 -4.39
C GLY A 53 1.42 -10.62 -5.22
N ASN A 54 0.16 -10.89 -5.56
CA ASN A 54 -0.61 -9.98 -6.39
C ASN A 54 -1.07 -8.76 -5.58
N VAL A 55 -0.43 -7.62 -5.83
CA VAL A 55 -0.77 -6.36 -5.20
C VAL A 55 -1.86 -5.67 -6.02
N ILE A 56 -2.96 -5.30 -5.38
CA ILE A 56 -4.07 -4.64 -6.07
C ILE A 56 -3.87 -3.12 -6.07
N SER A 57 -3.22 -2.60 -5.04
CA SER A 57 -3.02 -1.16 -4.88
C SER A 57 -1.79 -0.89 -4.02
N ALA A 58 -1.15 0.25 -4.29
CA ALA A 58 0.05 0.67 -3.58
C ALA A 58 0.22 2.18 -3.72
N LYS A 59 0.67 2.85 -2.66
CA LYS A 59 0.89 4.29 -2.67
C LYS A 59 1.91 4.68 -1.60
N VAL A 60 2.61 5.78 -1.81
CA VAL A 60 3.46 6.38 -0.79
C VAL A 60 2.75 7.66 -0.34
N PHE A 61 2.82 7.96 0.96
CA PHE A 61 2.17 9.13 1.52
C PHE A 61 2.76 10.47 1.10
N ILE A 62 1.93 11.51 1.00
CA ILE A 62 2.35 12.84 0.57
C ILE A 62 1.78 13.90 1.52
N ASP A 63 2.51 14.99 1.74
CA ASP A 63 2.02 16.09 2.56
C ASP A 63 1.40 17.16 1.66
N LYS A 64 0.21 17.65 2.02
CA LYS A 64 -0.52 18.64 1.23
C LYS A 64 0.05 20.04 1.42
N GLN A 65 0.92 20.22 2.43
CA GLN A 65 1.51 21.51 2.75
C GLN A 65 2.82 21.76 2.01
N THR A 66 3.50 20.67 1.60
CA THR A 66 4.81 20.75 0.97
C THR A 66 4.99 19.88 -0.26
N ASN A 67 4.04 18.97 -0.47
CA ASN A 67 4.03 18.03 -1.59
C ASN A 67 5.25 17.10 -1.58
N LEU A 68 6.01 17.09 -0.48
CA LEU A 68 7.16 16.22 -0.32
C LEU A 68 6.71 14.81 0.05
N SER A 69 7.53 13.81 -0.27
CA SER A 69 7.22 12.43 0.05
C SER A 69 7.34 12.20 1.56
N LYS A 70 6.37 11.50 2.13
CA LYS A 70 6.40 11.14 3.54
C LYS A 70 7.20 9.86 3.74
N CYS A 71 7.60 9.60 4.99
CA CYS A 71 8.44 8.48 5.34
C CYS A 71 7.71 7.14 5.42
N PHE A 72 6.50 7.01 4.84
CA PHE A 72 5.78 5.75 4.96
C PHE A 72 4.80 5.68 3.79
N GLY A 73 4.19 4.50 3.62
CA GLY A 73 3.32 4.18 2.50
C GLY A 73 2.34 3.06 2.86
N PHE A 74 1.53 2.67 1.86
CA PHE A 74 0.49 1.66 1.97
C PHE A 74 0.38 0.72 0.78
N VAL A 75 0.06 -0.56 1.03
CA VAL A 75 -0.03 -1.60 0.00
C VAL A 75 -1.12 -2.61 0.36
N SER A 76 -1.74 -3.25 -0.64
CA SER A 76 -2.78 -4.25 -0.40
C SER A 76 -2.72 -5.41 -1.39
N TYR A 77 -3.03 -6.61 -0.89
CA TYR A 77 -3.00 -7.85 -1.64
C TYR A 77 -4.37 -8.43 -2.01
N ASP A 78 -4.39 -9.37 -2.96
CA ASP A 78 -5.62 -10.07 -3.33
C ASP A 78 -5.90 -11.21 -2.33
N ASN A 79 -4.94 -11.49 -1.44
CA ASN A 79 -5.10 -12.49 -0.39
C ASN A 79 -4.16 -12.21 0.78
N PRO A 80 -4.55 -12.60 1.99
CA PRO A 80 -3.76 -12.36 3.20
C PRO A 80 -2.51 -13.22 3.25
N VAL A 81 -2.46 -14.30 2.47
CA VAL A 81 -1.30 -15.19 2.49
C VAL A 81 -0.06 -14.48 1.99
N SER A 82 -0.20 -13.73 0.89
CA SER A 82 0.89 -12.94 0.33
C SER A 82 1.23 -11.76 1.23
N ALA A 83 0.26 -11.28 2.01
CA ALA A 83 0.46 -10.14 2.88
C ALA A 83 1.31 -10.53 4.09
N GLN A 84 0.99 -11.65 4.75
CA GLN A 84 1.73 -12.06 5.93
C GLN A 84 3.16 -12.46 5.56
N ALA A 85 3.37 -12.93 4.32
CA ALA A 85 4.71 -13.23 3.85
C ALA A 85 5.52 -11.95 3.68
N ALA A 86 4.90 -10.92 3.11
CA ALA A 86 5.57 -9.65 2.87
C ALA A 86 5.90 -8.91 4.16
N ILE A 87 5.15 -9.15 5.26
CA ILE A 87 5.50 -8.55 6.55
C ILE A 87 6.82 -9.14 7.03
N GLN A 88 6.91 -10.47 7.07
CA GLN A 88 8.11 -11.15 7.52
C GLN A 88 9.27 -10.93 6.54
N ALA A 89 8.98 -10.43 5.34
CA ALA A 89 9.98 -10.21 4.33
C ALA A 89 10.64 -8.83 4.44
N MET A 90 9.89 -7.80 4.88
CA MET A 90 10.42 -6.45 4.93
C MET A 90 10.37 -5.78 6.29
N ASN A 91 9.65 -6.35 7.26
CA ASN A 91 9.69 -5.84 8.62
C ASN A 91 11.13 -5.97 9.13
N GLY A 92 11.72 -4.86 9.58
CA GLY A 92 13.09 -4.84 10.07
C GLY A 92 14.11 -4.71 8.94
N PHE A 93 13.67 -4.51 7.69
CA PHE A 93 14.57 -4.39 6.55
C PHE A 93 15.50 -3.18 6.69
N GLN A 94 16.81 -3.41 6.61
CA GLN A 94 17.78 -2.34 6.79
C GLN A 94 17.89 -1.49 5.52
N ILE A 95 17.76 -0.17 5.68
CA ILE A 95 17.87 0.79 4.60
C ILE A 95 18.42 2.10 5.14
N GLY A 96 19.37 2.73 4.44
CA GLY A 96 19.92 3.99 4.89
C GLY A 96 20.54 3.84 6.29
N MET A 97 19.90 4.46 7.28
CA MET A 97 20.36 4.42 8.66
C MET A 97 19.23 4.05 9.63
N LYS A 98 18.12 3.51 9.11
CA LYS A 98 16.97 3.13 9.94
C LYS A 98 16.22 1.97 9.28
N ARG A 99 15.73 1.03 10.10
CA ARG A 99 15.07 -0.17 9.58
C ARG A 99 13.60 0.11 9.29
N LEU A 100 13.06 -0.52 8.23
CA LEU A 100 11.66 -0.36 7.87
C LEU A 100 10.74 -1.05 8.86
N LYS A 101 9.69 -0.34 9.31
CA LYS A 101 8.63 -0.94 10.10
C LYS A 101 7.53 -1.41 9.14
N VAL A 102 6.97 -2.58 9.37
CA VAL A 102 5.86 -3.09 8.57
C VAL A 102 4.79 -3.66 9.51
N GLN A 103 3.51 -3.37 9.24
CA GLN A 103 2.44 -3.77 10.14
C GLN A 103 1.11 -3.92 9.41
N LEU A 104 0.16 -4.63 10.00
CA LEU A 104 -1.18 -4.81 9.46
C LEU A 104 -2.01 -3.53 9.65
N LYS A 105 -3.04 -3.36 8.81
CA LYS A 105 -3.99 -2.27 8.93
C LYS A 105 -4.83 -2.46 10.20
N ARG A 106 -5.37 -1.37 10.77
CA ARG A 106 -6.19 -1.47 11.96
C ARG A 106 -7.43 -2.31 11.69
N SER A 107 -7.91 -3.00 12.74
CA SER A 107 -9.08 -3.87 12.65
C SER A 107 -9.75 -4.01 14.01
N LYS A 108 -11.04 -4.38 13.99
CA LYS A 108 -11.81 -4.56 15.22
C LYS A 108 -11.43 -5.86 15.92
N ASN A 109 -10.59 -6.69 15.28
CA ASN A 109 -10.11 -7.93 15.90
C ASN A 109 -9.15 -7.60 17.05
N ASP A 110 -8.56 -6.40 17.05
CA ASP A 110 -7.64 -5.97 18.09
C ASP A 110 -8.47 -5.39 19.26
N SER A 111 -9.73 -5.05 19.01
CA SER A 111 -10.61 -4.49 20.04
C SER A 111 -11.18 -5.60 20.93
N LYS A 112 -10.97 -6.86 20.56
CA LYS A 112 -11.46 -8.01 21.32
C LYS A 112 -10.73 -8.11 22.66
N PRO A 113 -11.39 -8.67 23.68
CA PRO A 113 -10.82 -8.86 25.00
C PRO A 113 -9.82 -10.03 25.00
N TRP A 114 -9.84 -10.85 23.95
CA TRP A 114 -8.95 -12.00 23.82
C TRP A 114 -7.51 -11.58 23.52
N MET A 1 -9.42 -9.27 -15.18
CA MET A 1 -10.38 -9.44 -16.28
C MET A 1 -9.91 -10.56 -17.21
N GLY A 2 -10.85 -11.29 -17.82
CA GLY A 2 -10.55 -12.42 -18.70
C GLY A 2 -9.96 -12.00 -20.05
N SER A 3 -9.85 -10.69 -20.30
CA SER A 3 -9.32 -10.18 -21.55
C SER A 3 -8.75 -8.77 -21.34
N SER A 4 -7.91 -8.32 -22.27
CA SER A 4 -7.31 -7.00 -22.21
C SER A 4 -6.93 -6.53 -23.61
N HIS A 5 -6.94 -5.22 -23.83
CA HIS A 5 -6.72 -4.57 -25.13
C HIS A 5 -7.74 -5.01 -26.19
N HIS A 6 -7.80 -4.27 -27.29
CA HIS A 6 -8.74 -4.55 -28.37
C HIS A 6 -8.22 -5.68 -29.27
N HIS A 7 -9.16 -6.45 -29.85
CA HIS A 7 -8.86 -7.56 -30.75
C HIS A 7 -9.99 -7.74 -31.75
N HIS A 8 -9.73 -8.51 -32.80
CA HIS A 8 -10.72 -8.80 -33.84
C HIS A 8 -11.82 -9.75 -33.34
N HIS A 9 -11.84 -10.03 -32.04
CA HIS A 9 -12.81 -10.92 -31.43
C HIS A 9 -13.21 -10.46 -30.02
N HIS A 10 -12.72 -9.28 -29.60
CA HIS A 10 -12.98 -8.76 -28.27
C HIS A 10 -14.44 -8.30 -28.13
N SER A 11 -14.93 -8.27 -26.89
CA SER A 11 -16.30 -7.86 -26.59
C SER A 11 -16.39 -7.38 -25.14
N SER A 12 -17.40 -6.56 -24.85
CA SER A 12 -17.61 -6.02 -23.52
C SER A 12 -18.03 -7.10 -22.53
N GLY A 13 -17.81 -6.84 -21.23
CA GLY A 13 -18.16 -7.79 -20.18
C GLY A 13 -17.60 -7.36 -18.82
N LEU A 14 -16.67 -6.39 -18.81
CA LEU A 14 -16.09 -5.88 -17.59
C LEU A 14 -17.11 -5.04 -16.82
N VAL A 15 -17.06 -5.08 -15.49
CA VAL A 15 -17.98 -4.31 -14.65
C VAL A 15 -17.73 -2.81 -14.79
N PRO A 16 -18.77 -2.00 -15.00
CA PRO A 16 -18.64 -0.56 -15.19
C PRO A 16 -18.28 0.17 -13.89
N ARG A 17 -18.40 -0.50 -12.74
CA ARG A 17 -18.06 0.09 -11.45
C ARG A 17 -16.55 0.25 -11.31
N GLY A 18 -16.12 1.39 -10.79
CA GLY A 18 -14.71 1.68 -10.57
C GLY A 18 -14.49 3.15 -10.23
N SER A 19 -13.27 3.47 -9.78
CA SER A 19 -12.90 4.83 -9.40
C SER A 19 -11.38 4.98 -9.39
N HIS A 20 -10.91 6.23 -9.38
CA HIS A 20 -9.48 6.54 -9.33
C HIS A 20 -8.90 6.27 -7.94
N MET A 21 -9.76 5.94 -6.96
CA MET A 21 -9.34 5.65 -5.59
C MET A 21 -8.56 4.35 -5.50
N GLN A 22 -7.91 4.15 -4.35
CA GLN A 22 -7.14 2.94 -4.06
C GLN A 22 -8.06 1.73 -3.96
N LYS A 23 -7.52 0.54 -4.26
CA LYS A 23 -8.24 -0.71 -4.13
C LYS A 23 -7.75 -1.50 -2.92
N GLU A 24 -8.59 -2.41 -2.43
CA GLU A 24 -8.25 -3.28 -1.31
C GLU A 24 -8.82 -4.69 -1.53
N GLY A 25 -8.13 -5.69 -0.98
CA GLY A 25 -8.53 -7.08 -1.05
C GLY A 25 -9.42 -7.47 0.14
N PRO A 26 -9.46 -8.76 0.50
CA PRO A 26 -10.22 -9.27 1.62
C PRO A 26 -9.61 -8.81 2.94
N GLU A 27 -10.25 -9.16 4.06
CA GLU A 27 -9.79 -8.77 5.38
C GLU A 27 -8.39 -9.33 5.67
N GLY A 28 -7.54 -8.48 6.26
CA GLY A 28 -6.18 -8.86 6.65
C GLY A 28 -5.21 -8.85 5.47
N ALA A 29 -5.70 -8.58 4.26
CA ALA A 29 -4.89 -8.55 3.05
C ALA A 29 -4.37 -7.14 2.76
N ASN A 30 -3.97 -6.40 3.79
CA ASN A 30 -3.50 -5.03 3.63
C ASN A 30 -2.37 -4.70 4.59
N LEU A 31 -1.35 -3.98 4.10
CA LEU A 31 -0.13 -3.74 4.85
C LEU A 31 0.24 -2.26 4.93
N PHE A 32 0.98 -1.93 5.97
CA PHE A 32 1.61 -0.64 6.19
C PHE A 32 3.12 -0.65 6.11
N ILE A 33 3.72 0.45 5.69
CA ILE A 33 5.16 0.56 5.55
C ILE A 33 5.59 1.94 6.04
N TYR A 34 6.67 2.01 6.82
CA TYR A 34 7.14 3.27 7.37
C TYR A 34 8.67 3.26 7.35
N HIS A 35 9.27 4.37 7.79
CA HIS A 35 10.70 4.60 7.80
C HIS A 35 11.31 4.62 6.39
N LEU A 36 10.48 4.75 5.36
CA LEU A 36 10.95 4.78 3.98
C LEU A 36 11.78 6.04 3.71
N PRO A 37 12.81 5.94 2.88
CA PRO A 37 13.58 7.09 2.44
C PRO A 37 12.74 7.92 1.46
N GLN A 38 13.16 9.15 1.19
CA GLN A 38 12.40 10.09 0.39
C GLN A 38 12.35 9.70 -1.09
N GLU A 39 13.22 8.79 -1.51
CA GLU A 39 13.29 8.37 -2.91
C GLU A 39 12.13 7.45 -3.31
N PHE A 40 11.33 6.99 -2.36
CA PHE A 40 10.16 6.16 -2.65
C PHE A 40 8.98 6.86 -3.31
N GLY A 41 8.13 6.09 -3.98
CA GLY A 41 6.92 6.57 -4.62
C GLY A 41 5.93 5.43 -4.81
N ASP A 42 4.71 5.73 -5.29
CA ASP A 42 3.65 4.75 -5.43
C ASP A 42 4.10 3.60 -6.34
N GLN A 43 4.87 3.93 -7.38
CA GLN A 43 5.35 2.95 -8.34
C GLN A 43 6.54 2.17 -7.77
N ASP A 44 7.35 2.84 -6.95
CA ASP A 44 8.53 2.21 -6.35
C ASP A 44 8.22 1.25 -5.21
N ILE A 45 7.24 1.59 -4.37
CA ILE A 45 6.84 0.69 -3.29
C ILE A 45 6.03 -0.46 -3.89
N LEU A 46 5.38 -0.23 -5.04
CA LEU A 46 4.67 -1.29 -5.74
C LEU A 46 5.68 -2.32 -6.26
N GLN A 47 6.73 -1.86 -6.94
CA GLN A 47 7.76 -2.72 -7.49
C GLN A 47 8.53 -3.44 -6.38
N MET A 48 8.54 -2.87 -5.17
CA MET A 48 9.21 -3.49 -4.04
C MET A 48 8.35 -4.59 -3.44
N PHE A 49 7.03 -4.49 -3.61
CA PHE A 49 6.07 -5.45 -3.06
C PHE A 49 5.41 -6.44 -4.02
N MET A 50 5.62 -6.27 -5.33
CA MET A 50 5.05 -7.19 -6.32
C MET A 50 5.62 -8.62 -6.27
N PRO A 51 6.89 -8.88 -5.89
CA PRO A 51 7.42 -10.24 -5.90
C PRO A 51 6.85 -11.07 -4.76
N PHE A 52 6.15 -10.43 -3.81
CA PHE A 52 5.55 -11.11 -2.68
C PHE A 52 4.21 -11.75 -3.01
N GLY A 53 3.56 -11.28 -4.08
CA GLY A 53 2.28 -11.79 -4.54
C GLY A 53 1.48 -10.73 -5.29
N ASN A 54 0.21 -11.01 -5.54
CA ASN A 54 -0.64 -10.10 -6.30
C ASN A 54 -1.09 -8.93 -5.43
N VAL A 55 -0.40 -7.78 -5.58
CA VAL A 55 -0.77 -6.55 -4.92
C VAL A 55 -1.78 -5.87 -5.85
N ILE A 56 -2.91 -5.44 -5.29
CA ILE A 56 -3.97 -4.79 -6.07
C ILE A 56 -3.77 -3.28 -6.13
N SER A 57 -3.13 -2.73 -5.10
CA SER A 57 -2.92 -1.29 -5.01
C SER A 57 -1.71 -1.00 -4.12
N ALA A 58 -1.04 0.12 -4.40
CA ALA A 58 0.15 0.54 -3.68
C ALA A 58 0.23 2.07 -3.67
N LYS A 59 0.77 2.64 -2.58
CA LYS A 59 0.75 4.08 -2.36
C LYS A 59 1.86 4.51 -1.41
N VAL A 60 2.53 5.62 -1.73
CA VAL A 60 3.45 6.28 -0.81
C VAL A 60 2.79 7.61 -0.44
N PHE A 61 2.83 7.97 0.84
CA PHE A 61 2.11 9.13 1.32
C PHE A 61 2.78 10.48 1.05
N ILE A 62 1.96 11.52 0.84
CA ILE A 62 2.45 12.85 0.51
C ILE A 62 1.77 13.90 1.36
N ASP A 63 2.49 14.96 1.73
CA ASP A 63 1.92 16.07 2.50
C ASP A 63 1.38 17.12 1.55
N LYS A 64 0.15 17.60 1.80
CA LYS A 64 -0.48 18.59 0.95
C LYS A 64 0.08 20.00 1.18
N GLN A 65 0.84 20.18 2.26
CA GLN A 65 1.40 21.47 2.62
C GLN A 65 2.77 21.72 1.96
N THR A 66 3.48 20.65 1.60
CA THR A 66 4.83 20.72 1.08
C THR A 66 5.10 19.85 -0.14
N ASN A 67 4.16 18.93 -0.40
CA ASN A 67 4.23 17.98 -1.51
C ASN A 67 5.42 17.02 -1.38
N LEU A 68 6.11 17.05 -0.23
CA LEU A 68 7.20 16.13 0.06
C LEU A 68 6.64 14.80 0.57
N SER A 69 7.46 13.75 0.51
CA SER A 69 7.05 12.42 0.95
C SER A 69 6.92 12.37 2.46
N LYS A 70 5.90 11.66 2.96
CA LYS A 70 5.71 11.46 4.38
C LYS A 70 6.57 10.30 4.91
N CYS A 71 7.43 9.74 4.06
CA CYS A 71 8.35 8.68 4.43
C CYS A 71 7.65 7.38 4.91
N PHE A 72 6.39 7.17 4.51
CA PHE A 72 5.69 5.93 4.85
C PHE A 72 4.63 5.76 3.76
N GLY A 73 4.00 4.59 3.71
CA GLY A 73 3.06 4.26 2.65
C GLY A 73 2.12 3.11 3.01
N PHE A 74 1.35 2.68 2.02
CA PHE A 74 0.32 1.66 2.11
C PHE A 74 0.22 0.74 0.89
N VAL A 75 -0.06 -0.55 1.11
CA VAL A 75 -0.13 -1.55 0.04
C VAL A 75 -1.21 -2.60 0.39
N SER A 76 -1.80 -3.25 -0.61
CA SER A 76 -2.84 -4.25 -0.37
C SER A 76 -2.76 -5.42 -1.35
N TYR A 77 -3.08 -6.62 -0.86
CA TYR A 77 -3.02 -7.87 -1.61
C TYR A 77 -4.37 -8.50 -1.96
N ASP A 78 -4.37 -9.44 -2.91
CA ASP A 78 -5.57 -10.18 -3.26
C ASP A 78 -5.89 -11.29 -2.25
N ASN A 79 -4.93 -11.60 -1.37
CA ASN A 79 -5.10 -12.60 -0.32
C ASN A 79 -4.15 -12.32 0.84
N PRO A 80 -4.57 -12.66 2.08
CA PRO A 80 -3.79 -12.38 3.27
C PRO A 80 -2.56 -13.26 3.37
N VAL A 81 -2.51 -14.37 2.63
CA VAL A 81 -1.35 -15.27 2.66
C VAL A 81 -0.11 -14.56 2.16
N SER A 82 -0.27 -13.80 1.07
CA SER A 82 0.81 -13.02 0.49
C SER A 82 1.16 -11.83 1.40
N ALA A 83 0.16 -11.28 2.07
CA ALA A 83 0.36 -10.13 2.93
C ALA A 83 1.23 -10.50 4.12
N GLN A 84 0.94 -11.63 4.79
CA GLN A 84 1.70 -12.03 5.96
C GLN A 84 3.13 -12.42 5.56
N ALA A 85 3.34 -12.89 4.33
CA ALA A 85 4.67 -13.20 3.86
C ALA A 85 5.46 -11.91 3.66
N ALA A 86 4.82 -10.89 3.06
CA ALA A 86 5.47 -9.63 2.81
C ALA A 86 5.82 -8.88 4.10
N ILE A 87 5.10 -9.11 5.19
CA ILE A 87 5.46 -8.50 6.47
C ILE A 87 6.79 -9.09 6.93
N GLN A 88 6.86 -10.43 6.97
CA GLN A 88 8.07 -11.12 7.41
C GLN A 88 9.21 -10.92 6.42
N ALA A 89 8.91 -10.37 5.23
CA ALA A 89 9.91 -10.15 4.20
C ALA A 89 10.55 -8.77 4.29
N MET A 90 9.82 -7.75 4.77
CA MET A 90 10.36 -6.40 4.83
C MET A 90 10.30 -5.73 6.20
N ASN A 91 9.57 -6.29 7.16
CA ASN A 91 9.60 -5.77 8.52
C ASN A 91 11.04 -5.92 9.03
N GLY A 92 11.63 -4.82 9.51
CA GLY A 92 12.99 -4.80 9.99
C GLY A 92 14.02 -4.71 8.87
N PHE A 93 13.59 -4.51 7.62
CA PHE A 93 14.52 -4.39 6.50
C PHE A 93 15.41 -3.17 6.64
N GLN A 94 16.74 -3.36 6.68
CA GLN A 94 17.64 -2.23 6.87
C GLN A 94 17.80 -1.44 5.57
N ILE A 95 17.63 -0.12 5.67
CA ILE A 95 17.82 0.80 4.56
C ILE A 95 18.40 2.08 5.12
N GLY A 96 19.58 2.48 4.66
CA GLY A 96 20.28 3.61 5.25
C GLY A 96 20.60 3.31 6.71
N MET A 97 20.46 4.33 7.57
CA MET A 97 20.76 4.23 8.99
C MET A 97 19.58 3.75 9.83
N LYS A 98 18.52 3.23 9.22
CA LYS A 98 17.33 2.81 9.96
C LYS A 98 16.67 1.59 9.29
N ARG A 99 15.81 0.88 10.03
CA ARG A 99 15.11 -0.28 9.51
C ARG A 99 13.64 0.05 9.23
N LEU A 100 13.09 -0.48 8.13
CA LEU A 100 11.69 -0.29 7.79
C LEU A 100 10.77 -0.96 8.80
N LYS A 101 9.74 -0.25 9.24
CA LYS A 101 8.67 -0.84 10.03
C LYS A 101 7.57 -1.28 9.07
N VAL A 102 6.99 -2.47 9.28
CA VAL A 102 5.89 -2.96 8.47
C VAL A 102 4.84 -3.54 9.42
N GLN A 103 3.55 -3.24 9.18
CA GLN A 103 2.50 -3.66 10.10
C GLN A 103 1.17 -3.87 9.38
N LEU A 104 0.25 -4.60 10.00
CA LEU A 104 -1.08 -4.84 9.47
C LEU A 104 -1.95 -3.60 9.63
N LYS A 105 -2.97 -3.45 8.77
CA LYS A 105 -3.95 -2.38 8.88
C LYS A 105 -4.83 -2.60 10.10
N ARG A 106 -5.46 -1.54 10.61
CA ARG A 106 -6.33 -1.60 11.78
C ARG A 106 -7.48 -0.60 11.65
N SER A 107 -8.54 -0.81 12.42
CA SER A 107 -9.71 0.06 12.41
C SER A 107 -9.35 1.46 12.86
N LYS A 108 -10.14 2.45 12.42
CA LYS A 108 -9.90 3.84 12.75
C LYS A 108 -10.23 4.14 14.21
N ASN A 109 -10.78 3.16 14.94
CA ASN A 109 -11.04 3.30 16.36
C ASN A 109 -9.73 3.38 17.13
N ASP A 110 -8.61 3.00 16.49
CA ASP A 110 -7.28 3.09 17.07
C ASP A 110 -6.56 4.39 16.71
N SER A 111 -7.11 5.15 15.76
CA SER A 111 -6.50 6.40 15.30
C SER A 111 -6.82 7.55 16.25
N LYS A 112 -7.76 7.35 17.18
CA LYS A 112 -8.14 8.37 18.15
C LYS A 112 -6.95 8.74 19.04
N PRO A 113 -6.93 9.96 19.59
CA PRO A 113 -5.86 10.43 20.46
C PRO A 113 -5.94 9.80 21.86
N TRP A 114 -7.10 9.19 22.19
CA TRP A 114 -7.33 8.57 23.47
C TRP A 114 -6.58 7.25 23.62
N MET A 1 -16.99 39.36 -2.77
CA MET A 1 -17.89 40.23 -1.99
C MET A 1 -18.38 39.52 -0.74
N GLY A 2 -18.80 40.27 0.27
CA GLY A 2 -19.31 39.73 1.52
C GLY A 2 -20.77 39.30 1.39
N SER A 3 -21.41 39.57 0.25
CA SER A 3 -22.79 39.20 0.00
C SER A 3 -22.94 37.70 -0.15
N SER A 4 -24.16 37.18 0.02
CA SER A 4 -24.45 35.76 -0.10
C SER A 4 -25.92 35.55 -0.44
N HIS A 5 -26.28 34.32 -0.83
CA HIS A 5 -27.64 33.96 -1.19
C HIS A 5 -27.89 32.47 -0.95
N HIS A 6 -29.16 32.08 -0.94
CA HIS A 6 -29.58 30.70 -0.67
C HIS A 6 -29.57 29.85 -1.94
N HIS A 7 -29.29 30.45 -3.10
CA HIS A 7 -29.28 29.72 -4.38
C HIS A 7 -28.03 28.87 -4.52
N HIS A 8 -28.14 27.78 -5.29
CA HIS A 8 -27.04 26.84 -5.53
C HIS A 8 -27.16 26.23 -6.92
N HIS A 9 -26.02 25.79 -7.47
CA HIS A 9 -25.97 25.17 -8.79
C HIS A 9 -24.85 24.13 -8.88
N HIS A 10 -24.05 23.99 -7.82
CA HIS A 10 -22.96 23.04 -7.76
C HIS A 10 -23.49 21.61 -7.57
N SER A 11 -22.62 20.62 -7.77
CA SER A 11 -22.96 19.21 -7.62
C SER A 11 -21.69 18.41 -7.34
N SER A 12 -21.85 17.20 -6.77
CA SER A 12 -20.71 16.36 -6.46
C SER A 12 -20.07 15.83 -7.73
N GLY A 13 -18.74 15.77 -7.75
CA GLY A 13 -17.97 15.27 -8.89
C GLY A 13 -18.00 16.23 -10.09
N LEU A 14 -18.60 17.42 -9.93
CA LEU A 14 -18.68 18.41 -10.99
C LEU A 14 -17.32 19.06 -11.26
N VAL A 15 -16.41 19.01 -10.29
CA VAL A 15 -15.07 19.58 -10.42
C VAL A 15 -14.22 18.80 -11.41
N PRO A 16 -13.47 19.47 -12.29
CA PRO A 16 -12.56 18.86 -13.24
C PRO A 16 -11.48 17.97 -12.60
N ARG A 17 -11.30 18.09 -11.28
CA ARG A 17 -10.28 17.33 -10.55
C ARG A 17 -10.61 15.84 -10.55
N GLY A 18 -9.57 14.99 -10.48
CA GLY A 18 -9.70 13.56 -10.39
C GLY A 18 -8.44 12.95 -9.78
N SER A 19 -8.49 11.64 -9.51
CA SER A 19 -7.37 10.91 -8.94
C SER A 19 -7.50 9.41 -9.26
N HIS A 20 -6.38 8.69 -9.16
CA HIS A 20 -6.34 7.26 -9.46
C HIS A 20 -6.86 6.43 -8.29
N MET A 21 -6.74 6.95 -7.06
CA MET A 21 -7.16 6.28 -5.84
C MET A 21 -6.55 4.88 -5.67
N GLN A 22 -6.91 4.20 -4.58
CA GLN A 22 -6.42 2.87 -4.26
C GLN A 22 -7.58 1.97 -3.80
N LYS A 23 -7.44 0.67 -4.02
CA LYS A 23 -8.46 -0.33 -3.68
C LYS A 23 -7.81 -1.50 -2.93
N GLU A 24 -8.63 -2.26 -2.20
CA GLU A 24 -8.14 -3.32 -1.33
C GLU A 24 -8.76 -4.68 -1.63
N GLY A 25 -8.13 -5.72 -1.10
CA GLY A 25 -8.61 -7.09 -1.17
C GLY A 25 -9.50 -7.41 0.03
N PRO A 26 -9.55 -8.68 0.45
CA PRO A 26 -10.32 -9.13 1.60
C PRO A 26 -9.70 -8.57 2.89
N GLU A 27 -10.41 -8.71 4.02
CA GLU A 27 -9.92 -8.19 5.28
C GLU A 27 -8.62 -8.89 5.68
N GLY A 28 -7.66 -8.12 6.18
CA GLY A 28 -6.37 -8.63 6.62
C GLY A 28 -5.37 -8.75 5.47
N ALA A 29 -5.82 -8.51 4.23
CA ALA A 29 -4.96 -8.54 3.06
C ALA A 29 -4.44 -7.13 2.74
N ASN A 30 -4.07 -6.37 3.77
CA ASN A 30 -3.64 -4.99 3.60
C ASN A 30 -2.53 -4.64 4.58
N LEU A 31 -1.50 -3.92 4.10
CA LEU A 31 -0.28 -3.68 4.87
C LEU A 31 0.08 -2.21 5.00
N PHE A 32 0.88 -1.92 6.02
CA PHE A 32 1.51 -0.64 6.28
C PHE A 32 3.02 -0.69 6.25
N ILE A 33 3.66 0.33 5.67
CA ILE A 33 5.10 0.38 5.55
C ILE A 33 5.56 1.75 6.02
N TYR A 34 6.67 1.83 6.76
CA TYR A 34 7.13 3.10 7.31
C TYR A 34 8.66 3.14 7.22
N HIS A 35 9.21 4.29 7.60
CA HIS A 35 10.65 4.60 7.62
C HIS A 35 11.26 4.61 6.22
N LEU A 36 10.44 4.70 5.18
CA LEU A 36 10.91 4.76 3.80
C LEU A 36 11.63 6.09 3.55
N PRO A 37 12.74 6.08 2.79
CA PRO A 37 13.42 7.30 2.39
C PRO A 37 12.58 8.03 1.34
N GLN A 38 12.87 9.30 1.11
CA GLN A 38 12.05 10.15 0.24
C GLN A 38 12.19 9.79 -1.23
N GLU A 39 13.13 8.89 -1.58
CA GLU A 39 13.31 8.45 -2.95
C GLU A 39 12.20 7.45 -3.36
N PHE A 40 11.40 6.99 -2.40
CA PHE A 40 10.25 6.14 -2.67
C PHE A 40 9.04 6.84 -3.30
N GLY A 41 8.19 6.06 -3.95
CA GLY A 41 6.97 6.56 -4.56
C GLY A 41 5.98 5.42 -4.75
N ASP A 42 4.75 5.73 -5.18
CA ASP A 42 3.71 4.73 -5.33
C ASP A 42 4.08 3.58 -6.26
N GLN A 43 4.77 3.90 -7.35
CA GLN A 43 5.22 2.91 -8.33
C GLN A 43 6.43 2.14 -7.80
N ASP A 44 7.23 2.78 -6.94
CA ASP A 44 8.42 2.15 -6.38
C ASP A 44 8.14 1.16 -5.25
N ILE A 45 7.19 1.49 -4.37
CA ILE A 45 6.81 0.57 -3.30
C ILE A 45 5.99 -0.56 -3.90
N LEU A 46 5.35 -0.32 -5.06
CA LEU A 46 4.62 -1.37 -5.75
C LEU A 46 5.59 -2.45 -6.22
N GLN A 47 6.64 -2.04 -6.94
CA GLN A 47 7.62 -2.97 -7.46
C GLN A 47 8.38 -3.69 -6.36
N MET A 48 8.44 -3.09 -5.16
CA MET A 48 9.06 -3.72 -4.01
C MET A 48 8.16 -4.81 -3.43
N PHE A 49 6.85 -4.68 -3.60
CA PHE A 49 5.88 -5.61 -3.04
C PHE A 49 5.22 -6.62 -3.99
N MET A 50 5.39 -6.45 -5.31
CA MET A 50 4.81 -7.37 -6.27
C MET A 50 5.42 -8.78 -6.25
N PRO A 51 6.71 -9.00 -5.93
CA PRO A 51 7.26 -10.36 -5.92
C PRO A 51 6.75 -11.16 -4.71
N PHE A 52 6.07 -10.51 -3.76
CA PHE A 52 5.53 -11.18 -2.58
C PHE A 52 4.14 -11.76 -2.84
N GLY A 53 3.50 -11.36 -3.94
CA GLY A 53 2.17 -11.85 -4.32
C GLY A 53 1.43 -10.85 -5.18
N ASN A 54 0.16 -11.12 -5.47
CA ASN A 54 -0.63 -10.24 -6.32
C ASN A 54 -1.06 -9.00 -5.54
N VAL A 55 -0.37 -7.89 -5.76
CA VAL A 55 -0.71 -6.62 -5.16
C VAL A 55 -1.87 -6.00 -5.92
N ILE A 56 -2.93 -5.62 -5.20
CA ILE A 56 -4.10 -5.00 -5.82
C ILE A 56 -3.88 -3.50 -5.99
N SER A 57 -3.13 -2.88 -5.08
CA SER A 57 -2.82 -1.47 -5.16
C SER A 57 -1.67 -1.12 -4.22
N ALA A 58 -0.99 0.01 -4.48
CA ALA A 58 0.15 0.46 -3.71
C ALA A 58 0.25 1.98 -3.78
N LYS A 59 0.71 2.60 -2.69
CA LYS A 59 0.80 4.05 -2.60
C LYS A 59 1.80 4.48 -1.53
N VAL A 60 2.51 5.58 -1.75
CA VAL A 60 3.36 6.20 -0.74
C VAL A 60 2.70 7.51 -0.33
N PHE A 61 2.68 7.81 0.97
CA PHE A 61 2.03 9.01 1.48
C PHE A 61 2.76 10.31 1.19
N ILE A 62 2.01 11.39 0.95
CA ILE A 62 2.57 12.69 0.61
C ILE A 62 1.93 13.79 1.47
N ASP A 63 2.72 14.79 1.85
CA ASP A 63 2.21 15.93 2.62
C ASP A 63 1.70 16.99 1.66
N LYS A 64 0.47 17.50 1.88
CA LYS A 64 -0.11 18.50 1.01
C LYS A 64 0.50 19.88 1.25
N GLN A 65 1.25 20.05 2.35
CA GLN A 65 1.84 21.32 2.73
C GLN A 65 3.23 21.52 2.14
N THR A 66 3.91 20.44 1.80
CA THR A 66 5.29 20.47 1.30
C THR A 66 5.53 19.61 0.06
N ASN A 67 4.55 18.76 -0.25
CA ASN A 67 4.59 17.83 -1.38
C ASN A 67 5.73 16.82 -1.24
N LEU A 68 6.42 16.80 -0.10
CA LEU A 68 7.45 15.81 0.19
C LEU A 68 6.79 14.53 0.70
N SER A 69 7.53 13.42 0.63
CA SER A 69 7.02 12.13 1.09
C SER A 69 6.93 12.12 2.62
N LYS A 70 5.87 11.49 3.15
CA LYS A 70 5.71 11.32 4.58
C LYS A 70 6.57 10.18 5.11
N CYS A 71 7.43 9.62 4.26
CA CYS A 71 8.35 8.54 4.61
C CYS A 71 7.66 7.24 5.03
N PHE A 72 6.43 7.00 4.59
CA PHE A 72 5.74 5.75 4.88
C PHE A 72 4.67 5.61 3.79
N GLY A 73 4.07 4.43 3.68
CA GLY A 73 3.15 4.10 2.60
C GLY A 73 2.17 2.99 2.94
N PHE A 74 1.40 2.58 1.93
CA PHE A 74 0.34 1.58 1.99
C PHE A 74 0.28 0.63 0.79
N VAL A 75 -0.04 -0.64 1.03
CA VAL A 75 -0.10 -1.68 0.00
C VAL A 75 -1.21 -2.69 0.34
N SER A 76 -1.79 -3.34 -0.66
CA SER A 76 -2.84 -4.35 -0.43
C SER A 76 -2.71 -5.54 -1.36
N TYR A 77 -3.12 -6.72 -0.88
CA TYR A 77 -3.08 -7.98 -1.60
C TYR A 77 -4.44 -8.59 -1.95
N ASP A 78 -4.46 -9.52 -2.91
CA ASP A 78 -5.68 -10.26 -3.25
C ASP A 78 -5.99 -11.35 -2.20
N ASN A 79 -5.01 -11.64 -1.33
CA ASN A 79 -5.17 -12.59 -0.25
C ASN A 79 -4.23 -12.28 0.90
N PRO A 80 -4.61 -12.63 2.14
CA PRO A 80 -3.82 -12.35 3.32
C PRO A 80 -2.55 -13.21 3.37
N VAL A 81 -2.50 -14.31 2.61
CA VAL A 81 -1.34 -15.20 2.62
C VAL A 81 -0.11 -14.46 2.10
N SER A 82 -0.26 -13.73 1.00
CA SER A 82 0.82 -12.95 0.41
C SER A 82 1.14 -11.74 1.28
N ALA A 83 0.17 -11.25 2.05
CA ALA A 83 0.37 -10.08 2.89
C ALA A 83 1.26 -10.43 4.08
N GLN A 84 0.99 -11.55 4.77
CA GLN A 84 1.79 -11.92 5.93
C GLN A 84 3.22 -12.27 5.52
N ALA A 85 3.41 -12.79 4.31
CA ALA A 85 4.75 -13.07 3.80
C ALA A 85 5.49 -11.76 3.58
N ALA A 86 4.81 -10.77 3.01
CA ALA A 86 5.42 -9.48 2.72
C ALA A 86 5.80 -8.71 3.98
N ILE A 87 5.10 -8.93 5.10
CA ILE A 87 5.48 -8.29 6.36
C ILE A 87 6.83 -8.84 6.79
N GLN A 88 6.96 -10.16 6.83
CA GLN A 88 8.21 -10.80 7.25
C GLN A 88 9.32 -10.58 6.22
N ALA A 89 8.96 -10.08 5.03
CA ALA A 89 9.92 -9.86 3.95
C ALA A 89 10.56 -8.47 4.02
N MET A 90 9.87 -7.47 4.58
CA MET A 90 10.41 -6.11 4.65
C MET A 90 10.53 -5.58 6.07
N ASN A 91 9.79 -6.13 7.02
CA ASN A 91 9.91 -5.71 8.41
C ASN A 91 11.36 -5.92 8.86
N GLY A 92 11.99 -4.86 9.36
CA GLY A 92 13.37 -4.90 9.82
C GLY A 92 14.40 -4.68 8.70
N PHE A 93 13.95 -4.39 7.46
CA PHE A 93 14.86 -4.17 6.34
C PHE A 93 15.69 -2.91 6.58
N GLN A 94 17.02 -3.05 6.67
CA GLN A 94 17.88 -1.91 6.96
C GLN A 94 18.05 -1.04 5.72
N ILE A 95 17.82 0.27 5.88
CA ILE A 95 18.01 1.23 4.81
C ILE A 95 18.41 2.58 5.40
N GLY A 96 19.38 3.26 4.80
CA GLY A 96 19.84 4.53 5.32
C GLY A 96 20.41 4.36 6.73
N MET A 97 19.73 4.93 7.73
CA MET A 97 20.14 4.89 9.12
C MET A 97 19.06 4.32 10.05
N LYS A 98 18.05 3.66 9.47
CA LYS A 98 16.97 3.01 10.22
C LYS A 98 16.52 1.71 9.54
N ARG A 99 15.66 0.95 10.19
CA ARG A 99 15.06 -0.24 9.59
C ARG A 99 13.59 0.02 9.26
N LEU A 100 13.13 -0.47 8.11
CA LEU A 100 11.75 -0.31 7.70
C LEU A 100 10.81 -1.08 8.62
N LYS A 101 9.82 -0.36 9.18
CA LYS A 101 8.77 -0.98 9.97
C LYS A 101 7.66 -1.41 9.02
N VAL A 102 7.02 -2.56 9.30
CA VAL A 102 5.86 -3.03 8.55
C VAL A 102 4.79 -3.54 9.51
N GLN A 103 3.51 -3.24 9.24
CA GLN A 103 2.44 -3.59 10.15
C GLN A 103 1.15 -3.88 9.40
N LEU A 104 0.28 -4.74 9.96
CA LEU A 104 -1.02 -5.03 9.38
C LEU A 104 -1.94 -3.82 9.56
N LYS A 105 -2.87 -3.61 8.63
CA LYS A 105 -3.90 -2.59 8.73
C LYS A 105 -4.85 -2.95 9.89
N ARG A 106 -5.62 -1.97 10.37
CA ARG A 106 -6.61 -2.20 11.43
C ARG A 106 -7.62 -3.25 10.97
N SER A 107 -8.28 -3.90 11.93
CA SER A 107 -9.21 -4.98 11.64
C SER A 107 -10.28 -5.08 12.72
N LYS A 108 -11.35 -5.83 12.44
CA LYS A 108 -12.45 -6.00 13.38
C LYS A 108 -12.01 -6.75 14.64
N ASN A 109 -10.86 -7.43 14.57
CA ASN A 109 -10.30 -8.14 15.71
C ASN A 109 -9.83 -7.15 16.77
N ASP A 110 -9.49 -5.93 16.35
CA ASP A 110 -9.03 -4.87 17.25
C ASP A 110 -10.12 -3.88 17.68
N SER A 111 -11.31 -3.99 17.09
CA SER A 111 -12.42 -3.11 17.41
C SER A 111 -13.05 -3.49 18.75
N LYS A 112 -13.00 -4.78 19.10
CA LYS A 112 -13.52 -5.28 20.36
C LYS A 112 -12.50 -5.07 21.48
N PRO A 113 -12.97 -4.92 22.73
CA PRO A 113 -12.12 -4.75 23.90
C PRO A 113 -11.49 -6.07 24.34
N TRP A 114 -12.04 -7.20 23.87
CA TRP A 114 -11.57 -8.52 24.24
C TRP A 114 -10.31 -8.91 23.48
N MET A 1 -15.64 45.95 9.96
CA MET A 1 -15.40 45.61 8.54
C MET A 1 -15.42 46.87 7.68
N GLY A 2 -14.35 47.11 6.91
CA GLY A 2 -14.24 48.26 6.04
C GLY A 2 -15.09 48.12 4.78
N SER A 3 -15.29 49.22 4.07
CA SER A 3 -16.07 49.22 2.83
C SER A 3 -15.26 48.64 1.67
N SER A 4 -13.94 48.58 1.81
CA SER A 4 -13.05 48.05 0.79
C SER A 4 -13.18 46.54 0.65
N HIS A 5 -12.74 46.01 -0.49
CA HIS A 5 -12.78 44.59 -0.78
C HIS A 5 -11.78 43.82 0.09
N HIS A 6 -12.05 42.55 0.34
CA HIS A 6 -11.19 41.69 1.14
C HIS A 6 -11.41 40.21 0.84
N HIS A 7 -12.42 39.89 0.01
CA HIS A 7 -12.75 38.51 -0.32
C HIS A 7 -11.75 37.91 -1.30
N HIS A 8 -10.79 38.70 -1.80
CA HIS A 8 -9.75 38.22 -2.68
C HIS A 8 -8.69 37.41 -1.94
N HIS A 9 -8.63 37.53 -0.61
CA HIS A 9 -7.66 36.80 0.20
C HIS A 9 -8.07 35.33 0.35
N HIS A 10 -7.08 34.48 0.66
CA HIS A 10 -7.30 33.04 0.82
C HIS A 10 -6.25 32.46 1.76
N SER A 11 -6.57 31.34 2.40
CA SER A 11 -5.68 30.69 3.35
C SER A 11 -4.47 30.03 2.68
N SER A 12 -4.42 30.03 1.34
CA SER A 12 -3.36 29.43 0.55
C SER A 12 -3.16 27.95 0.87
N GLY A 13 -4.21 27.30 1.39
CA GLY A 13 -4.18 25.88 1.73
C GLY A 13 -4.32 25.01 0.49
N LEU A 14 -4.08 23.71 0.65
CA LEU A 14 -4.17 22.74 -0.44
C LEU A 14 -4.47 21.35 0.12
N VAL A 15 -5.21 20.54 -0.64
CA VAL A 15 -5.54 19.17 -0.26
C VAL A 15 -5.80 18.30 -1.48
N PRO A 16 -5.25 17.07 -1.53
CA PRO A 16 -5.44 16.16 -2.65
C PRO A 16 -6.83 15.54 -2.66
N ARG A 17 -7.60 15.73 -1.58
CA ARG A 17 -8.96 15.22 -1.43
C ARG A 17 -9.00 13.72 -1.72
N GLY A 18 -8.55 12.92 -0.75
CA GLY A 18 -8.51 11.47 -0.88
C GLY A 18 -9.89 10.86 -1.02
N SER A 19 -9.94 9.63 -1.52
CA SER A 19 -11.17 8.89 -1.73
C SER A 19 -10.88 7.39 -1.86
N HIS A 20 -11.92 6.59 -2.06
CA HIS A 20 -11.82 5.14 -2.16
C HIS A 20 -11.23 4.67 -3.50
N MET A 21 -10.46 5.52 -4.18
CA MET A 21 -9.90 5.20 -5.49
C MET A 21 -8.90 4.05 -5.41
N GLN A 22 -8.27 3.85 -4.25
CA GLN A 22 -7.38 2.73 -4.03
C GLN A 22 -8.19 1.51 -3.59
N LYS A 23 -7.97 0.36 -4.23
CA LYS A 23 -8.70 -0.86 -3.92
C LYS A 23 -8.03 -1.62 -2.78
N GLU A 24 -8.80 -2.48 -2.13
CA GLU A 24 -8.33 -3.27 -0.99
C GLU A 24 -8.79 -4.72 -1.09
N GLY A 25 -8.06 -5.62 -0.45
CA GLY A 25 -8.36 -7.03 -0.43
C GLY A 25 -9.20 -7.43 0.77
N PRO A 26 -9.27 -8.73 1.06
CA PRO A 26 -9.96 -9.30 2.21
C PRO A 26 -9.26 -8.90 3.51
N GLU A 27 -9.83 -9.28 4.65
CA GLU A 27 -9.26 -8.95 5.95
C GLU A 27 -7.86 -9.52 6.10
N GLY A 28 -6.93 -8.69 6.60
CA GLY A 28 -5.56 -9.09 6.87
C GLY A 28 -4.69 -9.09 5.61
N ALA A 29 -5.26 -8.73 4.46
CA ALA A 29 -4.52 -8.69 3.20
C ALA A 29 -3.93 -7.30 2.94
N ASN A 30 -4.15 -6.34 3.83
CA ASN A 30 -3.69 -4.97 3.66
C ASN A 30 -2.52 -4.70 4.61
N LEU A 31 -1.55 -3.88 4.19
CA LEU A 31 -0.34 -3.64 4.98
C LEU A 31 0.01 -2.17 5.15
N PHE A 32 0.64 -1.88 6.29
CA PHE A 32 1.30 -0.62 6.60
C PHE A 32 2.81 -0.67 6.38
N ILE A 33 3.41 0.41 5.88
CA ILE A 33 4.85 0.48 5.70
C ILE A 33 5.33 1.84 6.14
N TYR A 34 6.37 1.90 6.98
CA TYR A 34 6.88 3.17 7.51
C TYR A 34 8.40 3.14 7.40
N HIS A 35 9.03 4.23 7.84
CA HIS A 35 10.48 4.46 7.85
C HIS A 35 11.07 4.51 6.44
N LEU A 36 10.23 4.68 5.41
CA LEU A 36 10.68 4.77 4.03
C LEU A 36 11.42 6.09 3.81
N PRO A 37 12.52 6.08 3.06
CA PRO A 37 13.22 7.29 2.64
C PRO A 37 12.44 7.99 1.53
N GLN A 38 12.77 9.25 1.25
CA GLN A 38 12.02 10.06 0.29
C GLN A 38 12.26 9.63 -1.16
N GLU A 39 13.19 8.72 -1.40
CA GLU A 39 13.43 8.20 -2.75
C GLU A 39 12.33 7.21 -3.16
N PHE A 40 11.47 6.81 -2.21
CA PHE A 40 10.29 6.00 -2.52
C PHE A 40 9.13 6.75 -3.16
N GLY A 41 8.27 6.01 -3.84
CA GLY A 41 7.09 6.57 -4.49
C GLY A 41 6.05 5.47 -4.69
N ASP A 42 4.87 5.84 -5.20
CA ASP A 42 3.78 4.88 -5.37
C ASP A 42 4.12 3.68 -6.24
N GLN A 43 4.83 3.90 -7.34
CA GLN A 43 5.26 2.83 -8.23
C GLN A 43 6.49 2.12 -7.68
N ASP A 44 7.31 2.82 -6.89
CA ASP A 44 8.50 2.23 -6.30
C ASP A 44 8.21 1.27 -5.16
N ILE A 45 7.21 1.59 -4.31
CA ILE A 45 6.80 0.68 -3.25
C ILE A 45 5.99 -0.45 -3.87
N LEU A 46 5.37 -0.21 -5.03
CA LEU A 46 4.65 -1.24 -5.75
C LEU A 46 5.63 -2.31 -6.23
N GLN A 47 6.69 -1.89 -6.93
CA GLN A 47 7.68 -2.81 -7.45
C GLN A 47 8.45 -3.52 -6.33
N MET A 48 8.48 -2.93 -5.14
CA MET A 48 9.11 -3.55 -3.99
C MET A 48 8.22 -4.65 -3.41
N PHE A 49 6.90 -4.53 -3.59
CA PHE A 49 5.93 -5.47 -3.04
C PHE A 49 5.27 -6.46 -4.00
N MET A 50 5.43 -6.27 -5.31
CA MET A 50 4.84 -7.18 -6.29
C MET A 50 5.40 -8.60 -6.29
N PRO A 51 6.69 -8.86 -5.97
CA PRO A 51 7.21 -10.22 -5.99
C PRO A 51 6.68 -11.05 -4.83
N PHE A 52 6.00 -10.41 -3.86
CA PHE A 52 5.45 -11.10 -2.70
C PHE A 52 4.06 -11.67 -2.99
N GLY A 53 3.42 -11.24 -4.07
CA GLY A 53 2.10 -11.72 -4.46
C GLY A 53 1.35 -10.68 -5.28
N ASN A 54 0.05 -10.95 -5.53
CA ASN A 54 -0.76 -10.05 -6.34
C ASN A 54 -1.16 -8.83 -5.54
N VAL A 55 -0.49 -7.70 -5.79
CA VAL A 55 -0.79 -6.43 -5.16
C VAL A 55 -2.01 -5.81 -5.85
N ILE A 56 -3.01 -5.41 -5.07
CA ILE A 56 -4.21 -4.79 -5.62
C ILE A 56 -4.02 -3.27 -5.75
N SER A 57 -3.26 -2.67 -4.84
CA SER A 57 -2.98 -1.24 -4.87
C SER A 57 -1.71 -0.94 -4.09
N ALA A 58 -1.05 0.18 -4.42
CA ALA A 58 0.18 0.60 -3.78
C ALA A 58 0.30 2.11 -3.88
N LYS A 59 0.75 2.76 -2.79
CA LYS A 59 0.84 4.21 -2.73
C LYS A 59 1.80 4.65 -1.62
N VAL A 60 2.57 5.72 -1.85
CA VAL A 60 3.38 6.34 -0.82
C VAL A 60 2.74 7.67 -0.48
N PHE A 61 2.71 8.03 0.80
CA PHE A 61 2.05 9.25 1.23
C PHE A 61 2.79 10.53 0.86
N ILE A 62 2.06 11.62 0.63
CA ILE A 62 2.60 12.91 0.25
C ILE A 62 2.06 13.98 1.18
N ASP A 63 2.88 14.98 1.52
CA ASP A 63 2.44 16.08 2.38
C ASP A 63 1.70 17.11 1.52
N LYS A 64 0.50 17.50 1.93
CA LYS A 64 -0.30 18.46 1.18
C LYS A 64 0.23 19.89 1.36
N GLN A 65 1.13 20.10 2.32
CA GLN A 65 1.67 21.41 2.65
C GLN A 65 2.95 21.73 1.90
N THR A 66 3.66 20.70 1.45
CA THR A 66 4.97 20.83 0.81
C THR A 66 5.15 19.98 -0.44
N ASN A 67 4.20 19.07 -0.66
CA ASN A 67 4.19 18.14 -1.78
C ASN A 67 5.39 17.19 -1.76
N LEU A 68 6.16 17.18 -0.67
CA LEU A 68 7.27 16.26 -0.51
C LEU A 68 6.78 14.89 -0.07
N SER A 69 7.54 13.85 -0.40
CA SER A 69 7.18 12.48 -0.06
C SER A 69 7.31 12.26 1.44
N LYS A 70 6.34 11.57 2.03
CA LYS A 70 6.36 11.23 3.45
C LYS A 70 7.19 9.97 3.69
N CYS A 71 7.50 9.72 4.96
CA CYS A 71 8.35 8.60 5.36
C CYS A 71 7.59 7.27 5.48
N PHE A 72 6.41 7.13 4.88
CA PHE A 72 5.67 5.88 5.02
C PHE A 72 4.66 5.81 3.86
N GLY A 73 4.02 4.63 3.72
CA GLY A 73 3.14 4.34 2.60
C GLY A 73 2.16 3.21 2.89
N PHE A 74 1.48 2.74 1.84
CA PHE A 74 0.41 1.74 1.90
C PHE A 74 0.37 0.75 0.72
N VAL A 75 0.07 -0.52 1.00
CA VAL A 75 0.00 -1.58 0.00
C VAL A 75 -1.11 -2.58 0.38
N SER A 76 -1.70 -3.26 -0.60
CA SER A 76 -2.76 -4.23 -0.37
C SER A 76 -2.63 -5.45 -1.30
N TYR A 77 -3.11 -6.61 -0.82
CA TYR A 77 -3.08 -7.86 -1.55
C TYR A 77 -4.44 -8.47 -1.87
N ASP A 78 -4.48 -9.39 -2.84
CA ASP A 78 -5.70 -10.13 -3.15
C ASP A 78 -6.01 -11.24 -2.14
N ASN A 79 -5.00 -11.59 -1.33
CA ASN A 79 -5.14 -12.60 -0.29
C ASN A 79 -4.15 -12.34 0.86
N PRO A 80 -4.51 -12.73 2.08
CA PRO A 80 -3.69 -12.47 3.25
C PRO A 80 -2.39 -13.26 3.25
N VAL A 81 -2.33 -14.39 2.52
CA VAL A 81 -1.13 -15.21 2.50
C VAL A 81 0.05 -14.46 1.90
N SER A 82 -0.19 -13.66 0.86
CA SER A 82 0.85 -12.85 0.24
C SER A 82 1.18 -11.64 1.11
N ALA A 83 0.21 -11.18 1.90
CA ALA A 83 0.41 -10.01 2.74
C ALA A 83 1.28 -10.35 3.94
N GLN A 84 0.98 -11.46 4.62
CA GLN A 84 1.74 -11.85 5.81
C GLN A 84 3.15 -12.27 5.41
N ALA A 85 3.33 -12.76 4.18
CA ALA A 85 4.66 -13.05 3.67
C ALA A 85 5.42 -11.76 3.44
N ALA A 86 4.75 -10.74 2.88
CA ALA A 86 5.38 -9.46 2.62
C ALA A 86 5.77 -8.74 3.91
N ILE A 87 5.07 -8.98 5.02
CA ILE A 87 5.48 -8.40 6.30
C ILE A 87 6.83 -9.00 6.68
N GLN A 88 6.93 -10.33 6.68
CA GLN A 88 8.17 -11.01 7.05
C GLN A 88 9.27 -10.74 6.03
N ALA A 89 8.92 -10.16 4.87
CA ALA A 89 9.87 -9.88 3.81
C ALA A 89 10.45 -8.48 3.89
N MET A 90 9.71 -7.51 4.44
CA MET A 90 10.15 -6.12 4.46
C MET A 90 10.26 -5.56 5.88
N ASN A 91 9.61 -6.18 6.86
CA ASN A 91 9.75 -5.74 8.25
C ASN A 91 11.20 -6.00 8.68
N GLY A 92 11.80 -5.01 9.36
CA GLY A 92 13.18 -5.11 9.82
C GLY A 92 14.19 -4.91 8.69
N PHE A 93 13.74 -4.63 7.47
CA PHE A 93 14.64 -4.39 6.34
C PHE A 93 15.49 -3.14 6.58
N GLN A 94 16.81 -3.28 6.66
CA GLN A 94 17.65 -2.14 6.95
C GLN A 94 17.78 -1.23 5.73
N ILE A 95 17.54 0.06 5.96
CA ILE A 95 17.70 1.10 4.94
C ILE A 95 18.17 2.37 5.65
N GLY A 96 19.30 2.92 5.23
CA GLY A 96 19.87 4.06 5.94
C GLY A 96 20.25 3.66 7.36
N MET A 97 20.11 4.60 8.30
CA MET A 97 20.44 4.38 9.70
C MET A 97 19.31 3.72 10.49
N LYS A 98 18.27 3.22 9.82
CA LYS A 98 17.12 2.58 10.48
C LYS A 98 16.65 1.36 9.71
N ARG A 99 15.62 0.69 10.23
CA ARG A 99 14.99 -0.46 9.60
C ARG A 99 13.53 -0.16 9.31
N LEU A 100 13.00 -0.68 8.20
CA LEU A 100 11.61 -0.47 7.83
C LEU A 100 10.67 -1.17 8.81
N LYS A 101 9.63 -0.46 9.25
CA LYS A 101 8.57 -1.03 10.07
C LYS A 101 7.41 -1.42 9.16
N VAL A 102 6.89 -2.64 9.33
CA VAL A 102 5.75 -3.12 8.57
C VAL A 102 4.75 -3.80 9.49
N GLN A 103 3.46 -3.58 9.27
CA GLN A 103 2.41 -4.11 10.14
C GLN A 103 1.10 -4.30 9.37
N LEU A 104 0.20 -5.15 9.88
CA LEU A 104 -1.09 -5.40 9.27
C LEU A 104 -1.95 -4.14 9.32
N LYS A 105 -2.53 -3.74 8.17
CA LYS A 105 -3.35 -2.55 8.07
C LYS A 105 -4.81 -2.81 8.42
N ARG A 106 -5.32 -2.04 9.40
CA ARG A 106 -6.71 -2.12 9.83
C ARG A 106 -7.64 -1.45 8.83
N SER A 107 -8.92 -1.80 8.89
CA SER A 107 -9.94 -1.22 8.03
C SER A 107 -10.28 0.20 8.47
N LYS A 108 -10.78 1.02 7.54
CA LYS A 108 -11.22 2.38 7.84
C LYS A 108 -12.52 2.40 8.62
N ASN A 109 -13.09 1.23 8.92
CA ASN A 109 -14.25 1.14 9.79
C ASN A 109 -13.88 1.55 11.22
N ASP A 110 -12.57 1.51 11.54
CA ASP A 110 -12.07 1.95 12.84
C ASP A 110 -11.91 3.47 12.93
N SER A 111 -11.85 4.13 11.78
CA SER A 111 -11.69 5.58 11.70
C SER A 111 -13.02 6.31 11.82
N LYS A 112 -14.12 5.56 11.83
CA LYS A 112 -15.47 6.13 11.92
C LYS A 112 -15.72 6.77 13.28
N PRO A 113 -16.66 7.72 13.36
CA PRO A 113 -17.01 8.41 14.58
C PRO A 113 -17.92 7.54 15.45
N TRP A 114 -18.50 6.48 14.87
CA TRP A 114 -19.43 5.60 15.58
C TRP A 114 -18.73 4.36 16.14
N MET A 1 18.14 -11.88 -18.51
CA MET A 1 16.69 -11.69 -18.74
C MET A 1 16.39 -11.67 -20.24
N GLY A 2 15.14 -11.95 -20.61
CA GLY A 2 14.71 -11.98 -22.00
C GLY A 2 14.48 -10.58 -22.57
N SER A 3 14.56 -9.54 -21.73
CA SER A 3 14.36 -8.14 -22.10
C SER A 3 13.06 -7.89 -22.87
N SER A 4 12.08 -8.78 -22.73
CA SER A 4 10.79 -8.66 -23.39
C SER A 4 10.02 -7.43 -22.88
N HIS A 5 9.13 -6.91 -23.71
CA HIS A 5 8.30 -5.75 -23.34
C HIS A 5 6.99 -5.75 -24.14
N HIS A 6 6.84 -6.67 -25.10
CA HIS A 6 5.65 -6.76 -25.93
C HIS A 6 4.53 -7.52 -25.21
N HIS A 7 4.84 -8.15 -24.08
CA HIS A 7 3.84 -8.90 -23.31
C HIS A 7 2.91 -7.94 -22.56
N HIS A 8 1.72 -8.44 -22.22
CA HIS A 8 0.73 -7.67 -21.48
C HIS A 8 1.16 -7.49 -20.02
N HIS A 9 0.59 -6.50 -19.34
CA HIS A 9 0.93 -6.21 -17.94
C HIS A 9 -0.26 -5.58 -17.20
N HIS A 10 -1.41 -5.43 -17.86
CA HIS A 10 -2.59 -4.81 -17.26
C HIS A 10 -3.21 -5.71 -16.18
N SER A 11 -2.72 -6.94 -16.06
CA SER A 11 -3.21 -7.89 -15.05
C SER A 11 -2.71 -7.50 -13.66
N SER A 12 -1.64 -6.70 -13.58
CA SER A 12 -1.10 -6.22 -12.32
C SER A 12 -1.97 -5.10 -11.78
N GLY A 13 -2.18 -5.07 -10.46
CA GLY A 13 -3.02 -4.08 -9.81
C GLY A 13 -4.47 -4.26 -10.21
N LEU A 14 -5.32 -3.28 -9.90
CA LEU A 14 -6.70 -3.32 -10.34
C LEU A 14 -6.75 -3.17 -11.87
N VAL A 15 -7.64 -3.92 -12.52
CA VAL A 15 -7.76 -3.86 -13.97
C VAL A 15 -8.24 -2.49 -14.45
N PRO A 16 -7.59 -1.89 -15.45
CA PRO A 16 -7.93 -0.56 -15.95
C PRO A 16 -9.29 -0.54 -16.65
N ARG A 17 -9.84 -1.72 -16.95
CA ARG A 17 -11.17 -1.83 -17.55
C ARG A 17 -12.25 -1.44 -16.56
N GLY A 18 -11.96 -1.54 -15.26
CA GLY A 18 -12.91 -1.18 -14.22
C GLY A 18 -12.65 0.23 -13.73
N SER A 19 -11.46 0.48 -13.16
CA SER A 19 -11.06 1.78 -12.64
C SER A 19 -9.55 1.89 -12.54
N HIS A 20 -9.04 3.12 -12.60
CA HIS A 20 -7.60 3.37 -12.50
C HIS A 20 -7.20 3.74 -11.07
N MET A 21 -8.19 4.02 -10.21
CA MET A 21 -7.95 4.40 -8.83
C MET A 21 -7.57 3.18 -7.98
N GLN A 22 -6.99 3.44 -6.81
CA GLN A 22 -6.60 2.39 -5.88
C GLN A 22 -7.82 1.64 -5.36
N LYS A 23 -7.62 0.35 -5.01
CA LYS A 23 -8.67 -0.50 -4.47
C LYS A 23 -8.04 -1.53 -3.55
N GLU A 24 -8.74 -1.86 -2.46
CA GLU A 24 -8.20 -2.68 -1.40
C GLU A 24 -8.71 -4.13 -1.50
N GLY A 25 -7.92 -5.06 -0.98
CA GLY A 25 -8.30 -6.47 -0.93
C GLY A 25 -9.22 -6.77 0.24
N PRO A 26 -9.38 -8.05 0.60
CA PRO A 26 -10.19 -8.48 1.72
C PRO A 26 -9.54 -8.06 3.04
N GLU A 27 -10.27 -8.21 4.15
CA GLU A 27 -9.74 -7.85 5.46
C GLU A 27 -8.55 -8.75 5.80
N GLY A 28 -7.51 -8.15 6.38
CA GLY A 28 -6.30 -8.86 6.76
C GLY A 28 -5.29 -8.97 5.61
N ALA A 29 -5.64 -8.43 4.43
CA ALA A 29 -4.77 -8.48 3.26
C ALA A 29 -4.12 -7.13 2.94
N ASN A 30 -4.19 -6.19 3.89
CA ASN A 30 -3.68 -4.83 3.68
C ASN A 30 -2.48 -4.57 4.59
N LEU A 31 -1.44 -3.91 4.08
CA LEU A 31 -0.20 -3.72 4.80
C LEU A 31 0.19 -2.25 4.93
N PHE A 32 1.00 -2.00 5.96
CA PHE A 32 1.64 -0.74 6.25
C PHE A 32 3.16 -0.79 6.21
N ILE A 33 3.78 0.27 5.72
CA ILE A 33 5.23 0.33 5.61
C ILE A 33 5.66 1.73 6.06
N TYR A 34 6.62 1.81 6.99
CA TYR A 34 7.07 3.08 7.53
C TYR A 34 8.60 3.07 7.51
N HIS A 35 9.19 4.23 7.80
CA HIS A 35 10.62 4.50 7.82
C HIS A 35 11.22 4.58 6.42
N LEU A 36 10.39 4.84 5.41
CA LEU A 36 10.84 4.98 4.03
C LEU A 36 11.63 6.27 3.87
N PRO A 37 12.69 6.26 3.04
CA PRO A 37 13.39 7.46 2.62
C PRO A 37 12.54 8.20 1.58
N GLN A 38 12.84 9.48 1.33
CA GLN A 38 12.04 10.30 0.42
C GLN A 38 12.28 9.94 -1.05
N GLU A 39 13.26 9.09 -1.35
CA GLU A 39 13.51 8.64 -2.71
C GLU A 39 12.47 7.59 -3.14
N PHE A 40 11.67 7.09 -2.19
CA PHE A 40 10.54 6.21 -2.48
C PHE A 40 9.31 6.89 -3.06
N GLY A 41 8.47 6.10 -3.73
CA GLY A 41 7.21 6.57 -4.29
C GLY A 41 6.25 5.40 -4.44
N ASP A 42 5.01 5.67 -4.85
CA ASP A 42 4.01 4.63 -4.98
C ASP A 42 4.36 3.54 -5.99
N GLN A 43 5.03 3.95 -7.07
CA GLN A 43 5.49 3.04 -8.11
C GLN A 43 6.70 2.24 -7.64
N ASP A 44 7.50 2.82 -6.74
CA ASP A 44 8.68 2.15 -6.22
C ASP A 44 8.39 1.12 -5.13
N ILE A 45 7.48 1.43 -4.20
CA ILE A 45 7.11 0.50 -3.15
C ILE A 45 6.30 -0.64 -3.75
N LEU A 46 5.67 -0.40 -4.91
CA LEU A 46 4.96 -1.44 -5.63
C LEU A 46 5.95 -2.52 -6.04
N GLN A 47 7.08 -2.12 -6.65
CA GLN A 47 8.10 -3.05 -7.10
C GLN A 47 8.76 -3.78 -5.94
N MET A 48 8.72 -3.19 -4.74
CA MET A 48 9.25 -3.84 -3.55
C MET A 48 8.29 -4.91 -3.02
N PHE A 49 7.00 -4.82 -3.36
CA PHE A 49 5.99 -5.75 -2.87
C PHE A 49 5.38 -6.73 -3.88
N MET A 50 5.62 -6.55 -5.17
CA MET A 50 5.06 -7.41 -6.19
C MET A 50 5.55 -8.87 -6.18
N PRO A 51 6.81 -9.18 -5.80
CA PRO A 51 7.27 -10.56 -5.82
C PRO A 51 6.68 -11.38 -4.66
N PHE A 52 5.99 -10.72 -3.72
CA PHE A 52 5.39 -11.41 -2.57
C PHE A 52 3.99 -11.95 -2.89
N GLY A 53 3.39 -11.48 -3.99
CA GLY A 53 2.06 -11.91 -4.40
C GLY A 53 1.37 -10.85 -5.25
N ASN A 54 0.08 -11.07 -5.56
CA ASN A 54 -0.66 -10.14 -6.40
C ASN A 54 -1.05 -8.90 -5.60
N VAL A 55 -0.32 -7.81 -5.84
CA VAL A 55 -0.61 -6.51 -5.22
C VAL A 55 -1.71 -5.83 -6.03
N ILE A 56 -2.83 -5.49 -5.38
CA ILE A 56 -3.92 -4.79 -6.06
C ILE A 56 -3.61 -3.30 -6.14
N SER A 57 -2.88 -2.78 -5.14
CA SER A 57 -2.54 -1.37 -5.09
C SER A 57 -1.33 -1.13 -4.20
N ALA A 58 -0.62 -0.03 -4.47
CA ALA A 58 0.57 0.35 -3.74
C ALA A 58 0.61 1.89 -3.66
N LYS A 59 1.15 2.42 -2.55
CA LYS A 59 1.09 3.85 -2.30
C LYS A 59 2.16 4.31 -1.33
N VAL A 60 2.67 5.53 -1.55
CA VAL A 60 3.53 6.22 -0.58
C VAL A 60 2.80 7.53 -0.29
N PHE A 61 2.68 7.88 0.99
CA PHE A 61 1.92 9.04 1.39
C PHE A 61 2.53 10.39 1.02
N ILE A 62 1.71 11.43 0.89
CA ILE A 62 2.16 12.77 0.51
C ILE A 62 1.52 13.81 1.41
N ASP A 63 2.27 14.86 1.74
CA ASP A 63 1.76 15.97 2.54
C ASP A 63 1.12 16.98 1.60
N LYS A 64 -0.09 17.43 1.91
CA LYS A 64 -0.82 18.39 1.08
C LYS A 64 -0.29 19.81 1.29
N GLN A 65 0.52 20.01 2.33
CA GLN A 65 1.05 21.32 2.69
C GLN A 65 2.40 21.61 2.03
N THR A 66 3.12 20.56 1.63
CA THR A 66 4.47 20.66 1.11
C THR A 66 4.74 19.82 -0.13
N ASN A 67 3.80 18.90 -0.41
CA ASN A 67 3.88 17.96 -1.52
C ASN A 67 5.11 17.05 -1.44
N LEU A 68 5.84 17.07 -0.33
CA LEU A 68 6.99 16.20 -0.12
C LEU A 68 6.54 14.79 0.22
N SER A 69 7.41 13.81 -0.04
CA SER A 69 7.12 12.41 0.24
C SER A 69 7.13 12.14 1.73
N LYS A 70 6.14 11.39 2.21
CA LYS A 70 6.03 10.99 3.61
C LYS A 70 6.98 9.83 3.90
N CYS A 71 7.25 9.60 5.19
CA CYS A 71 8.15 8.56 5.64
C CYS A 71 7.47 7.18 5.69
N PHE A 72 6.26 7.03 5.13
CA PHE A 72 5.56 5.76 5.21
C PHE A 72 4.55 5.71 4.07
N GLY A 73 3.92 4.54 3.91
CA GLY A 73 3.00 4.27 2.81
C GLY A 73 2.10 3.06 3.08
N PHE A 74 1.49 2.56 2.01
CA PHE A 74 0.49 1.50 2.01
C PHE A 74 0.55 0.54 0.82
N VAL A 75 0.20 -0.74 1.04
CA VAL A 75 0.17 -1.76 0.00
C VAL A 75 -0.97 -2.72 0.31
N SER A 76 -1.55 -3.35 -0.72
CA SER A 76 -2.69 -4.25 -0.54
C SER A 76 -2.60 -5.48 -1.44
N TYR A 77 -3.06 -6.62 -0.91
CA TYR A 77 -3.05 -7.89 -1.62
C TYR A 77 -4.43 -8.47 -1.96
N ASP A 78 -4.47 -9.37 -2.94
CA ASP A 78 -5.69 -10.07 -3.30
C ASP A 78 -6.04 -11.18 -2.29
N ASN A 79 -5.08 -11.50 -1.42
CA ASN A 79 -5.26 -12.48 -0.36
C ASN A 79 -4.32 -12.19 0.81
N PRO A 80 -4.72 -12.53 2.04
CA PRO A 80 -3.94 -12.28 3.24
C PRO A 80 -2.70 -13.16 3.32
N VAL A 81 -2.65 -14.26 2.55
CA VAL A 81 -1.50 -15.16 2.58
C VAL A 81 -0.25 -14.44 2.09
N SER A 82 -0.38 -13.73 0.98
CA SER A 82 0.73 -12.96 0.41
C SER A 82 1.06 -11.76 1.27
N ALA A 83 0.10 -11.27 2.06
CA ALA A 83 0.31 -10.11 2.90
C ALA A 83 1.19 -10.46 4.09
N GLN A 84 0.90 -11.55 4.80
CA GLN A 84 1.67 -11.91 5.98
C GLN A 84 3.09 -12.32 5.60
N ALA A 85 3.26 -12.87 4.39
CA ALA A 85 4.59 -13.18 3.90
C ALA A 85 5.38 -11.90 3.65
N ALA A 86 4.73 -10.89 3.06
CA ALA A 86 5.36 -9.63 2.74
C ALA A 86 5.73 -8.85 4.01
N ILE A 87 5.03 -9.07 5.13
CA ILE A 87 5.44 -8.44 6.38
C ILE A 87 6.78 -9.00 6.82
N GLN A 88 6.89 -10.32 6.85
CA GLN A 88 8.13 -10.99 7.26
C GLN A 88 9.24 -10.77 6.23
N ALA A 89 8.90 -10.24 5.06
CA ALA A 89 9.85 -10.02 3.98
C ALA A 89 10.42 -8.60 3.98
N MET A 90 9.68 -7.61 4.49
CA MET A 90 10.14 -6.22 4.48
C MET A 90 10.26 -5.61 5.87
N ASN A 91 9.68 -6.24 6.90
CA ASN A 91 9.84 -5.78 8.27
C ASN A 91 11.30 -5.97 8.67
N GLY A 92 11.91 -4.93 9.24
CA GLY A 92 13.31 -4.97 9.66
C GLY A 92 14.27 -4.78 8.50
N PHE A 93 13.78 -4.51 7.29
CA PHE A 93 14.63 -4.28 6.13
C PHE A 93 15.49 -3.04 6.35
N GLN A 94 16.82 -3.20 6.39
CA GLN A 94 17.70 -2.06 6.63
C GLN A 94 17.84 -1.21 5.37
N ILE A 95 17.67 0.10 5.51
CA ILE A 95 17.84 1.05 4.44
C ILE A 95 18.43 2.35 5.00
N GLY A 96 19.43 2.91 4.34
CA GLY A 96 20.08 4.11 4.84
C GLY A 96 20.70 3.83 6.20
N MET A 97 20.10 4.38 7.27
CA MET A 97 20.58 4.22 8.63
C MET A 97 19.44 3.80 9.57
N LYS A 98 18.33 3.30 9.02
CA LYS A 98 17.17 2.87 9.80
C LYS A 98 16.49 1.67 9.14
N ARG A 99 15.76 0.86 9.91
CA ARG A 99 15.08 -0.31 9.38
C ARG A 99 13.61 -0.02 9.11
N LEU A 100 13.08 -0.54 8.00
CA LEU A 100 11.68 -0.37 7.65
C LEU A 100 10.78 -1.10 8.64
N LYS A 101 9.74 -0.42 9.13
CA LYS A 101 8.70 -1.03 9.96
C LYS A 101 7.56 -1.48 9.04
N VAL A 102 6.99 -2.66 9.30
CA VAL A 102 5.84 -3.14 8.52
C VAL A 102 4.78 -3.71 9.46
N GLN A 103 3.50 -3.47 9.17
CA GLN A 103 2.42 -3.93 10.03
C GLN A 103 1.11 -4.10 9.26
N LEU A 104 0.14 -4.82 9.84
CA LEU A 104 -1.19 -4.99 9.27
C LEU A 104 -2.03 -3.73 9.52
N LYS A 105 -2.96 -3.42 8.60
CA LYS A 105 -3.91 -2.34 8.78
C LYS A 105 -4.89 -2.73 9.89
N ARG A 106 -5.50 -1.75 10.57
CA ARG A 106 -6.46 -2.04 11.63
C ARG A 106 -7.63 -2.86 11.11
N SER A 107 -8.06 -3.86 11.90
CA SER A 107 -9.21 -4.70 11.60
C SER A 107 -10.50 -3.91 11.82
N LYS A 108 -11.62 -4.43 11.34
CA LYS A 108 -12.91 -3.76 11.54
C LYS A 108 -13.29 -3.73 13.03
N ASN A 109 -12.68 -4.61 13.83
CA ASN A 109 -12.89 -4.62 15.28
C ASN A 109 -12.11 -3.49 15.93
N ASP A 110 -10.98 -3.11 15.32
CA ASP A 110 -10.09 -2.09 15.85
C ASP A 110 -10.21 -0.75 15.12
N SER A 111 -11.10 -0.67 14.12
CA SER A 111 -11.31 0.53 13.33
C SER A 111 -11.96 1.63 14.16
N LYS A 112 -12.61 1.25 15.26
CA LYS A 112 -13.32 2.16 16.15
C LYS A 112 -13.06 1.81 17.61
N PRO A 113 -13.15 2.80 18.51
CA PRO A 113 -12.96 2.60 19.94
C PRO A 113 -14.19 1.93 20.56
N TRP A 114 -15.31 1.89 19.82
CA TRP A 114 -16.55 1.28 20.28
C TRP A 114 -16.48 -0.24 20.28
N MET A 1 1.12 -6.66 -47.08
CA MET A 1 1.25 -7.60 -45.94
C MET A 1 0.50 -7.08 -44.72
N GLY A 2 -0.07 -7.98 -43.93
CA GLY A 2 -0.82 -7.64 -42.73
C GLY A 2 -1.32 -8.88 -42.02
N SER A 3 -2.00 -8.67 -40.89
CA SER A 3 -2.56 -9.75 -40.08
C SER A 3 -3.72 -9.22 -39.23
N SER A 4 -4.58 -10.13 -38.76
CA SER A 4 -5.73 -9.77 -37.94
C SER A 4 -5.29 -9.23 -36.57
N HIS A 5 -6.13 -8.38 -35.97
CA HIS A 5 -5.84 -7.77 -34.68
C HIS A 5 -7.15 -7.37 -34.00
N HIS A 6 -7.15 -7.37 -32.66
CA HIS A 6 -8.32 -7.00 -31.87
C HIS A 6 -7.87 -6.50 -30.49
N HIS A 7 -8.77 -5.79 -29.80
CA HIS A 7 -8.50 -5.24 -28.47
C HIS A 7 -9.80 -5.03 -27.71
N HIS A 8 -9.71 -4.82 -26.41
CA HIS A 8 -10.86 -4.60 -25.55
C HIS A 8 -10.51 -3.73 -24.33
N HIS A 9 -9.21 -3.54 -24.08
CA HIS A 9 -8.74 -2.71 -22.98
C HIS A 9 -8.89 -1.23 -23.30
N HIS A 10 -8.91 -0.39 -22.26
CA HIS A 10 -9.02 1.05 -22.42
C HIS A 10 -7.70 1.62 -22.93
N SER A 11 -7.74 2.86 -23.43
CA SER A 11 -6.57 3.53 -23.95
C SER A 11 -5.54 3.82 -22.85
N SER A 12 -4.26 3.90 -23.22
CA SER A 12 -3.19 4.20 -22.29
C SER A 12 -3.27 5.65 -21.80
N GLY A 13 -4.08 6.48 -22.48
CA GLY A 13 -4.27 7.87 -22.12
C GLY A 13 -5.24 8.04 -20.94
N LEU A 14 -5.78 6.93 -20.43
CA LEU A 14 -6.71 6.96 -19.30
C LEU A 14 -6.01 7.48 -18.04
N VAL A 15 -6.74 8.24 -17.22
CA VAL A 15 -6.21 8.82 -15.99
C VAL A 15 -7.34 9.02 -14.96
N PRO A 16 -7.10 8.73 -13.67
CA PRO A 16 -8.09 8.91 -12.63
C PRO A 16 -8.40 10.39 -12.40
N ARG A 17 -9.65 10.68 -12.04
CA ARG A 17 -10.15 12.02 -11.78
C ARG A 17 -11.21 12.00 -10.70
N GLY A 18 -11.32 13.10 -9.95
CA GLY A 18 -12.28 13.28 -8.86
C GLY A 18 -11.87 12.54 -7.60
N SER A 19 -10.99 11.53 -7.73
CA SER A 19 -10.45 10.78 -6.62
C SER A 19 -9.26 9.94 -7.10
N HIS A 20 -8.47 9.41 -6.16
CA HIS A 20 -7.34 8.56 -6.49
C HIS A 20 -7.82 7.13 -6.83
N MET A 21 -9.06 6.80 -6.45
CA MET A 21 -9.75 5.56 -6.77
C MET A 21 -8.88 4.30 -6.61
N GLN A 22 -7.96 4.33 -5.65
CA GLN A 22 -7.13 3.20 -5.29
C GLN A 22 -7.99 1.96 -5.01
N LYS A 23 -7.48 0.79 -5.41
CA LYS A 23 -8.12 -0.49 -5.16
C LYS A 23 -7.74 -1.01 -3.77
N GLU A 24 -8.53 -1.93 -3.23
CA GLU A 24 -8.29 -2.51 -1.92
C GLU A 24 -8.55 -4.02 -1.93
N GLY A 25 -7.82 -4.75 -1.09
CA GLY A 25 -7.97 -6.19 -0.95
C GLY A 25 -8.95 -6.55 0.16
N PRO A 26 -9.11 -7.84 0.47
CA PRO A 26 -9.95 -8.31 1.55
C PRO A 26 -9.33 -7.93 2.90
N GLU A 27 -10.09 -8.05 3.98
CA GLU A 27 -9.58 -7.73 5.30
C GLU A 27 -8.42 -8.65 5.66
N GLY A 28 -7.35 -8.07 6.23
CA GLY A 28 -6.18 -8.82 6.65
C GLY A 28 -5.13 -8.92 5.55
N ALA A 29 -5.50 -8.52 4.32
CA ALA A 29 -4.57 -8.48 3.19
C ALA A 29 -3.97 -7.09 3.02
N ASN A 30 -4.25 -6.19 3.97
CA ASN A 30 -3.82 -4.81 3.92
C ASN A 30 -2.46 -4.68 4.62
N LEU A 31 -1.58 -3.80 4.15
CA LEU A 31 -0.27 -3.63 4.73
C LEU A 31 0.14 -2.18 4.88
N PHE A 32 0.99 -1.94 5.88
CA PHE A 32 1.65 -0.68 6.19
C PHE A 32 3.16 -0.72 6.12
N ILE A 33 3.77 0.37 5.68
CA ILE A 33 5.22 0.47 5.56
C ILE A 33 5.64 1.83 6.05
N TYR A 34 6.73 1.91 6.84
CA TYR A 34 7.21 3.17 7.38
C TYR A 34 8.74 3.14 7.28
N HIS A 35 9.36 4.25 7.72
CA HIS A 35 10.80 4.47 7.69
C HIS A 35 11.37 4.50 6.27
N LEU A 36 10.51 4.67 5.26
CA LEU A 36 10.93 4.72 3.87
C LEU A 36 11.74 6.00 3.62
N PRO A 37 12.79 5.93 2.79
CA PRO A 37 13.52 7.10 2.36
C PRO A 37 12.67 7.90 1.38
N GLN A 38 13.09 9.14 1.09
CA GLN A 38 12.31 10.07 0.28
C GLN A 38 12.31 9.65 -1.20
N GLU A 39 13.20 8.74 -1.60
CA GLU A 39 13.29 8.31 -3.00
C GLU A 39 12.16 7.35 -3.38
N PHE A 40 11.37 6.86 -2.40
CA PHE A 40 10.22 6.03 -2.68
C PHE A 40 9.02 6.73 -3.32
N GLY A 41 8.16 5.96 -3.98
CA GLY A 41 6.96 6.48 -4.62
C GLY A 41 5.94 5.36 -4.80
N ASP A 42 4.76 5.69 -5.34
CA ASP A 42 3.66 4.74 -5.48
C ASP A 42 4.07 3.52 -6.30
N GLN A 43 4.82 3.74 -7.38
CA GLN A 43 5.23 2.64 -8.26
C GLN A 43 6.49 1.96 -7.74
N ASP A 44 7.30 2.70 -6.98
CA ASP A 44 8.52 2.13 -6.41
C ASP A 44 8.27 1.19 -5.23
N ILE A 45 7.29 1.51 -4.38
CA ILE A 45 6.92 0.64 -3.28
C ILE A 45 6.11 -0.52 -3.85
N LEU A 46 5.44 -0.32 -4.99
CA LEU A 46 4.72 -1.38 -5.66
C LEU A 46 5.71 -2.45 -6.12
N GLN A 47 6.74 -2.05 -6.86
CA GLN A 47 7.74 -2.97 -7.38
C GLN A 47 8.53 -3.64 -6.27
N MET A 48 8.58 -3.02 -5.08
CA MET A 48 9.27 -3.59 -3.94
C MET A 48 8.42 -4.68 -3.28
N PHE A 49 7.09 -4.60 -3.44
CA PHE A 49 6.15 -5.55 -2.85
C PHE A 49 5.49 -6.58 -3.77
N MET A 50 5.63 -6.42 -5.09
CA MET A 50 5.02 -7.37 -6.03
C MET A 50 5.63 -8.78 -6.00
N PRO A 51 6.91 -9.01 -5.67
CA PRO A 51 7.43 -10.36 -5.65
C PRO A 51 6.91 -11.16 -4.45
N PHE A 52 6.21 -10.52 -3.52
CA PHE A 52 5.63 -11.18 -2.36
C PHE A 52 4.23 -11.70 -2.65
N GLY A 53 3.63 -11.30 -3.77
CA GLY A 53 2.30 -11.72 -4.15
C GLY A 53 1.62 -10.69 -5.04
N ASN A 54 0.35 -10.93 -5.40
CA ASN A 54 -0.37 -10.04 -6.29
C ASN A 54 -0.85 -8.81 -5.55
N VAL A 55 -0.14 -7.70 -5.73
CA VAL A 55 -0.50 -6.43 -5.13
C VAL A 55 -1.55 -5.75 -6.01
N ILE A 56 -2.70 -5.42 -5.43
CA ILE A 56 -3.77 -4.77 -6.19
C ILE A 56 -3.57 -3.27 -6.22
N SER A 57 -2.95 -2.72 -5.16
CA SER A 57 -2.75 -1.29 -5.02
C SER A 57 -1.54 -1.00 -4.16
N ALA A 58 -0.90 0.16 -4.41
CA ALA A 58 0.29 0.59 -3.71
C ALA A 58 0.38 2.11 -3.79
N LYS A 59 0.72 2.76 -2.67
CA LYS A 59 0.75 4.21 -2.62
C LYS A 59 1.64 4.68 -1.47
N VAL A 60 2.55 5.61 -1.74
CA VAL A 60 3.41 6.22 -0.72
C VAL A 60 2.73 7.51 -0.29
N PHE A 61 2.65 7.76 1.02
CA PHE A 61 1.93 8.91 1.53
C PHE A 61 2.56 10.26 1.25
N ILE A 62 1.73 11.29 1.03
CA ILE A 62 2.18 12.62 0.67
C ILE A 62 1.45 13.67 1.51
N ASP A 63 2.14 14.75 1.88
CA ASP A 63 1.53 15.85 2.62
C ASP A 63 0.97 16.85 1.62
N LYS A 64 -0.28 17.28 1.79
CA LYS A 64 -0.91 18.22 0.87
C LYS A 64 -0.39 19.64 1.09
N GLN A 65 0.34 19.86 2.19
CA GLN A 65 0.86 21.18 2.55
C GLN A 65 2.24 21.46 1.96
N THR A 66 2.98 20.40 1.62
CA THR A 66 4.36 20.50 1.13
C THR A 66 4.66 19.62 -0.08
N ASN A 67 3.75 18.67 -0.35
CA ASN A 67 3.87 17.71 -1.42
C ASN A 67 5.09 16.80 -1.29
N LEU A 68 5.78 16.87 -0.14
CA LEU A 68 6.90 16.00 0.16
C LEU A 68 6.41 14.65 0.68
N SER A 69 7.25 13.63 0.59
CA SER A 69 6.90 12.30 1.06
C SER A 69 6.79 12.25 2.58
N LYS A 70 5.80 11.52 3.10
CA LYS A 70 5.63 11.33 4.53
C LYS A 70 6.52 10.20 5.05
N CYS A 71 7.40 9.65 4.21
CA CYS A 71 8.33 8.59 4.57
C CYS A 71 7.65 7.30 5.03
N PHE A 72 6.39 7.07 4.64
CA PHE A 72 5.70 5.83 4.97
C PHE A 72 4.62 5.70 3.89
N GLY A 73 3.98 4.52 3.79
CA GLY A 73 3.05 4.25 2.73
C GLY A 73 2.10 3.07 3.02
N PHE A 74 1.35 2.70 1.99
CA PHE A 74 0.32 1.69 2.01
C PHE A 74 0.32 0.73 0.81
N VAL A 75 -0.01 -0.54 1.03
CA VAL A 75 0.00 -1.58 0.02
C VAL A 75 -1.11 -2.59 0.37
N SER A 76 -1.66 -3.31 -0.63
CA SER A 76 -2.70 -4.30 -0.38
C SER A 76 -2.60 -5.48 -1.35
N TYR A 77 -2.97 -6.67 -0.87
CA TYR A 77 -2.93 -7.91 -1.63
C TYR A 77 -4.30 -8.50 -1.96
N ASP A 78 -4.37 -9.44 -2.90
CA ASP A 78 -5.62 -10.12 -3.20
C ASP A 78 -5.95 -11.20 -2.17
N ASN A 79 -5.00 -11.54 -1.31
CA ASN A 79 -5.19 -12.49 -0.23
C ASN A 79 -4.26 -12.20 0.93
N PRO A 80 -4.68 -12.51 2.16
CA PRO A 80 -3.90 -12.26 3.37
C PRO A 80 -2.66 -13.16 3.45
N VAL A 81 -2.63 -14.25 2.68
CA VAL A 81 -1.48 -15.16 2.71
C VAL A 81 -0.22 -14.45 2.20
N SER A 82 -0.35 -13.74 1.08
CA SER A 82 0.76 -12.99 0.51
C SER A 82 1.09 -11.77 1.36
N ALA A 83 0.11 -11.26 2.11
CA ALA A 83 0.32 -10.08 2.94
C ALA A 83 1.20 -10.40 4.13
N GLN A 84 0.92 -11.50 4.86
CA GLN A 84 1.69 -11.83 6.03
C GLN A 84 3.12 -12.26 5.64
N ALA A 85 3.28 -12.80 4.42
CA ALA A 85 4.61 -13.13 3.93
C ALA A 85 5.39 -11.84 3.68
N ALA A 86 4.72 -10.84 3.12
CA ALA A 86 5.36 -9.57 2.81
C ALA A 86 5.78 -8.82 4.08
N ILE A 87 5.10 -9.07 5.21
CA ILE A 87 5.51 -8.45 6.47
C ILE A 87 6.85 -9.02 6.88
N GLN A 88 6.95 -10.35 6.93
CA GLN A 88 8.19 -11.02 7.33
C GLN A 88 9.29 -10.81 6.28
N ALA A 89 8.94 -10.29 5.10
CA ALA A 89 9.89 -10.08 4.03
C ALA A 89 10.48 -8.66 4.04
N MET A 90 9.73 -7.67 4.56
CA MET A 90 10.17 -6.28 4.53
C MET A 90 10.29 -5.66 5.93
N ASN A 91 9.67 -6.25 6.94
CA ASN A 91 9.84 -5.78 8.30
C ASN A 91 11.30 -6.01 8.72
N GLY A 92 11.93 -4.98 9.28
CA GLY A 92 13.32 -5.06 9.68
C GLY A 92 14.29 -4.98 8.51
N PHE A 93 13.80 -4.66 7.29
CA PHE A 93 14.68 -4.50 6.14
C PHE A 93 15.56 -3.26 6.37
N GLN A 94 16.88 -3.43 6.50
CA GLN A 94 17.75 -2.30 6.76
C GLN A 94 17.93 -1.46 5.51
N ILE A 95 17.71 -0.14 5.64
CA ILE A 95 17.93 0.82 4.58
C ILE A 95 18.43 2.11 5.21
N GLY A 96 19.60 2.58 4.78
CA GLY A 96 20.22 3.74 5.43
C GLY A 96 20.55 3.42 6.88
N MET A 97 20.38 4.40 7.76
CA MET A 97 20.71 4.29 9.18
C MET A 97 19.56 3.70 10.01
N LYS A 98 18.53 3.14 9.38
CA LYS A 98 17.37 2.60 10.10
C LYS A 98 16.80 1.39 9.36
N ARG A 99 15.87 0.67 10.00
CA ARG A 99 15.23 -0.51 9.40
C ARG A 99 13.76 -0.21 9.12
N LEU A 100 13.25 -0.70 8.00
CA LEU A 100 11.85 -0.48 7.62
C LEU A 100 10.91 -1.18 8.59
N LYS A 101 9.87 -0.45 9.04
CA LYS A 101 8.82 -1.03 9.85
C LYS A 101 7.65 -1.43 8.96
N VAL A 102 7.04 -2.59 9.21
CA VAL A 102 5.89 -3.04 8.44
C VAL A 102 4.82 -3.58 9.40
N GLN A 103 3.53 -3.29 9.14
CA GLN A 103 2.45 -3.73 10.01
C GLN A 103 1.13 -3.87 9.25
N LEU A 104 0.16 -4.57 9.82
CA LEU A 104 -1.18 -4.70 9.27
C LEU A 104 -2.02 -3.46 9.56
N LYS A 105 -2.99 -3.13 8.68
CA LYS A 105 -3.93 -2.05 8.92
C LYS A 105 -4.88 -2.45 10.05
N ARG A 106 -5.45 -1.47 10.76
CA ARG A 106 -6.41 -1.74 11.82
C ARG A 106 -7.66 -2.43 11.26
N SER A 107 -8.36 -3.17 12.12
CA SER A 107 -9.55 -3.91 11.73
C SER A 107 -10.46 -4.11 12.95
N LYS A 108 -11.70 -4.52 12.72
CA LYS A 108 -12.63 -4.79 13.80
C LYS A 108 -12.16 -6.00 14.62
N ASN A 109 -11.15 -6.71 14.12
CA ASN A 109 -10.54 -7.84 14.80
C ASN A 109 -9.45 -7.42 15.79
N ASP A 110 -9.05 -6.14 15.79
CA ASP A 110 -8.05 -5.64 16.73
C ASP A 110 -8.43 -4.33 17.39
N SER A 111 -9.49 -3.69 16.90
CA SER A 111 -10.03 -2.46 17.46
C SER A 111 -10.68 -2.70 18.83
N LYS A 112 -10.95 -3.97 19.16
CA LYS A 112 -11.59 -4.34 20.42
C LYS A 112 -10.70 -4.00 21.61
N PRO A 113 -11.30 -3.77 22.79
CA PRO A 113 -10.59 -3.45 24.02
C PRO A 113 -10.01 -4.72 24.65
N TRP A 114 -10.13 -5.86 23.97
CA TRP A 114 -9.67 -7.15 24.48
C TRP A 114 -9.05 -7.98 23.36
N MET A 1 -8.42 -15.04 -33.12
CA MET A 1 -9.63 -14.46 -32.51
C MET A 1 -9.82 -13.01 -32.93
N GLY A 2 -10.75 -12.78 -33.87
CA GLY A 2 -11.00 -11.44 -34.41
C GLY A 2 -11.70 -10.52 -33.40
N SER A 3 -12.20 -11.08 -32.29
CA SER A 3 -12.84 -10.29 -31.24
C SER A 3 -11.80 -9.55 -30.39
N SER A 4 -10.51 -9.79 -30.64
CA SER A 4 -9.38 -9.24 -29.90
C SER A 4 -9.37 -9.64 -28.42
N HIS A 5 -8.17 -9.66 -27.82
CA HIS A 5 -7.96 -9.93 -26.41
C HIS A 5 -8.20 -8.67 -25.58
N HIS A 6 -9.27 -7.95 -25.92
CA HIS A 6 -9.64 -6.67 -25.31
C HIS A 6 -8.58 -5.58 -25.48
N HIS A 7 -7.62 -5.79 -26.40
CA HIS A 7 -6.61 -4.80 -26.69
C HIS A 7 -7.13 -3.76 -27.68
N HIS A 8 -8.05 -4.17 -28.57
CA HIS A 8 -8.67 -3.28 -29.52
C HIS A 8 -9.82 -2.50 -28.87
N HIS A 9 -10.43 -3.09 -27.84
CA HIS A 9 -11.52 -2.48 -27.11
C HIS A 9 -10.99 -1.59 -25.99
N HIS A 10 -11.89 -0.88 -25.30
CA HIS A 10 -11.52 -0.01 -24.19
C HIS A 10 -10.93 -0.84 -23.05
N SER A 11 -10.08 -0.22 -22.23
CA SER A 11 -9.37 -0.90 -21.16
C SER A 11 -10.33 -1.50 -20.13
N SER A 12 -11.53 -0.92 -19.99
CA SER A 12 -12.52 -1.41 -19.04
C SER A 12 -13.04 -2.80 -19.44
N GLY A 13 -12.80 -3.21 -20.69
CA GLY A 13 -13.17 -4.54 -21.14
C GLY A 13 -12.08 -5.56 -20.81
N LEU A 14 -10.85 -5.10 -20.61
CA LEU A 14 -9.73 -5.96 -20.25
C LEU A 14 -9.73 -6.22 -18.74
N VAL A 15 -10.14 -5.21 -17.95
CA VAL A 15 -10.24 -5.33 -16.51
C VAL A 15 -11.22 -4.29 -15.95
N PRO A 16 -12.14 -4.69 -15.06
CA PRO A 16 -13.06 -3.78 -14.41
C PRO A 16 -12.35 -2.97 -13.32
N ARG A 17 -12.82 -1.75 -13.07
CA ARG A 17 -12.29 -0.87 -12.04
C ARG A 17 -13.32 0.19 -11.67
N GLY A 18 -13.04 0.96 -10.62
CA GLY A 18 -13.92 2.04 -10.22
C GLY A 18 -13.21 3.04 -9.31
N SER A 19 -13.58 4.31 -9.47
CA SER A 19 -13.04 5.45 -8.72
C SER A 19 -11.53 5.63 -8.86
N HIS A 20 -11.05 6.82 -8.49
CA HIS A 20 -9.65 7.17 -8.52
C HIS A 20 -8.93 6.79 -7.22
N MET A 21 -9.69 6.40 -6.19
CA MET A 21 -9.13 6.05 -4.90
C MET A 21 -8.40 4.70 -4.96
N GLN A 22 -7.58 4.43 -3.95
CA GLN A 22 -6.81 3.19 -3.84
C GLN A 22 -7.75 2.02 -3.53
N LYS A 23 -7.37 0.81 -3.95
CA LYS A 23 -8.18 -0.38 -3.74
C LYS A 23 -7.67 -1.20 -2.56
N GLU A 24 -8.57 -1.96 -1.94
CA GLU A 24 -8.26 -2.74 -0.75
C GLU A 24 -8.41 -4.23 -1.02
N GLY A 25 -7.64 -5.04 -0.29
CA GLY A 25 -7.74 -6.49 -0.34
C GLY A 25 -8.77 -7.01 0.67
N PRO A 26 -8.95 -8.33 0.74
CA PRO A 26 -9.83 -8.98 1.70
C PRO A 26 -9.27 -8.83 3.11
N GLU A 27 -9.97 -9.41 4.10
CA GLU A 27 -9.56 -9.32 5.49
C GLU A 27 -8.13 -9.87 5.69
N GLY A 28 -7.29 -9.10 6.37
CA GLY A 28 -5.94 -9.51 6.70
C GLY A 28 -4.95 -9.35 5.53
N ALA A 29 -5.42 -8.84 4.40
CA ALA A 29 -4.61 -8.73 3.19
C ALA A 29 -4.06 -7.31 2.97
N ASN A 30 -4.22 -6.41 3.93
CA ASN A 30 -3.80 -5.02 3.79
C ASN A 30 -2.60 -4.74 4.70
N LEU A 31 -1.61 -3.99 4.20
CA LEU A 31 -0.37 -3.76 4.93
C LEU A 31 -0.02 -2.29 5.09
N PHE A 32 0.83 -2.03 6.08
CA PHE A 32 1.46 -0.75 6.35
C PHE A 32 2.98 -0.76 6.23
N ILE A 33 3.54 0.32 5.69
CA ILE A 33 4.97 0.45 5.53
C ILE A 33 5.38 1.85 5.97
N TYR A 34 6.42 1.97 6.79
CA TYR A 34 6.89 3.26 7.28
C TYR A 34 8.42 3.23 7.16
N HIS A 35 9.05 4.34 7.57
CA HIS A 35 10.49 4.55 7.54
C HIS A 35 11.06 4.57 6.11
N LEU A 36 10.22 4.89 5.12
CA LEU A 36 10.64 4.98 3.73
C LEU A 36 11.43 6.27 3.50
N PRO A 37 12.55 6.20 2.76
CA PRO A 37 13.32 7.36 2.36
C PRO A 37 12.57 8.16 1.29
N GLN A 38 13.05 9.37 0.99
CA GLN A 38 12.40 10.29 0.07
C GLN A 38 12.45 9.82 -1.38
N GLU A 39 13.26 8.80 -1.68
CA GLU A 39 13.40 8.29 -3.04
C GLU A 39 12.23 7.36 -3.43
N PHE A 40 11.36 7.01 -2.48
CA PHE A 40 10.18 6.20 -2.76
C PHE A 40 9.02 6.90 -3.46
N GLY A 41 8.16 6.10 -4.10
CA GLY A 41 6.97 6.58 -4.77
C GLY A 41 5.96 5.45 -4.93
N ASP A 42 4.77 5.76 -5.44
CA ASP A 42 3.69 4.78 -5.55
C ASP A 42 4.12 3.61 -6.41
N GLN A 43 4.91 3.87 -7.45
CA GLN A 43 5.38 2.84 -8.36
C GLN A 43 6.54 2.06 -7.75
N ASP A 44 7.38 2.74 -6.95
CA ASP A 44 8.53 2.10 -6.33
C ASP A 44 8.17 1.14 -5.22
N ILE A 45 7.18 1.47 -4.39
CA ILE A 45 6.74 0.58 -3.33
C ILE A 45 5.90 -0.54 -3.96
N LEU A 46 5.26 -0.28 -5.10
CA LEU A 46 4.48 -1.27 -5.81
C LEU A 46 5.40 -2.38 -6.31
N GLN A 47 6.46 -2.02 -7.04
CA GLN A 47 7.37 -3.02 -7.58
C GLN A 47 8.19 -3.69 -6.48
N MET A 48 8.34 -3.03 -5.33
CA MET A 48 9.06 -3.61 -4.20
C MET A 48 8.22 -4.70 -3.54
N PHE A 49 6.89 -4.61 -3.66
CA PHE A 49 5.97 -5.56 -3.06
C PHE A 49 5.31 -6.60 -3.98
N MET A 50 5.47 -6.46 -5.30
CA MET A 50 4.90 -7.43 -6.24
C MET A 50 5.51 -8.83 -6.18
N PRO A 51 6.79 -9.04 -5.86
CA PRO A 51 7.35 -10.39 -5.84
C PRO A 51 6.82 -11.21 -4.65
N PHE A 52 6.08 -10.56 -3.74
CA PHE A 52 5.50 -11.22 -2.58
C PHE A 52 4.11 -11.77 -2.90
N GLY A 53 3.50 -11.33 -4.01
CA GLY A 53 2.19 -11.77 -4.43
C GLY A 53 1.46 -10.70 -5.25
N ASN A 54 0.19 -10.95 -5.58
CA ASN A 54 -0.59 -10.04 -6.39
C ASN A 54 -1.02 -8.82 -5.56
N VAL A 55 -0.37 -7.69 -5.81
CA VAL A 55 -0.69 -6.42 -5.17
C VAL A 55 -1.84 -5.77 -5.94
N ILE A 56 -2.94 -5.45 -5.24
CA ILE A 56 -4.10 -4.83 -5.89
C ILE A 56 -3.88 -3.34 -6.01
N SER A 57 -3.22 -2.73 -5.02
CA SER A 57 -3.00 -1.30 -4.99
C SER A 57 -1.78 -0.96 -4.14
N ALA A 58 -1.18 0.21 -4.39
CA ALA A 58 -0.01 0.68 -3.68
C ALA A 58 0.03 2.20 -3.69
N LYS A 59 0.57 2.79 -2.63
CA LYS A 59 0.57 4.24 -2.45
C LYS A 59 1.65 4.67 -1.45
N VAL A 60 2.45 5.67 -1.81
CA VAL A 60 3.34 6.33 -0.87
C VAL A 60 2.68 7.65 -0.50
N PHE A 61 2.56 7.92 0.80
CA PHE A 61 1.84 9.10 1.25
C PHE A 61 2.58 10.43 1.06
N ILE A 62 1.84 11.52 0.85
CA ILE A 62 2.42 12.82 0.54
C ILE A 62 1.77 13.91 1.40
N ASP A 63 2.50 15.00 1.67
CA ASP A 63 1.96 16.14 2.40
C ASP A 63 1.72 17.26 1.40
N LYS A 64 0.60 17.97 1.54
CA LYS A 64 0.23 19.04 0.61
C LYS A 64 0.97 20.35 0.92
N GLN A 65 1.66 20.41 2.06
CA GLN A 65 2.39 21.61 2.48
C GLN A 65 3.80 21.65 1.91
N THR A 66 4.35 20.49 1.56
CA THR A 66 5.74 20.36 1.14
C THR A 66 5.96 19.43 -0.05
N ASN A 67 4.93 18.63 -0.36
CA ASN A 67 4.95 17.65 -1.44
C ASN A 67 6.03 16.58 -1.24
N LEU A 68 6.69 16.58 -0.09
CA LEU A 68 7.67 15.55 0.25
C LEU A 68 6.95 14.30 0.73
N SER A 69 7.66 13.16 0.74
CA SER A 69 7.08 11.91 1.19
C SER A 69 6.81 11.96 2.69
N LYS A 70 5.68 11.37 3.11
CA LYS A 70 5.34 11.20 4.51
C LYS A 70 6.19 10.12 5.18
N CYS A 71 7.19 9.61 4.44
CA CYS A 71 8.08 8.53 4.84
C CYS A 71 7.35 7.24 5.19
N PHE A 72 6.11 7.08 4.72
CA PHE A 72 5.37 5.84 4.95
C PHE A 72 4.33 5.76 3.83
N GLY A 73 3.67 4.60 3.72
CA GLY A 73 2.73 4.34 2.65
C GLY A 73 1.81 3.16 2.97
N PHE A 74 1.06 2.74 1.95
CA PHE A 74 0.06 1.70 1.99
C PHE A 74 0.07 0.73 0.81
N VAL A 75 -0.17 -0.56 1.07
CA VAL A 75 -0.16 -1.61 0.05
C VAL A 75 -1.22 -2.65 0.39
N SER A 76 -1.77 -3.34 -0.61
CA SER A 76 -2.82 -4.33 -0.40
C SER A 76 -2.67 -5.53 -1.34
N TYR A 77 -3.11 -6.71 -0.87
CA TYR A 77 -3.05 -7.95 -1.62
C TYR A 77 -4.38 -8.58 -1.99
N ASP A 78 -4.37 -9.50 -2.96
CA ASP A 78 -5.57 -10.25 -3.32
C ASP A 78 -5.88 -11.39 -2.35
N ASN A 79 -4.92 -11.69 -1.46
CA ASN A 79 -5.08 -12.68 -0.40
C ASN A 79 -4.14 -12.39 0.76
N PRO A 80 -4.53 -12.77 1.99
CA PRO A 80 -3.74 -12.51 3.19
C PRO A 80 -2.46 -13.34 3.22
N VAL A 81 -2.39 -14.43 2.46
CA VAL A 81 -1.21 -15.28 2.45
C VAL A 81 0.02 -14.52 1.94
N SER A 82 -0.16 -13.77 0.85
CA SER A 82 0.89 -12.95 0.28
C SER A 82 1.20 -11.75 1.16
N ALA A 83 0.21 -11.27 1.92
CA ALA A 83 0.39 -10.11 2.77
C ALA A 83 1.26 -10.45 3.98
N GLN A 84 0.97 -11.55 4.67
CA GLN A 84 1.73 -11.93 5.85
C GLN A 84 3.16 -12.31 5.48
N ALA A 85 3.37 -12.80 4.25
CA ALA A 85 4.70 -13.11 3.77
C ALA A 85 5.47 -11.80 3.53
N ALA A 86 4.78 -10.79 2.98
CA ALA A 86 5.41 -9.52 2.68
C ALA A 86 5.80 -8.76 3.95
N ILE A 87 5.10 -8.99 5.07
CA ILE A 87 5.49 -8.39 6.33
C ILE A 87 6.83 -8.96 6.77
N GLN A 88 6.93 -10.29 6.79
CA GLN A 88 8.16 -10.95 7.20
C GLN A 88 9.28 -10.73 6.17
N ALA A 89 8.93 -10.21 4.99
CA ALA A 89 9.88 -9.98 3.93
C ALA A 89 10.58 -8.63 4.06
N MET A 90 9.89 -7.59 4.57
CA MET A 90 10.49 -6.27 4.67
C MET A 90 10.52 -5.68 6.08
N ASN A 91 9.76 -6.23 7.03
CA ASN A 91 9.86 -5.76 8.40
C ASN A 91 11.29 -5.98 8.89
N GLY A 92 11.92 -4.93 9.41
CA GLY A 92 13.29 -5.00 9.88
C GLY A 92 14.35 -4.86 8.78
N PHE A 93 13.95 -4.65 7.52
CA PHE A 93 14.89 -4.43 6.43
C PHE A 93 15.64 -3.14 6.77
N GLN A 94 16.96 -3.09 6.56
CA GLN A 94 17.72 -1.89 6.85
C GLN A 94 17.83 -0.97 5.63
N ILE A 95 17.52 0.31 5.82
CA ILE A 95 17.67 1.32 4.80
C ILE A 95 18.09 2.62 5.49
N GLY A 96 19.23 3.19 5.07
CA GLY A 96 19.75 4.37 5.75
C GLY A 96 20.06 4.06 7.21
N MET A 97 19.83 5.02 8.10
CA MET A 97 20.11 4.91 9.52
C MET A 97 18.98 4.22 10.31
N LYS A 98 17.98 3.65 9.62
CA LYS A 98 16.85 3.00 10.28
C LYS A 98 16.43 1.73 9.55
N ARG A 99 15.41 1.04 10.07
CA ARG A 99 14.87 -0.16 9.46
C ARG A 99 13.40 0.03 9.07
N LEU A 100 12.98 -0.62 7.99
CA LEU A 100 11.59 -0.60 7.53
C LEU A 100 10.68 -1.13 8.62
N LYS A 101 9.69 -0.35 9.01
CA LYS A 101 8.63 -0.84 9.89
C LYS A 101 7.47 -1.30 9.02
N VAL A 102 6.96 -2.51 9.26
CA VAL A 102 5.82 -3.04 8.52
C VAL A 102 4.80 -3.66 9.47
N GLN A 103 3.51 -3.41 9.24
CA GLN A 103 2.47 -3.90 10.14
C GLN A 103 1.14 -4.09 9.40
N LEU A 104 0.22 -4.87 9.97
CA LEU A 104 -1.12 -5.06 9.44
C LEU A 104 -1.95 -3.80 9.73
N LYS A 105 -2.98 -3.54 8.92
CA LYS A 105 -3.90 -2.43 9.13
C LYS A 105 -4.62 -2.59 10.48
N ARG A 106 -5.02 -1.48 11.09
CA ARG A 106 -5.68 -1.49 12.39
C ARG A 106 -7.03 -2.19 12.30
N SER A 107 -7.55 -2.63 13.44
CA SER A 107 -8.81 -3.35 13.50
C SER A 107 -9.98 -2.48 13.03
N LYS A 108 -10.95 -3.09 12.35
CA LYS A 108 -12.11 -2.39 11.80
C LYS A 108 -13.09 -1.95 12.87
N ASN A 109 -12.88 -2.38 14.11
CA ASN A 109 -13.72 -1.98 15.23
C ASN A 109 -13.53 -0.49 15.53
N ASP A 110 -12.45 0.11 15.02
CA ASP A 110 -12.19 1.54 15.19
C ASP A 110 -12.97 2.40 14.19
N SER A 111 -13.46 1.78 13.11
CA SER A 111 -14.23 2.48 12.08
C SER A 111 -15.71 2.54 12.45
N LYS A 112 -16.14 1.68 13.38
CA LYS A 112 -17.53 1.62 13.83
C LYS A 112 -17.91 2.88 14.60
N PRO A 113 -19.19 3.27 14.57
CA PRO A 113 -19.70 4.48 15.20
C PRO A 113 -19.84 4.33 16.72
N TRP A 114 -19.62 3.13 17.27
CA TRP A 114 -19.80 2.88 18.69
C TRP A 114 -18.74 3.56 19.56
N MET A 1 12.13 -0.81 -35.37
CA MET A 1 11.68 -0.18 -34.13
C MET A 1 10.71 -1.08 -33.38
N GLY A 2 10.81 -1.13 -32.05
CA GLY A 2 9.96 -1.96 -31.22
C GLY A 2 9.97 -1.54 -29.75
N SER A 3 10.58 -0.38 -29.45
CA SER A 3 10.67 0.14 -28.09
C SER A 3 9.30 0.51 -27.55
N SER A 4 9.19 0.60 -26.22
CA SER A 4 7.94 0.93 -25.54
C SER A 4 8.24 1.57 -24.18
N HIS A 5 7.26 2.33 -23.66
CA HIS A 5 7.40 3.02 -22.39
C HIS A 5 7.36 2.04 -21.21
N HIS A 6 7.89 2.47 -20.07
CA HIS A 6 7.93 1.68 -18.85
C HIS A 6 6.52 1.54 -18.25
N HIS A 7 6.33 0.52 -17.41
CA HIS A 7 5.05 0.27 -16.75
C HIS A 7 4.76 1.35 -15.71
N HIS A 8 3.48 1.56 -15.40
CA HIS A 8 3.04 2.53 -14.42
C HIS A 8 1.66 2.15 -13.87
N HIS A 9 1.29 2.71 -12.72
CA HIS A 9 0.02 2.45 -12.07
C HIS A 9 -1.06 3.45 -12.50
N HIS A 10 -0.72 4.41 -13.35
CA HIS A 10 -1.66 5.43 -13.80
C HIS A 10 -2.76 4.82 -14.67
N SER A 11 -3.94 5.44 -14.65
CA SER A 11 -5.10 4.96 -15.40
C SER A 11 -6.06 6.11 -15.69
N SER A 12 -6.97 5.90 -16.64
CA SER A 12 -7.97 6.89 -17.05
C SER A 12 -9.19 6.19 -17.63
N GLY A 13 -10.30 6.92 -17.77
CA GLY A 13 -11.55 6.36 -18.27
C GLY A 13 -12.33 5.68 -17.15
N LEU A 14 -13.16 4.72 -17.51
CA LEU A 14 -14.00 4.00 -16.55
C LEU A 14 -13.15 3.16 -15.59
N VAL A 15 -13.78 2.72 -14.50
CA VAL A 15 -13.11 1.93 -13.47
C VAL A 15 -14.09 0.90 -12.89
N PRO A 16 -13.64 -0.34 -12.64
CA PRO A 16 -14.46 -1.41 -12.07
C PRO A 16 -14.74 -1.21 -10.58
N ARG A 17 -14.66 0.03 -10.08
CA ARG A 17 -14.86 0.34 -8.68
C ARG A 17 -15.78 1.56 -8.51
N GLY A 18 -16.22 1.80 -7.27
CA GLY A 18 -17.10 2.91 -6.96
C GLY A 18 -16.37 4.26 -6.99
N SER A 19 -15.05 4.24 -7.08
CA SER A 19 -14.24 5.45 -7.16
C SER A 19 -12.87 5.15 -7.75
N HIS A 20 -12.13 6.21 -8.13
CA HIS A 20 -10.78 6.08 -8.66
C HIS A 20 -9.73 5.94 -7.55
N MET A 21 -10.17 5.87 -6.29
CA MET A 21 -9.26 5.74 -5.16
C MET A 21 -8.58 4.37 -5.14
N GLN A 22 -7.63 4.19 -4.22
CA GLN A 22 -6.85 2.97 -4.09
C GLN A 22 -7.74 1.77 -3.84
N LYS A 23 -7.36 0.63 -4.42
CA LYS A 23 -8.10 -0.62 -4.31
C LYS A 23 -7.69 -1.38 -3.06
N GLU A 24 -8.56 -2.29 -2.61
CA GLU A 24 -8.31 -3.11 -1.44
C GLU A 24 -8.79 -4.55 -1.64
N GLY A 25 -8.12 -5.49 -0.98
CA GLY A 25 -8.48 -6.90 -1.02
C GLY A 25 -9.40 -7.28 0.13
N PRO A 26 -9.47 -8.59 0.45
CA PRO A 26 -10.27 -9.11 1.54
C PRO A 26 -9.68 -8.69 2.88
N GLU A 27 -10.33 -9.09 3.98
CA GLU A 27 -9.87 -8.74 5.32
C GLU A 27 -8.47 -9.30 5.58
N GLY A 28 -7.62 -8.46 6.19
CA GLY A 28 -6.26 -8.85 6.57
C GLY A 28 -5.30 -8.83 5.39
N ALA A 29 -5.79 -8.53 4.18
CA ALA A 29 -4.98 -8.50 2.97
C ALA A 29 -4.44 -7.09 2.70
N ASN A 30 -4.03 -6.37 3.74
CA ASN A 30 -3.52 -5.03 3.60
C ASN A 30 -2.38 -4.74 4.58
N LEU A 31 -1.38 -3.97 4.16
CA LEU A 31 -0.17 -3.75 4.95
C LEU A 31 0.18 -2.28 5.10
N PHE A 32 0.97 -2.02 6.14
CA PHE A 32 1.61 -0.76 6.41
C PHE A 32 3.13 -0.79 6.30
N ILE A 33 3.72 0.30 5.80
CA ILE A 33 5.16 0.38 5.64
C ILE A 33 5.60 1.77 6.09
N TYR A 34 6.55 1.85 7.03
CA TYR A 34 7.01 3.11 7.57
C TYR A 34 8.54 3.11 7.49
N HIS A 35 9.13 4.22 7.94
CA HIS A 35 10.57 4.47 7.94
C HIS A 35 11.15 4.53 6.53
N LEU A 36 10.30 4.68 5.52
CA LEU A 36 10.73 4.79 4.13
C LEU A 36 11.46 6.11 3.88
N PRO A 37 12.53 6.10 3.06
CA PRO A 37 13.20 7.30 2.61
C PRO A 37 12.34 8.00 1.56
N GLN A 38 12.65 9.26 1.25
CA GLN A 38 11.85 10.06 0.34
C GLN A 38 12.02 9.67 -1.11
N GLU A 39 12.96 8.76 -1.41
CA GLU A 39 13.17 8.29 -2.78
C GLU A 39 12.08 7.28 -3.19
N PHE A 40 11.25 6.82 -2.24
CA PHE A 40 10.12 5.96 -2.55
C PHE A 40 8.92 6.66 -3.18
N GLY A 41 8.08 5.89 -3.87
CA GLY A 41 6.87 6.40 -4.51
C GLY A 41 5.86 5.28 -4.68
N ASP A 42 4.66 5.60 -5.18
CA ASP A 42 3.58 4.63 -5.31
C ASP A 42 4.02 3.47 -6.20
N GLN A 43 4.80 3.78 -7.25
CA GLN A 43 5.27 2.77 -8.18
C GLN A 43 6.47 2.02 -7.62
N ASP A 44 7.31 2.71 -6.84
CA ASP A 44 8.49 2.10 -6.27
C ASP A 44 8.18 1.13 -5.13
N ILE A 45 7.21 1.45 -4.28
CA ILE A 45 6.80 0.55 -3.21
C ILE A 45 5.99 -0.59 -3.81
N LEU A 46 5.34 -0.36 -4.96
CA LEU A 46 4.61 -1.40 -5.66
C LEU A 46 5.58 -2.47 -6.15
N GLN A 47 6.61 -2.05 -6.89
CA GLN A 47 7.58 -2.96 -7.48
C GLN A 47 8.38 -3.67 -6.40
N MET A 48 8.46 -3.08 -5.20
CA MET A 48 9.17 -3.70 -4.08
C MET A 48 8.30 -4.77 -3.41
N PHE A 49 6.97 -4.65 -3.54
CA PHE A 49 6.03 -5.59 -2.95
C PHE A 49 5.36 -6.61 -3.87
N MET A 50 5.45 -6.43 -5.18
CA MET A 50 4.86 -7.36 -6.14
C MET A 50 5.47 -8.77 -6.15
N PRO A 51 6.76 -8.98 -5.84
CA PRO A 51 7.32 -10.33 -5.84
C PRO A 51 6.80 -11.15 -4.66
N PHE A 52 6.12 -10.51 -3.71
CA PHE A 52 5.57 -11.20 -2.54
C PHE A 52 4.17 -11.76 -2.82
N GLY A 53 3.55 -11.33 -3.92
CA GLY A 53 2.23 -11.78 -4.31
C GLY A 53 1.50 -10.74 -5.15
N ASN A 54 0.23 -11.01 -5.47
CA ASN A 54 -0.56 -10.11 -6.32
C ASN A 54 -1.00 -8.89 -5.53
N VAL A 55 -0.32 -7.76 -5.77
CA VAL A 55 -0.67 -6.48 -5.17
C VAL A 55 -1.74 -5.81 -6.02
N ILE A 56 -2.87 -5.45 -5.43
CA ILE A 56 -3.95 -4.79 -6.16
C ILE A 56 -3.73 -3.28 -6.20
N SER A 57 -3.07 -2.73 -5.17
CA SER A 57 -2.84 -1.30 -5.07
C SER A 57 -1.64 -1.01 -4.18
N ALA A 58 -1.01 0.15 -4.41
CA ALA A 58 0.18 0.58 -3.70
C ALA A 58 0.20 2.10 -3.62
N LYS A 59 0.78 2.64 -2.55
CA LYS A 59 0.76 4.07 -2.28
C LYS A 59 1.89 4.49 -1.34
N VAL A 60 2.52 5.63 -1.64
CA VAL A 60 3.44 6.28 -0.72
C VAL A 60 2.81 7.63 -0.42
N PHE A 61 2.71 7.99 0.86
CA PHE A 61 2.02 9.20 1.26
C PHE A 61 2.72 10.51 0.90
N ILE A 62 1.97 11.61 0.80
CA ILE A 62 2.51 12.91 0.42
C ILE A 62 1.99 13.98 1.37
N ASP A 63 2.81 14.99 1.67
CA ASP A 63 2.38 16.11 2.50
C ASP A 63 1.77 17.18 1.59
N LYS A 64 0.59 17.69 1.97
CA LYS A 64 -0.11 18.70 1.19
C LYS A 64 0.48 20.09 1.42
N GLN A 65 1.31 20.25 2.45
CA GLN A 65 1.89 21.53 2.83
C GLN A 65 3.22 21.79 2.14
N THR A 66 3.90 20.71 1.71
CA THR A 66 5.24 20.78 1.13
C THR A 66 5.43 19.96 -0.13
N ASN A 67 4.45 19.10 -0.41
CA ASN A 67 4.45 18.20 -1.57
C ASN A 67 5.63 17.21 -1.51
N LEU A 68 6.33 17.14 -0.38
CA LEU A 68 7.43 16.20 -0.21
C LEU A 68 6.87 14.82 0.14
N SER A 69 7.66 13.78 -0.14
CA SER A 69 7.26 12.41 0.13
C SER A 69 7.26 12.14 1.62
N LYS A 70 6.26 11.39 2.09
CA LYS A 70 6.16 10.98 3.49
C LYS A 70 7.08 9.80 3.77
N CYS A 71 7.33 9.55 5.07
CA CYS A 71 8.20 8.48 5.51
C CYS A 71 7.49 7.14 5.61
N PHE A 72 6.29 6.99 5.05
CA PHE A 72 5.57 5.74 5.16
C PHE A 72 4.54 5.71 4.02
N GLY A 73 3.89 4.55 3.86
CA GLY A 73 2.94 4.32 2.78
C GLY A 73 2.01 3.14 3.07
N PHE A 74 1.31 2.69 2.03
CA PHE A 74 0.27 1.67 2.08
C PHE A 74 0.22 0.72 0.88
N VAL A 75 -0.09 -0.56 1.11
CA VAL A 75 -0.14 -1.59 0.08
C VAL A 75 -1.23 -2.60 0.40
N SER A 76 -1.80 -3.26 -0.62
CA SER A 76 -2.85 -4.25 -0.41
C SER A 76 -2.76 -5.42 -1.38
N TYR A 77 -3.04 -6.63 -0.86
CA TYR A 77 -3.00 -7.88 -1.61
C TYR A 77 -4.34 -8.47 -2.01
N ASP A 78 -4.34 -9.40 -2.97
CA ASP A 78 -5.55 -10.13 -3.36
C ASP A 78 -5.87 -11.24 -2.36
N ASN A 79 -4.92 -11.55 -1.47
CA ASN A 79 -5.11 -12.54 -0.43
C ASN A 79 -4.16 -12.26 0.75
N PRO A 80 -4.57 -12.62 1.96
CA PRO A 80 -3.82 -12.34 3.17
C PRO A 80 -2.53 -13.17 3.26
N VAL A 81 -2.46 -14.30 2.54
CA VAL A 81 -1.29 -15.17 2.60
C VAL A 81 -0.04 -14.47 2.05
N SER A 82 -0.20 -13.70 0.97
CA SER A 82 0.89 -12.94 0.39
C SER A 82 1.23 -11.74 1.27
N ALA A 83 0.25 -11.26 2.04
CA ALA A 83 0.47 -10.12 2.90
C ALA A 83 1.35 -10.49 4.09
N GLN A 84 1.05 -11.62 4.74
CA GLN A 84 1.84 -12.04 5.89
C GLN A 84 3.27 -12.38 5.50
N ALA A 85 3.46 -12.88 4.26
CA ALA A 85 4.79 -13.15 3.77
C ALA A 85 5.56 -11.85 3.56
N ALA A 86 4.88 -10.83 3.03
CA ALA A 86 5.51 -9.55 2.77
C ALA A 86 5.88 -8.82 4.05
N ILE A 87 5.17 -9.07 5.17
CA ILE A 87 5.56 -8.48 6.44
C ILE A 87 6.92 -9.03 6.85
N GLN A 88 7.04 -10.35 6.88
CA GLN A 88 8.29 -11.00 7.27
C GLN A 88 9.39 -10.76 6.25
N ALA A 89 9.04 -10.23 5.08
CA ALA A 89 9.99 -9.97 4.00
C ALA A 89 10.58 -8.56 4.06
N MET A 90 9.81 -7.59 4.58
CA MET A 90 10.23 -6.19 4.58
C MET A 90 10.33 -5.58 5.99
N ASN A 91 9.72 -6.21 6.99
CA ASN A 91 9.85 -5.75 8.36
C ASN A 91 11.31 -5.92 8.79
N GLY A 92 11.88 -4.88 9.41
CA GLY A 92 13.27 -4.90 9.85
C GLY A 92 14.27 -4.70 8.71
N PHE A 93 13.80 -4.45 7.48
CA PHE A 93 14.69 -4.27 6.35
C PHE A 93 15.59 -3.05 6.53
N GLN A 94 16.91 -3.24 6.48
CA GLN A 94 17.85 -2.14 6.70
C GLN A 94 17.94 -1.25 5.47
N ILE A 95 17.78 0.06 5.68
CA ILE A 95 17.87 1.05 4.63
C ILE A 95 18.34 2.38 5.22
N GLY A 96 19.25 3.08 4.55
CA GLY A 96 19.72 4.35 5.05
C GLY A 96 20.33 4.21 6.44
N MET A 97 19.65 4.78 7.44
CA MET A 97 20.08 4.74 8.83
C MET A 97 18.97 4.25 9.77
N LYS A 98 17.90 3.68 9.22
CA LYS A 98 16.79 3.19 10.02
C LYS A 98 16.08 2.03 9.31
N ARG A 99 15.65 1.03 10.07
CA ARG A 99 15.04 -0.17 9.50
C ARG A 99 13.57 0.07 9.19
N LEU A 100 13.07 -0.51 8.10
CA LEU A 100 11.67 -0.39 7.71
C LEU A 100 10.76 -1.13 8.69
N LYS A 101 9.76 -0.44 9.22
CA LYS A 101 8.73 -1.05 10.04
C LYS A 101 7.57 -1.47 9.13
N VAL A 102 7.02 -2.66 9.35
CA VAL A 102 5.87 -3.15 8.59
C VAL A 102 4.84 -3.73 9.54
N GLN A 103 3.55 -3.49 9.28
CA GLN A 103 2.49 -3.88 10.20
C GLN A 103 1.17 -4.12 9.47
N LEU A 104 0.27 -4.89 10.08
CA LEU A 104 -1.07 -5.11 9.54
C LEU A 104 -1.96 -3.90 9.87
N LYS A 105 -2.97 -3.64 9.03
CA LYS A 105 -3.92 -2.57 9.28
C LYS A 105 -4.76 -2.92 10.51
N ARG A 106 -5.18 -1.91 11.29
CA ARG A 106 -5.97 -2.13 12.49
C ARG A 106 -7.41 -2.46 12.15
N SER A 107 -8.10 -3.15 13.07
CA SER A 107 -9.49 -3.56 12.86
C SER A 107 -10.42 -2.35 12.83
N LYS A 108 -11.54 -2.48 12.12
CA LYS A 108 -12.54 -1.43 12.04
C LYS A 108 -13.34 -1.30 13.34
N ASN A 109 -13.09 -2.17 14.31
CA ASN A 109 -13.73 -2.06 15.62
C ASN A 109 -13.07 -0.92 16.41
N ASP A 110 -11.87 -0.50 16.00
CA ASP A 110 -11.17 0.60 16.64
C ASP A 110 -11.67 1.97 16.19
N SER A 111 -12.46 2.01 15.13
CA SER A 111 -13.07 3.24 14.62
C SER A 111 -14.37 3.53 15.37
N LYS A 112 -14.92 2.51 16.04
CA LYS A 112 -16.16 2.62 16.80
C LYS A 112 -15.96 3.49 18.05
N PRO A 113 -17.04 4.06 18.60
CA PRO A 113 -16.99 4.92 19.76
C PRO A 113 -16.80 4.11 21.04
N TRP A 114 -17.02 2.81 20.99
CA TRP A 114 -16.92 1.94 22.16
C TRP A 114 -15.51 1.37 22.36
N MET A 1 -46.48 7.82 -8.32
CA MET A 1 -45.15 8.15 -7.75
C MET A 1 -44.04 7.52 -8.57
N GLY A 2 -42.79 7.91 -8.30
CA GLY A 2 -41.63 7.37 -9.01
C GLY A 2 -40.33 7.97 -8.47
N SER A 3 -39.20 7.59 -9.07
CA SER A 3 -37.90 8.08 -8.67
C SER A 3 -37.75 9.57 -8.99
N SER A 4 -36.84 10.25 -8.28
CA SER A 4 -36.59 11.67 -8.46
C SER A 4 -35.18 12.02 -8.00
N HIS A 5 -34.64 13.13 -8.52
CA HIS A 5 -33.30 13.60 -8.19
C HIS A 5 -33.19 15.10 -8.43
N HIS A 6 -32.20 15.74 -7.78
CA HIS A 6 -31.96 17.16 -7.90
C HIS A 6 -30.50 17.48 -7.60
N HIS A 7 -30.01 18.61 -8.11
CA HIS A 7 -28.64 19.05 -7.92
C HIS A 7 -28.40 19.52 -6.48
N HIS A 8 -27.13 19.51 -6.06
CA HIS A 8 -26.74 19.97 -4.73
C HIS A 8 -26.88 21.48 -4.61
N HIS A 9 -27.00 21.98 -3.37
CA HIS A 9 -27.13 23.40 -3.11
C HIS A 9 -26.65 23.76 -1.70
N HIS A 10 -26.77 22.84 -0.75
CA HIS A 10 -26.34 23.06 0.63
C HIS A 10 -24.82 22.98 0.75
N SER A 11 -24.15 22.43 -0.26
CA SER A 11 -22.70 22.29 -0.27
C SER A 11 -22.01 23.65 -0.38
N SER A 12 -20.75 23.73 0.05
CA SER A 12 -19.97 24.96 -0.01
C SER A 12 -19.54 25.30 -1.44
N GLY A 13 -19.78 24.39 -2.40
CA GLY A 13 -19.44 24.58 -3.80
C GLY A 13 -17.97 24.34 -4.08
N LEU A 14 -17.18 24.00 -3.05
CA LEU A 14 -15.76 23.73 -3.19
C LEU A 14 -15.55 22.42 -3.96
N VAL A 15 -14.53 22.37 -4.82
CA VAL A 15 -14.22 21.18 -5.60
C VAL A 15 -13.73 20.03 -4.71
N PRO A 16 -14.25 18.80 -4.90
CA PRO A 16 -13.85 17.65 -4.12
C PRO A 16 -12.46 17.15 -4.49
N ARG A 17 -11.88 17.67 -5.58
CA ARG A 17 -10.57 17.32 -6.13
C ARG A 17 -10.46 15.84 -6.55
N GLY A 18 -11.40 14.99 -6.13
CA GLY A 18 -11.43 13.59 -6.51
C GLY A 18 -10.52 12.74 -5.64
N SER A 19 -10.91 11.48 -5.43
CA SER A 19 -10.14 10.53 -4.63
C SER A 19 -8.97 9.98 -5.43
N HIS A 20 -7.98 9.43 -4.73
CA HIS A 20 -6.84 8.77 -5.37
C HIS A 20 -7.24 7.38 -5.87
N MET A 21 -8.44 6.93 -5.50
CA MET A 21 -9.04 5.68 -5.96
C MET A 21 -8.19 4.43 -5.70
N GLN A 22 -7.36 4.43 -4.65
CA GLN A 22 -6.58 3.27 -4.28
C GLN A 22 -7.49 2.14 -3.80
N LYS A 23 -7.04 0.89 -3.97
CA LYS A 23 -7.85 -0.29 -3.74
C LYS A 23 -7.42 -1.05 -2.48
N GLU A 24 -8.33 -1.88 -1.98
CA GLU A 24 -8.09 -2.72 -0.81
C GLU A 24 -8.53 -4.16 -1.07
N GLY A 25 -7.88 -5.10 -0.37
CA GLY A 25 -8.19 -6.51 -0.47
C GLY A 25 -9.09 -6.97 0.69
N PRO A 26 -9.21 -8.29 0.89
CA PRO A 26 -9.97 -8.88 1.98
C PRO A 26 -9.27 -8.63 3.32
N GLU A 27 -9.88 -9.07 4.41
CA GLU A 27 -9.31 -8.90 5.74
C GLU A 27 -7.96 -9.60 5.84
N GLY A 28 -6.99 -8.93 6.47
CA GLY A 28 -5.66 -9.48 6.68
C GLY A 28 -4.74 -9.30 5.47
N ALA A 29 -5.27 -8.77 4.37
CA ALA A 29 -4.52 -8.63 3.13
C ALA A 29 -3.97 -7.22 2.93
N ASN A 30 -4.22 -6.29 3.86
CA ASN A 30 -3.79 -4.91 3.74
C ASN A 30 -2.56 -4.66 4.61
N LEU A 31 -1.55 -3.96 4.08
CA LEU A 31 -0.31 -3.72 4.79
C LEU A 31 0.05 -2.25 4.94
N PHE A 32 0.84 -1.97 5.97
CA PHE A 32 1.46 -0.69 6.25
C PHE A 32 2.98 -0.72 6.20
N ILE A 33 3.58 0.38 5.75
CA ILE A 33 5.03 0.49 5.64
C ILE A 33 5.44 1.86 6.16
N TYR A 34 6.51 1.93 6.94
CA TYR A 34 6.98 3.20 7.51
C TYR A 34 8.51 3.18 7.46
N HIS A 35 9.09 4.30 7.88
CA HIS A 35 10.53 4.53 7.91
C HIS A 35 11.15 4.57 6.51
N LEU A 36 10.33 4.72 5.47
CA LEU A 36 10.80 4.78 4.09
C LEU A 36 11.62 6.06 3.87
N PRO A 37 12.65 6.01 3.01
CA PRO A 37 13.42 7.18 2.63
C PRO A 37 12.60 8.06 1.69
N GLN A 38 13.09 9.28 1.44
CA GLN A 38 12.36 10.27 0.65
C GLN A 38 12.25 9.87 -0.83
N GLU A 39 13.10 8.95 -1.29
CA GLU A 39 13.15 8.55 -2.69
C GLU A 39 12.03 7.59 -3.09
N PHE A 40 11.28 7.06 -2.11
CA PHE A 40 10.14 6.19 -2.41
C PHE A 40 8.93 6.86 -3.04
N GLY A 41 8.09 6.08 -3.72
CA GLY A 41 6.87 6.55 -4.35
C GLY A 41 5.90 5.40 -4.57
N ASP A 42 4.69 5.70 -5.05
CA ASP A 42 3.65 4.68 -5.23
C ASP A 42 4.15 3.58 -6.15
N GLN A 43 4.95 3.96 -7.15
CA GLN A 43 5.46 3.02 -8.15
C GLN A 43 6.65 2.24 -7.60
N ASP A 44 7.44 2.88 -6.74
CA ASP A 44 8.61 2.25 -6.16
C ASP A 44 8.29 1.24 -5.06
N ILE A 45 7.30 1.55 -4.22
CA ILE A 45 6.87 0.63 -3.18
C ILE A 45 6.08 -0.50 -3.82
N LEU A 46 5.48 -0.25 -4.99
CA LEU A 46 4.78 -1.28 -5.73
C LEU A 46 5.77 -2.34 -6.21
N GLN A 47 6.84 -1.91 -6.87
CA GLN A 47 7.86 -2.81 -7.39
C GLN A 47 8.60 -3.53 -6.25
N MET A 48 8.59 -2.95 -5.05
CA MET A 48 9.20 -3.57 -3.90
C MET A 48 8.30 -4.67 -3.33
N PHE A 49 6.98 -4.56 -3.55
CA PHE A 49 6.00 -5.51 -3.02
C PHE A 49 5.37 -6.51 -4.00
N MET A 50 5.56 -6.31 -5.31
CA MET A 50 5.01 -7.22 -6.30
C MET A 50 5.59 -8.64 -6.31
N PRO A 51 6.87 -8.87 -5.96
CA PRO A 51 7.41 -10.23 -5.98
C PRO A 51 6.84 -11.09 -4.85
N PHE A 52 6.12 -10.48 -3.90
CA PHE A 52 5.52 -11.20 -2.79
C PHE A 52 4.19 -11.85 -3.17
N GLY A 53 3.52 -11.31 -4.19
CA GLY A 53 2.25 -11.81 -4.67
C GLY A 53 1.48 -10.74 -5.45
N ASN A 54 0.18 -10.93 -5.66
CA ASN A 54 -0.60 -10.02 -6.47
C ASN A 54 -1.01 -8.79 -5.67
N VAL A 55 -0.32 -7.68 -5.92
CA VAL A 55 -0.64 -6.40 -5.29
C VAL A 55 -1.77 -5.74 -6.06
N ILE A 56 -2.89 -5.45 -5.38
CA ILE A 56 -4.02 -4.78 -6.02
C ILE A 56 -3.74 -3.28 -6.12
N SER A 57 -3.03 -2.75 -5.13
CA SER A 57 -2.78 -1.32 -5.02
C SER A 57 -1.55 -1.03 -4.18
N ALA A 58 -0.90 0.10 -4.46
CA ALA A 58 0.32 0.52 -3.78
C ALA A 58 0.31 2.05 -3.65
N LYS A 59 0.88 2.56 -2.56
CA LYS A 59 0.80 3.97 -2.22
C LYS A 59 1.96 4.39 -1.31
N VAL A 60 2.52 5.57 -1.57
CA VAL A 60 3.45 6.22 -0.65
C VAL A 60 2.78 7.56 -0.33
N PHE A 61 2.67 7.88 0.96
CA PHE A 61 1.94 9.04 1.39
C PHE A 61 2.64 10.38 1.10
N ILE A 62 1.86 11.42 0.84
CA ILE A 62 2.39 12.72 0.45
C ILE A 62 1.75 13.84 1.26
N ASP A 63 2.55 14.84 1.65
CA ASP A 63 2.03 16.01 2.36
C ASP A 63 1.63 17.07 1.35
N LYS A 64 0.46 17.68 1.54
CA LYS A 64 -0.05 18.71 0.63
C LYS A 64 0.63 20.06 0.84
N GLN A 65 1.37 20.19 1.95
CA GLN A 65 2.06 21.42 2.30
C GLN A 65 3.45 21.52 1.69
N THR A 66 4.05 20.38 1.34
CA THR A 66 5.41 20.30 0.85
C THR A 66 5.60 19.39 -0.36
N ASN A 67 4.59 18.55 -0.61
CA ASN A 67 4.58 17.57 -1.69
C ASN A 67 5.69 16.52 -1.54
N LEU A 68 6.39 16.53 -0.41
CA LEU A 68 7.40 15.52 -0.11
C LEU A 68 6.75 14.26 0.44
N SER A 69 7.48 13.15 0.39
CA SER A 69 7.00 11.88 0.93
C SER A 69 6.88 11.96 2.45
N LYS A 70 5.80 11.40 2.98
CA LYS A 70 5.58 11.31 4.42
C LYS A 70 6.42 10.18 5.05
N CYS A 71 7.33 9.60 4.27
CA CYS A 71 8.23 8.54 4.72
C CYS A 71 7.52 7.27 5.18
N PHE A 72 6.28 7.04 4.72
CA PHE A 72 5.56 5.82 5.03
C PHE A 72 4.54 5.66 3.91
N GLY A 73 3.91 4.48 3.81
CA GLY A 73 3.02 4.15 2.71
C GLY A 73 2.06 3.01 3.03
N PHE A 74 1.36 2.55 1.99
CA PHE A 74 0.32 1.55 2.02
C PHE A 74 0.31 0.59 0.83
N VAL A 75 0.00 -0.69 1.06
CA VAL A 75 -0.02 -1.71 0.00
C VAL A 75 -1.13 -2.72 0.32
N SER A 76 -1.67 -3.38 -0.72
CA SER A 76 -2.77 -4.33 -0.54
C SER A 76 -2.67 -5.54 -1.47
N TYR A 77 -3.13 -6.69 -0.98
CA TYR A 77 -3.11 -7.95 -1.72
C TYR A 77 -4.48 -8.57 -2.00
N ASP A 78 -4.56 -9.55 -2.91
CA ASP A 78 -5.81 -10.26 -3.16
C ASP A 78 -6.08 -11.35 -2.13
N ASN A 79 -5.07 -11.71 -1.33
CA ASN A 79 -5.20 -12.67 -0.25
C ASN A 79 -4.20 -12.40 0.88
N PRO A 80 -4.56 -12.72 2.12
CA PRO A 80 -3.74 -12.43 3.28
C PRO A 80 -2.47 -13.26 3.31
N VAL A 81 -2.45 -14.41 2.63
CA VAL A 81 -1.26 -15.26 2.62
C VAL A 81 -0.05 -14.54 2.01
N SER A 82 -0.30 -13.74 0.96
CA SER A 82 0.74 -12.96 0.32
C SER A 82 1.11 -11.76 1.19
N ALA A 83 0.14 -11.25 1.96
CA ALA A 83 0.36 -10.07 2.76
C ALA A 83 1.24 -10.40 3.96
N GLN A 84 0.92 -11.47 4.69
CA GLN A 84 1.68 -11.84 5.87
C GLN A 84 3.11 -12.26 5.50
N ALA A 85 3.30 -12.78 4.29
CA ALA A 85 4.63 -13.10 3.81
C ALA A 85 5.41 -11.80 3.57
N ALA A 86 4.77 -10.82 2.93
CA ALA A 86 5.40 -9.55 2.63
C ALA A 86 5.77 -8.77 3.90
N ILE A 87 5.05 -8.98 5.02
CA ILE A 87 5.44 -8.36 6.28
C ILE A 87 6.78 -8.92 6.72
N GLN A 88 6.89 -10.25 6.76
CA GLN A 88 8.12 -10.90 7.18
C GLN A 88 9.25 -10.66 6.17
N ALA A 89 8.91 -10.13 4.99
CA ALA A 89 9.87 -9.91 3.92
C ALA A 89 10.45 -8.49 3.95
N MET A 90 9.70 -7.51 4.48
CA MET A 90 10.16 -6.12 4.49
C MET A 90 10.27 -5.53 5.88
N ASN A 91 9.64 -6.14 6.90
CA ASN A 91 9.79 -5.69 8.26
C ASN A 91 11.24 -5.90 8.70
N GLY A 92 11.82 -4.89 9.34
CA GLY A 92 13.20 -4.94 9.81
C GLY A 92 14.21 -4.70 8.70
N PHE A 93 13.77 -4.42 7.46
CA PHE A 93 14.66 -4.21 6.34
C PHE A 93 15.48 -2.93 6.54
N GLN A 94 16.81 -3.04 6.58
CA GLN A 94 17.65 -1.87 6.84
C GLN A 94 17.83 -1.02 5.59
N ILE A 95 17.54 0.29 5.73
CA ILE A 95 17.67 1.25 4.64
C ILE A 95 17.86 2.66 5.22
N GLY A 96 18.79 3.44 4.67
CA GLY A 96 18.98 4.81 5.13
C GLY A 96 19.37 4.87 6.60
N MET A 97 20.09 3.86 7.09
CA MET A 97 20.51 3.73 8.48
C MET A 97 19.36 3.58 9.47
N LYS A 98 18.19 3.12 9.01
CA LYS A 98 17.07 2.79 9.87
C LYS A 98 16.33 1.59 9.29
N ARG A 99 15.60 0.83 10.11
CA ARG A 99 14.91 -0.37 9.62
C ARG A 99 13.45 -0.08 9.33
N LEU A 100 12.95 -0.54 8.19
CA LEU A 100 11.56 -0.36 7.81
C LEU A 100 10.63 -1.09 8.77
N LYS A 101 9.60 -0.39 9.25
CA LYS A 101 8.53 -1.00 10.04
C LYS A 101 7.42 -1.41 9.08
N VAL A 102 6.84 -2.60 9.28
CA VAL A 102 5.73 -3.08 8.49
C VAL A 102 4.67 -3.66 9.41
N GLN A 103 3.39 -3.34 9.19
CA GLN A 103 2.33 -3.76 10.08
C GLN A 103 1.00 -3.93 9.34
N LEU A 104 0.06 -4.68 9.93
CA LEU A 104 -1.27 -4.89 9.36
C LEU A 104 -2.13 -3.63 9.58
N LYS A 105 -3.06 -3.36 8.67
CA LYS A 105 -4.02 -2.26 8.83
C LYS A 105 -4.88 -2.53 10.07
N ARG A 106 -5.19 -1.47 10.83
CA ARG A 106 -5.95 -1.62 12.08
C ARG A 106 -7.42 -1.88 11.79
N SER A 107 -8.13 -2.45 12.77
CA SER A 107 -9.56 -2.70 12.66
C SER A 107 -10.33 -1.39 12.59
N LYS A 108 -11.55 -1.42 12.05
CA LYS A 108 -12.37 -0.21 11.97
C LYS A 108 -12.82 0.25 13.35
N ASN A 109 -12.72 -0.61 14.36
CA ASN A 109 -13.02 -0.25 15.74
C ASN A 109 -11.79 0.36 16.41
N ASP A 110 -10.61 0.18 15.82
CA ASP A 110 -9.37 0.73 16.35
C ASP A 110 -9.08 2.15 15.87
N SER A 111 -9.86 2.62 14.88
CA SER A 111 -9.76 3.98 14.38
C SER A 111 -10.66 4.93 15.17
N LYS A 112 -11.64 4.37 15.88
CA LYS A 112 -12.59 5.13 16.68
C LYS A 112 -11.91 5.77 17.89
N PRO A 113 -12.43 6.91 18.37
CA PRO A 113 -11.91 7.61 19.53
C PRO A 113 -12.31 6.90 20.83
N TRP A 114 -13.26 5.97 20.75
CA TRP A 114 -13.76 5.20 21.88
C TRP A 114 -12.74 4.17 22.37
N MET A 1 -14.45 -26.99 -9.49
CA MET A 1 -14.18 -25.90 -10.46
C MET A 1 -13.44 -26.43 -11.68
N GLY A 2 -13.44 -25.66 -12.77
CA GLY A 2 -12.78 -26.05 -14.01
C GLY A 2 -13.58 -27.09 -14.80
N SER A 3 -14.82 -27.36 -14.38
CA SER A 3 -15.69 -28.34 -15.02
C SER A 3 -16.23 -27.85 -16.36
N SER A 4 -15.92 -26.60 -16.73
CA SER A 4 -16.38 -26.01 -17.98
C SER A 4 -15.44 -24.87 -18.39
N HIS A 5 -15.57 -24.41 -19.63
CA HIS A 5 -14.78 -23.30 -20.15
C HIS A 5 -15.16 -21.99 -19.49
N HIS A 6 -14.28 -20.99 -19.60
CA HIS A 6 -14.49 -19.67 -19.01
C HIS A 6 -15.61 -18.92 -19.74
N HIS A 7 -16.12 -17.86 -19.12
CA HIS A 7 -17.18 -17.04 -19.70
C HIS A 7 -16.67 -16.28 -20.93
N HIS A 8 -17.59 -15.88 -21.81
CA HIS A 8 -17.26 -15.17 -23.03
C HIS A 8 -17.03 -13.67 -22.76
N HIS A 9 -17.27 -13.23 -21.53
CA HIS A 9 -17.11 -11.84 -21.13
C HIS A 9 -15.64 -11.46 -20.91
N HIS A 10 -14.71 -12.32 -21.34
CA HIS A 10 -13.28 -12.10 -21.20
C HIS A 10 -12.83 -10.89 -22.05
N SER A 11 -11.59 -10.45 -21.80
CA SER A 11 -10.97 -9.34 -22.53
C SER A 11 -11.81 -8.06 -22.47
N SER A 12 -12.63 -7.91 -21.42
CA SER A 12 -13.47 -6.74 -21.22
C SER A 12 -12.65 -5.50 -20.85
N GLY A 13 -11.36 -5.68 -20.55
CA GLY A 13 -10.48 -4.59 -20.18
C GLY A 13 -10.73 -4.07 -18.77
N LEU A 14 -11.63 -4.72 -18.03
CA LEU A 14 -11.97 -4.34 -16.66
C LEU A 14 -10.76 -4.53 -15.74
N VAL A 15 -10.59 -3.63 -14.77
CA VAL A 15 -9.49 -3.68 -13.81
C VAL A 15 -9.91 -2.93 -12.54
N PRO A 16 -9.51 -3.40 -11.34
CA PRO A 16 -9.87 -2.77 -10.07
C PRO A 16 -9.41 -1.32 -9.94
N ARG A 17 -8.41 -0.91 -10.73
CA ARG A 17 -7.88 0.46 -10.68
C ARG A 17 -7.14 0.78 -11.98
N GLY A 18 -7.11 2.06 -12.35
CA GLY A 18 -6.44 2.51 -13.56
C GLY A 18 -5.94 3.96 -13.41
N SER A 19 -5.86 4.45 -12.17
CA SER A 19 -5.46 5.81 -11.86
C SER A 19 -4.86 5.84 -10.45
N HIS A 20 -4.66 7.03 -9.88
CA HIS A 20 -4.06 7.16 -8.55
C HIS A 20 -5.00 6.63 -7.46
N MET A 21 -6.19 6.19 -7.83
CA MET A 21 -7.14 5.56 -6.92
C MET A 21 -6.60 4.23 -6.40
N GLN A 22 -7.27 3.64 -5.42
CA GLN A 22 -6.85 2.40 -4.79
C GLN A 22 -8.05 1.56 -4.35
N LYS A 23 -7.87 0.24 -4.30
CA LYS A 23 -8.90 -0.71 -3.90
C LYS A 23 -8.25 -1.80 -3.06
N GLU A 24 -8.94 -2.24 -2.01
CA GLU A 24 -8.38 -3.21 -1.07
C GLU A 24 -8.92 -4.62 -1.31
N GLY A 25 -8.12 -5.62 -0.91
CA GLY A 25 -8.49 -7.02 -0.99
C GLY A 25 -9.36 -7.44 0.19
N PRO A 26 -9.37 -8.74 0.52
CA PRO A 26 -10.13 -9.29 1.63
C PRO A 26 -9.52 -8.87 2.96
N GLU A 27 -10.17 -9.24 4.06
CA GLU A 27 -9.69 -8.92 5.40
C GLU A 27 -8.34 -9.60 5.66
N GLY A 28 -7.43 -8.87 6.31
CA GLY A 28 -6.11 -9.39 6.67
C GLY A 28 -5.12 -9.32 5.51
N ALA A 29 -5.56 -8.80 4.35
CA ALA A 29 -4.73 -8.73 3.15
C ALA A 29 -4.15 -7.33 2.92
N ASN A 30 -4.18 -6.45 3.93
CA ASN A 30 -3.75 -5.06 3.78
C ASN A 30 -2.58 -4.75 4.71
N LEU A 31 -1.59 -4.01 4.21
CA LEU A 31 -0.36 -3.76 4.95
C LEU A 31 -0.03 -2.28 5.10
N PHE A 32 0.76 -1.99 6.12
CA PHE A 32 1.35 -0.70 6.41
C PHE A 32 2.88 -0.71 6.36
N ILE A 33 3.47 0.37 5.83
CA ILE A 33 4.91 0.46 5.68
C ILE A 33 5.35 1.83 6.16
N TYR A 34 6.49 1.91 6.85
CA TYR A 34 6.96 3.18 7.40
C TYR A 34 8.48 3.20 7.33
N HIS A 35 9.06 4.34 7.73
CA HIS A 35 10.49 4.63 7.73
C HIS A 35 11.10 4.64 6.32
N LEU A 36 10.27 4.75 5.30
CA LEU A 36 10.73 4.81 3.91
C LEU A 36 11.48 6.11 3.67
N PRO A 37 12.57 6.09 2.89
CA PRO A 37 13.29 7.29 2.49
C PRO A 37 12.46 8.06 1.46
N GLN A 38 12.78 9.34 1.25
CA GLN A 38 12.01 10.19 0.37
C GLN A 38 12.19 9.85 -1.11
N GLU A 39 13.11 8.94 -1.43
CA GLU A 39 13.30 8.49 -2.82
C GLU A 39 12.22 7.49 -3.22
N PHE A 40 11.42 6.99 -2.27
CA PHE A 40 10.29 6.13 -2.55
C PHE A 40 9.08 6.83 -3.16
N GLY A 41 8.23 6.06 -3.84
CA GLY A 41 7.01 6.57 -4.43
C GLY A 41 6.01 5.43 -4.63
N ASP A 42 4.81 5.74 -5.07
CA ASP A 42 3.75 4.75 -5.24
C ASP A 42 4.12 3.59 -6.15
N GLN A 43 4.84 3.89 -7.23
CA GLN A 43 5.32 2.89 -8.17
C GLN A 43 6.51 2.12 -7.60
N ASP A 44 7.34 2.79 -6.80
CA ASP A 44 8.51 2.16 -6.21
C ASP A 44 8.20 1.16 -5.10
N ILE A 45 7.21 1.46 -4.26
CA ILE A 45 6.78 0.54 -3.22
C ILE A 45 5.93 -0.56 -3.86
N LEU A 46 5.31 -0.29 -5.01
CA LEU A 46 4.54 -1.28 -5.74
C LEU A 46 5.47 -2.37 -6.23
N GLN A 47 6.54 -2.01 -6.94
CA GLN A 47 7.47 -2.99 -7.49
C GLN A 47 8.27 -3.69 -6.38
N MET A 48 8.41 -3.04 -5.22
CA MET A 48 9.09 -3.63 -4.08
C MET A 48 8.23 -4.73 -3.47
N PHE A 49 6.90 -4.63 -3.61
CA PHE A 49 5.96 -5.58 -3.03
C PHE A 49 5.34 -6.62 -3.96
N MET A 50 5.53 -6.49 -5.28
CA MET A 50 4.98 -7.45 -6.24
C MET A 50 5.57 -8.86 -6.16
N PRO A 51 6.86 -9.07 -5.82
CA PRO A 51 7.41 -10.42 -5.78
C PRO A 51 6.87 -11.21 -4.59
N PHE A 52 6.14 -10.56 -3.68
CA PHE A 52 5.57 -11.23 -2.51
C PHE A 52 4.18 -11.78 -2.81
N GLY A 53 3.56 -11.37 -3.93
CA GLY A 53 2.25 -11.85 -4.33
C GLY A 53 1.52 -10.82 -5.19
N ASN A 54 0.24 -11.08 -5.47
CA ASN A 54 -0.54 -10.20 -6.33
C ASN A 54 -0.99 -8.96 -5.55
N VAL A 55 -0.31 -7.84 -5.79
CA VAL A 55 -0.64 -6.56 -5.19
C VAL A 55 -1.79 -5.92 -5.97
N ILE A 56 -2.89 -5.59 -5.29
CA ILE A 56 -4.03 -4.94 -5.92
C ILE A 56 -3.75 -3.45 -6.07
N SER A 57 -3.10 -2.85 -5.08
CA SER A 57 -2.81 -1.43 -5.07
C SER A 57 -1.64 -1.12 -4.13
N ALA A 58 -0.97 0.00 -4.37
CA ALA A 58 0.16 0.44 -3.57
C ALA A 58 0.28 1.96 -3.68
N LYS A 59 0.73 2.61 -2.60
CA LYS A 59 0.74 4.06 -2.51
C LYS A 59 1.73 4.53 -1.46
N VAL A 60 2.39 5.66 -1.72
CA VAL A 60 3.26 6.32 -0.74
C VAL A 60 2.61 7.66 -0.39
N PHE A 61 2.66 8.02 0.89
CA PHE A 61 2.04 9.24 1.38
C PHE A 61 2.80 10.54 1.05
N ILE A 62 2.06 11.63 0.84
CA ILE A 62 2.64 12.93 0.49
C ILE A 62 2.02 14.03 1.35
N ASP A 63 2.83 15.02 1.73
CA ASP A 63 2.36 16.18 2.49
C ASP A 63 1.95 17.27 1.50
N LYS A 64 0.77 17.86 1.67
CA LYS A 64 0.29 18.91 0.76
C LYS A 64 0.96 20.25 1.06
N GLN A 65 1.69 20.36 2.18
CA GLN A 65 2.35 21.58 2.59
C GLN A 65 3.76 21.73 2.01
N THR A 66 4.37 20.59 1.63
CA THR A 66 5.74 20.55 1.15
C THR A 66 5.95 19.66 -0.07
N ASN A 67 4.95 18.85 -0.38
CA ASN A 67 4.96 17.90 -1.48
C ASN A 67 6.04 16.82 -1.34
N LEU A 68 6.72 16.79 -0.18
CA LEU A 68 7.69 15.76 0.13
C LEU A 68 6.98 14.52 0.65
N SER A 69 7.66 13.38 0.61
CA SER A 69 7.08 12.13 1.09
C SER A 69 6.95 12.13 2.60
N LYS A 70 5.85 11.57 3.12
CA LYS A 70 5.64 11.42 4.55
C LYS A 70 6.44 10.25 5.11
N CYS A 71 7.33 9.67 4.30
CA CYS A 71 8.23 8.60 4.70
C CYS A 71 7.52 7.31 5.12
N PHE A 72 6.30 7.06 4.63
CA PHE A 72 5.59 5.82 4.95
C PHE A 72 4.60 5.61 3.80
N GLY A 73 4.04 4.41 3.71
CA GLY A 73 3.19 4.00 2.60
C GLY A 73 2.15 2.94 2.97
N PHE A 74 1.38 2.55 1.97
CA PHE A 74 0.29 1.59 2.05
C PHE A 74 0.22 0.63 0.86
N VAL A 75 -0.08 -0.66 1.11
CA VAL A 75 -0.12 -1.70 0.08
C VAL A 75 -1.22 -2.69 0.40
N SER A 76 -1.78 -3.35 -0.63
CA SER A 76 -2.87 -4.29 -0.45
C SER A 76 -2.73 -5.51 -1.37
N TYR A 77 -3.11 -6.69 -0.87
CA TYR A 77 -3.04 -7.94 -1.60
C TYR A 77 -4.38 -8.57 -1.97
N ASP A 78 -4.38 -9.47 -2.96
CA ASP A 78 -5.58 -10.21 -3.32
C ASP A 78 -5.91 -11.33 -2.33
N ASN A 79 -4.94 -11.66 -1.46
CA ASN A 79 -5.12 -12.67 -0.43
C ASN A 79 -4.18 -12.39 0.75
N PRO A 80 -4.57 -12.78 1.97
CA PRO A 80 -3.80 -12.50 3.17
C PRO A 80 -2.50 -13.29 3.24
N VAL A 81 -2.41 -14.42 2.51
CA VAL A 81 -1.21 -15.25 2.56
C VAL A 81 0.00 -14.51 2.00
N SER A 82 -0.20 -13.73 0.93
CA SER A 82 0.87 -12.94 0.33
C SER A 82 1.18 -11.73 1.21
N ALA A 83 0.20 -11.27 2.00
CA ALA A 83 0.39 -10.10 2.84
C ALA A 83 1.28 -10.44 4.04
N GLN A 84 1.01 -11.56 4.71
CA GLN A 84 1.78 -11.94 5.89
C GLN A 84 3.21 -12.29 5.49
N ALA A 85 3.42 -12.81 4.28
CA ALA A 85 4.76 -13.07 3.79
C ALA A 85 5.50 -11.76 3.54
N ALA A 86 4.80 -10.76 3.00
CA ALA A 86 5.40 -9.47 2.70
C ALA A 86 5.78 -8.70 3.95
N ILE A 87 5.09 -8.94 5.08
CA ILE A 87 5.48 -8.32 6.34
C ILE A 87 6.83 -8.86 6.76
N GLN A 88 6.96 -10.19 6.80
CA GLN A 88 8.21 -10.83 7.19
C GLN A 88 9.31 -10.58 6.17
N ALA A 89 8.97 -10.06 5.00
CA ALA A 89 9.92 -9.81 3.93
C ALA A 89 10.50 -8.40 3.97
N MET A 90 9.75 -7.42 4.50
CA MET A 90 10.20 -6.03 4.50
C MET A 90 10.31 -5.43 5.90
N ASN A 91 9.68 -6.05 6.90
CA ASN A 91 9.82 -5.59 8.28
C ASN A 91 11.28 -5.78 8.71
N GLY A 92 11.86 -4.76 9.33
CA GLY A 92 13.24 -4.81 9.80
C GLY A 92 14.25 -4.57 8.68
N PHE A 93 13.80 -4.31 7.45
CA PHE A 93 14.69 -4.09 6.31
C PHE A 93 15.51 -2.81 6.53
N GLN A 94 16.84 -2.92 6.59
CA GLN A 94 17.69 -1.77 6.84
C GLN A 94 17.87 -0.91 5.59
N ILE A 95 17.58 0.38 5.72
CA ILE A 95 17.73 1.34 4.63
C ILE A 95 17.91 2.74 5.20
N GLY A 96 18.86 3.52 4.67
CA GLY A 96 19.05 4.89 5.11
C GLY A 96 19.40 4.97 6.61
N MET A 97 20.10 3.96 7.13
CA MET A 97 20.48 3.85 8.53
C MET A 97 19.28 3.75 9.48
N LYS A 98 18.13 3.27 8.98
CA LYS A 98 16.94 3.00 9.79
C LYS A 98 16.24 1.77 9.23
N ARG A 99 15.53 1.01 10.07
CA ARG A 99 14.86 -0.19 9.61
C ARG A 99 13.41 0.09 9.28
N LEU A 100 12.93 -0.40 8.13
CA LEU A 100 11.54 -0.25 7.73
C LEU A 100 10.62 -0.98 8.70
N LYS A 101 9.63 -0.27 9.25
CA LYS A 101 8.59 -0.90 10.06
C LYS A 101 7.48 -1.33 9.11
N VAL A 102 6.90 -2.51 9.35
CA VAL A 102 5.76 -2.98 8.59
C VAL A 102 4.72 -3.57 9.55
N GLN A 103 3.43 -3.30 9.31
CA GLN A 103 2.39 -3.76 10.21
C GLN A 103 1.08 -4.04 9.45
N LEU A 104 0.22 -4.88 10.03
CA LEU A 104 -1.08 -5.19 9.46
C LEU A 104 -2.04 -4.02 9.66
N LYS A 105 -2.97 -3.80 8.72
CA LYS A 105 -3.99 -2.77 8.84
C LYS A 105 -4.89 -3.03 10.05
N ARG A 106 -5.53 -1.98 10.55
CA ARG A 106 -6.43 -2.03 11.71
C ARG A 106 -7.62 -1.11 11.45
N SER A 107 -8.71 -1.32 12.18
CA SER A 107 -9.88 -0.45 12.10
C SER A 107 -9.52 0.96 12.54
N LYS A 108 -10.23 1.96 12.03
CA LYS A 108 -9.98 3.34 12.40
C LYS A 108 -10.40 3.61 13.85
N ASN A 109 -11.27 2.74 14.40
CA ASN A 109 -11.67 2.82 15.79
C ASN A 109 -10.60 2.18 16.69
N ASP A 110 -9.69 1.40 16.10
CA ASP A 110 -8.62 0.74 16.81
C ASP A 110 -7.26 1.43 16.64
N SER A 111 -7.21 2.47 15.79
CA SER A 111 -6.00 3.23 15.54
C SER A 111 -5.88 4.43 16.48
N LYS A 112 -6.89 4.64 17.33
CA LYS A 112 -6.93 5.75 18.27
C LYS A 112 -7.44 5.30 19.63
N PRO A 113 -7.02 5.96 20.71
CA PRO A 113 -7.48 5.67 22.07
C PRO A 113 -8.91 6.19 22.29
N TRP A 114 -9.39 7.07 21.40
CA TRP A 114 -10.71 7.65 21.48
C TRP A 114 -11.79 6.64 21.10
#